data_6X4P
# 
_entry.id   6X4P 
# 
_audit_conform.dict_name       mmcif_pdbx.dic 
_audit_conform.dict_version    5.380 
_audit_conform.dict_location   http://mmcif.pdb.org/dictionaries/ascii/mmcif_pdbx.dic 
# 
loop_
_database_2.database_id 
_database_2.database_code 
_database_2.pdbx_database_accession 
_database_2.pdbx_DOI 
PDB   6X4P         pdb_00006x4p 10.2210/pdb6x4p/pdb 
WWPDB D_1000249579 ?            ?                   
# 
_pdbx_database_status.status_code                     REL 
_pdbx_database_status.status_code_sf                  REL 
_pdbx_database_status.status_code_mr                  ? 
_pdbx_database_status.entry_id                        6X4P 
_pdbx_database_status.recvd_initial_deposition_date   2020-05-22 
_pdbx_database_status.SG_entry                        N 
_pdbx_database_status.deposit_site                    RCSB 
_pdbx_database_status.process_site                    RCSB 
_pdbx_database_status.status_code_cs                  ? 
_pdbx_database_status.status_code_nmr_data            ? 
_pdbx_database_status.methods_development_category    ? 
_pdbx_database_status.pdb_format_compatible           Y 
# 
loop_
_audit_author.name 
_audit_author.pdbx_ordinal 
_audit_author.identifier_ORCID 
'Appleby, T.C.'  1 ? 
'Paulsen, J.L.'  2 ? 
'Schmitz, U.'    3 ? 
'Shivakumar, D.' 4 ? 
# 
_citation.abstract                  ? 
_citation.abstract_id_CAS           ? 
_citation.book_id_ISBN              ? 
_citation.book_publisher            ? 
_citation.book_publisher_city       ? 
_citation.book_title                ? 
_citation.coordinate_linkage        ? 
_citation.country                   US 
_citation.database_id_Medline       ? 
_citation.details                   ? 
_citation.id                        primary 
_citation.journal_abbrev            J.Chem.Inf.Model. 
_citation.journal_id_ASTM           ? 
_citation.journal_id_CSD            ? 
_citation.journal_id_ISSN           1549-960X 
_citation.journal_full              ? 
_citation.journal_issue             ? 
_citation.journal_volume            60 
_citation.language                  ? 
_citation.page_first                3489 
_citation.page_last                 3498 
_citation.title                     'Evaluation of Free Energy Calculations for the Prioritization of Macrocycle Synthesis.' 
_citation.year                      2020 
_citation.database_id_CSD           ? 
_citation.pdbx_database_id_DOI      10.1021/acs.jcim.0c00132 
_citation.pdbx_database_id_PubMed   32539379 
_citation.unpublished_flag          ? 
# 
loop_
_citation_author.citation_id 
_citation_author.name 
_citation_author.ordinal 
_citation_author.identifier_ORCID 
primary 'Paulsen, J.L.'    1 0000-0003-3169-356X 
primary 'Yu, H.S.'         2 ?                   
primary 'Sindhikara, D.'   3 ?                   
primary 'Wang, L.'         4 0000-0002-8170-6798 
primary 'Appleby, T.'      5 ?                   
primary 'Villasenor, A.G.' 6 ?                   
primary 'Schmitz, U.'      7 ?                   
primary 'Shivakumar, D.'   8 ?                   
# 
_cell.angle_alpha                  90.000 
_cell.angle_alpha_esd              ? 
_cell.angle_beta                   90.000 
_cell.angle_beta_esd               ? 
_cell.angle_gamma                  90.000 
_cell.angle_gamma_esd              ? 
_cell.entry_id                     6X4P 
_cell.details                      ? 
_cell.formula_units_Z              ? 
_cell.length_a                     42.895 
_cell.length_a_esd                 ? 
_cell.length_b                     54.264 
_cell.length_b_esd                 ? 
_cell.length_c                     87.428 
_cell.length_c_esd                 ? 
_cell.volume                       203502.158 
_cell.volume_esd                   ? 
_cell.Z_PDB                        4 
_cell.reciprocal_angle_alpha       ? 
_cell.reciprocal_angle_beta        ? 
_cell.reciprocal_angle_gamma       ? 
_cell.reciprocal_angle_alpha_esd   ? 
_cell.reciprocal_angle_beta_esd    ? 
_cell.reciprocal_angle_gamma_esd   ? 
_cell.reciprocal_length_a          ? 
_cell.reciprocal_length_b          ? 
_cell.reciprocal_length_c          ? 
_cell.reciprocal_length_a_esd      ? 
_cell.reciprocal_length_b_esd      ? 
_cell.reciprocal_length_c_esd      ? 
_cell.pdbx_unique_axis             ? 
# 
_symmetry.entry_id                         6X4P 
_symmetry.cell_setting                     ? 
_symmetry.Int_Tables_number                19 
_symmetry.space_group_name_Hall            'P 2ac 2ab' 
_symmetry.space_group_name_H-M             'P 21 21 21' 
_symmetry.pdbx_full_space_group_name_H-M   ? 
# 
loop_
_entity.id 
_entity.type 
_entity.src_method 
_entity.pdbx_description 
_entity.formula_weight 
_entity.pdbx_number_of_molecules 
_entity.pdbx_ec 
_entity.pdbx_mutation 
_entity.pdbx_fragment 
_entity.details 
1 polymer     man 'Peptidyl-prolyl cis-trans isomerase A' 18231.701 1   5.2.1.8 ? ? ? 
2 non-polymer syn 
;(2R,5S,11S,14S,18E)-2,11,17,17-tetramethyl-14-(propan-2-yl)-15-oxa-3,9,12,26,29-pentaazatetracyclo[18.5.3.1~5,9~.0~23,27~]nonacosa-1(25),18,20(28),21,23,26-hexaene-4,10,13,16-tetrone
;
549.661   1   ?       ? ? ? 
3 water       nat water 18.015    172 ?       ? ? ? 
# 
_entity_name_com.entity_id   1 
_entity_name_com.name        'PPIase A,Cyclophilin A,Cyclosporin A-binding protein,Rotamase A' 
# 
_entity_poly.entity_id                      1 
_entity_poly.type                           'polypeptide(L)' 
_entity_poly.nstd_linkage                   no 
_entity_poly.nstd_monomer                   no 
_entity_poly.pdbx_seq_one_letter_code       
;GHMVNPTVFFDIAVDGEPLGRVSFELFADKVPKTAENFRALSTGEKGFGYKGSCFHRIIPGFMCQGGDFTRHNGTGGKSI
YGEKFEDENFILKHTGPGILSMANAGPNTNGSQFFICTAKTEWLDGKHVVFGKVKEGMNIVEAMERFGSRNGKTSKKITI
ADCGQLE
;
_entity_poly.pdbx_seq_one_letter_code_can   
;GHMVNPTVFFDIAVDGEPLGRVSFELFADKVPKTAENFRALSTGEKGFGYKGSCFHRIIPGFMCQGGDFTRHNGTGGKSI
YGEKFEDENFILKHTGPGILSMANAGPNTNGSQFFICTAKTEWLDGKHVVFGKVKEGMNIVEAMERFGSRNGKTSKKITI
ADCGQLE
;
_entity_poly.pdbx_strand_id                 A 
_entity_poly.pdbx_target_identifier         ? 
# 
loop_
_entity_poly_seq.entity_id 
_entity_poly_seq.num 
_entity_poly_seq.mon_id 
_entity_poly_seq.hetero 
1 1   GLY n 
1 2   HIS n 
1 3   MET n 
1 4   VAL n 
1 5   ASN n 
1 6   PRO n 
1 7   THR n 
1 8   VAL n 
1 9   PHE n 
1 10  PHE n 
1 11  ASP n 
1 12  ILE n 
1 13  ALA n 
1 14  VAL n 
1 15  ASP n 
1 16  GLY n 
1 17  GLU n 
1 18  PRO n 
1 19  LEU n 
1 20  GLY n 
1 21  ARG n 
1 22  VAL n 
1 23  SER n 
1 24  PHE n 
1 25  GLU n 
1 26  LEU n 
1 27  PHE n 
1 28  ALA n 
1 29  ASP n 
1 30  LYS n 
1 31  VAL n 
1 32  PRO n 
1 33  LYS n 
1 34  THR n 
1 35  ALA n 
1 36  GLU n 
1 37  ASN n 
1 38  PHE n 
1 39  ARG n 
1 40  ALA n 
1 41  LEU n 
1 42  SER n 
1 43  THR n 
1 44  GLY n 
1 45  GLU n 
1 46  LYS n 
1 47  GLY n 
1 48  PHE n 
1 49  GLY n 
1 50  TYR n 
1 51  LYS n 
1 52  GLY n 
1 53  SER n 
1 54  CYS n 
1 55  PHE n 
1 56  HIS n 
1 57  ARG n 
1 58  ILE n 
1 59  ILE n 
1 60  PRO n 
1 61  GLY n 
1 62  PHE n 
1 63  MET n 
1 64  CYS n 
1 65  GLN n 
1 66  GLY n 
1 67  GLY n 
1 68  ASP n 
1 69  PHE n 
1 70  THR n 
1 71  ARG n 
1 72  HIS n 
1 73  ASN n 
1 74  GLY n 
1 75  THR n 
1 76  GLY n 
1 77  GLY n 
1 78  LYS n 
1 79  SER n 
1 80  ILE n 
1 81  TYR n 
1 82  GLY n 
1 83  GLU n 
1 84  LYS n 
1 85  PHE n 
1 86  GLU n 
1 87  ASP n 
1 88  GLU n 
1 89  ASN n 
1 90  PHE n 
1 91  ILE n 
1 92  LEU n 
1 93  LYS n 
1 94  HIS n 
1 95  THR n 
1 96  GLY n 
1 97  PRO n 
1 98  GLY n 
1 99  ILE n 
1 100 LEU n 
1 101 SER n 
1 102 MET n 
1 103 ALA n 
1 104 ASN n 
1 105 ALA n 
1 106 GLY n 
1 107 PRO n 
1 108 ASN n 
1 109 THR n 
1 110 ASN n 
1 111 GLY n 
1 112 SER n 
1 113 GLN n 
1 114 PHE n 
1 115 PHE n 
1 116 ILE n 
1 117 CYS n 
1 118 THR n 
1 119 ALA n 
1 120 LYS n 
1 121 THR n 
1 122 GLU n 
1 123 TRP n 
1 124 LEU n 
1 125 ASP n 
1 126 GLY n 
1 127 LYS n 
1 128 HIS n 
1 129 VAL n 
1 130 VAL n 
1 131 PHE n 
1 132 GLY n 
1 133 LYS n 
1 134 VAL n 
1 135 LYS n 
1 136 GLU n 
1 137 GLY n 
1 138 MET n 
1 139 ASN n 
1 140 ILE n 
1 141 VAL n 
1 142 GLU n 
1 143 ALA n 
1 144 MET n 
1 145 GLU n 
1 146 ARG n 
1 147 PHE n 
1 148 GLY n 
1 149 SER n 
1 150 ARG n 
1 151 ASN n 
1 152 GLY n 
1 153 LYS n 
1 154 THR n 
1 155 SER n 
1 156 LYS n 
1 157 LYS n 
1 158 ILE n 
1 159 THR n 
1 160 ILE n 
1 161 ALA n 
1 162 ASP n 
1 163 CYS n 
1 164 GLY n 
1 165 GLN n 
1 166 LEU n 
1 167 GLU n 
# 
_entity_src_gen.entity_id                          1 
_entity_src_gen.pdbx_src_id                        1 
_entity_src_gen.pdbx_alt_source_flag               sample 
_entity_src_gen.pdbx_seq_type                      'Biological sequence' 
_entity_src_gen.pdbx_beg_seq_num                   1 
_entity_src_gen.pdbx_end_seq_num                   167 
_entity_src_gen.gene_src_common_name               Human 
_entity_src_gen.gene_src_genus                     ? 
_entity_src_gen.pdbx_gene_src_gene                 'PPIA, CYPA' 
_entity_src_gen.gene_src_species                   ? 
_entity_src_gen.gene_src_strain                    ? 
_entity_src_gen.gene_src_tissue                    ? 
_entity_src_gen.gene_src_tissue_fraction           ? 
_entity_src_gen.gene_src_details                   ? 
_entity_src_gen.pdbx_gene_src_fragment             ? 
_entity_src_gen.pdbx_gene_src_scientific_name      'Homo sapiens' 
_entity_src_gen.pdbx_gene_src_ncbi_taxonomy_id     9606 
_entity_src_gen.pdbx_gene_src_variant              ? 
_entity_src_gen.pdbx_gene_src_cell_line            ? 
_entity_src_gen.pdbx_gene_src_atcc                 ? 
_entity_src_gen.pdbx_gene_src_organ                ? 
_entity_src_gen.pdbx_gene_src_organelle            ? 
_entity_src_gen.pdbx_gene_src_cell                 ? 
_entity_src_gen.pdbx_gene_src_cellular_location    ? 
_entity_src_gen.host_org_common_name               ? 
_entity_src_gen.pdbx_host_org_scientific_name      'Escherichia coli' 
_entity_src_gen.pdbx_host_org_ncbi_taxonomy_id     562 
_entity_src_gen.host_org_genus                     ? 
_entity_src_gen.pdbx_host_org_gene                 ? 
_entity_src_gen.pdbx_host_org_organ                ? 
_entity_src_gen.host_org_species                   ? 
_entity_src_gen.pdbx_host_org_tissue               ? 
_entity_src_gen.pdbx_host_org_tissue_fraction      ? 
_entity_src_gen.pdbx_host_org_strain               ? 
_entity_src_gen.pdbx_host_org_variant              ? 
_entity_src_gen.pdbx_host_org_cell_line            ? 
_entity_src_gen.pdbx_host_org_atcc                 ? 
_entity_src_gen.pdbx_host_org_culture_collection   ? 
_entity_src_gen.pdbx_host_org_cell                 ? 
_entity_src_gen.pdbx_host_org_organelle            ? 
_entity_src_gen.pdbx_host_org_cellular_location    ? 
_entity_src_gen.pdbx_host_org_vector_type          ? 
_entity_src_gen.pdbx_host_org_vector               ? 
_entity_src_gen.host_org_details                   ? 
_entity_src_gen.expression_system_id               ? 
_entity_src_gen.plasmid_name                       ? 
_entity_src_gen.plasmid_details                    ? 
_entity_src_gen.pdbx_description                   ? 
# 
_struct_ref.id                         1 
_struct_ref.db_name                    UNP 
_struct_ref.db_code                    PPIA_HUMAN 
_struct_ref.pdbx_db_accession          P62937 
_struct_ref.pdbx_db_isoform            ? 
_struct_ref.entity_id                  1 
_struct_ref.pdbx_seq_one_letter_code   
;MVNPTVFFDIAVDGEPLGRVSFELFADKVPKTAENFRALSTGEKGFGYKGSCFHRIIPGFMCQGGDFTRHNGTGGKSIYG
EKFEDENFILKHTGPGILSMANAGPNTNGSQFFICTAKTEWLDGKHVVFGKVKEGMNIVEAMERFGSRNGKTSKKITIAD
CGQLE
;
_struct_ref.pdbx_align_begin           1 
# 
_struct_ref_seq.align_id                      1 
_struct_ref_seq.ref_id                        1 
_struct_ref_seq.pdbx_PDB_id_code              6X4P 
_struct_ref_seq.pdbx_strand_id                A 
_struct_ref_seq.seq_align_beg                 3 
_struct_ref_seq.pdbx_seq_align_beg_ins_code   ? 
_struct_ref_seq.seq_align_end                 167 
_struct_ref_seq.pdbx_seq_align_end_ins_code   ? 
_struct_ref_seq.pdbx_db_accession             P62937 
_struct_ref_seq.db_align_beg                  1 
_struct_ref_seq.pdbx_db_align_beg_ins_code    ? 
_struct_ref_seq.db_align_end                  165 
_struct_ref_seq.pdbx_db_align_end_ins_code    ? 
_struct_ref_seq.pdbx_auth_seq_align_beg       1 
_struct_ref_seq.pdbx_auth_seq_align_end       165 
# 
loop_
_struct_ref_seq_dif.align_id 
_struct_ref_seq_dif.pdbx_pdb_id_code 
_struct_ref_seq_dif.mon_id 
_struct_ref_seq_dif.pdbx_pdb_strand_id 
_struct_ref_seq_dif.seq_num 
_struct_ref_seq_dif.pdbx_pdb_ins_code 
_struct_ref_seq_dif.pdbx_seq_db_name 
_struct_ref_seq_dif.pdbx_seq_db_accession_code 
_struct_ref_seq_dif.db_mon_id 
_struct_ref_seq_dif.pdbx_seq_db_seq_num 
_struct_ref_seq_dif.details 
_struct_ref_seq_dif.pdbx_auth_seq_num 
_struct_ref_seq_dif.pdbx_ordinal 
1 6X4P GLY A 1 ? UNP P62937 ? ? 'expression tag' -1 1 
1 6X4P HIS A 2 ? UNP P62937 ? ? 'expression tag' 0  2 
# 
loop_
_chem_comp.id 
_chem_comp.type 
_chem_comp.mon_nstd_flag 
_chem_comp.name 
_chem_comp.pdbx_synonyms 
_chem_comp.formula 
_chem_comp.formula_weight 
ALA 'L-peptide linking' y ALANINE ? 'C3 H7 N O2'     89.093  
ARG 'L-peptide linking' y ARGININE ? 'C6 H15 N4 O2 1' 175.209 
ASN 'L-peptide linking' y ASPARAGINE ? 'C4 H8 N2 O3'    132.118 
ASP 'L-peptide linking' y 'ASPARTIC ACID' ? 'C4 H7 N O4'     133.103 
CYS 'L-peptide linking' y CYSTEINE ? 'C3 H7 N O2 S'   121.158 
GLN 'L-peptide linking' y GLUTAMINE ? 'C5 H10 N2 O3'   146.144 
GLU 'L-peptide linking' y 'GLUTAMIC ACID' ? 'C5 H9 N O4'     147.129 
GLY 'peptide linking'   y GLYCINE ? 'C2 H5 N O2'     75.067  
HIS 'L-peptide linking' y HISTIDINE ? 'C6 H10 N3 O2 1' 156.162 
HOH non-polymer         . WATER ? 'H2 O'           18.015  
ILE 'L-peptide linking' y ISOLEUCINE ? 'C6 H13 N O2'    131.173 
LEU 'L-peptide linking' y LEUCINE ? 'C6 H13 N O2'    131.173 
LYS 'L-peptide linking' y LYSINE ? 'C6 H15 N2 O2 1' 147.195 
MET 'L-peptide linking' y METHIONINE ? 'C5 H11 N O2 S'  149.211 
PHE 'L-peptide linking' y PHENYLALANINE ? 'C9 H11 N O2'    165.189 
PRO 'L-peptide linking' y PROLINE ? 'C5 H9 N O2'     115.130 
SER 'L-peptide linking' y SERINE ? 'C3 H7 N O3'     105.093 
THR 'L-peptide linking' y THREONINE ? 'C4 H9 N O3'     119.119 
TRP 'L-peptide linking' y TRYPTOPHAN ? 'C11 H12 N2 O2'  204.225 
TYR 'L-peptide linking' y TYROSINE ? 'C9 H11 N O3'    181.189 
UOG non-polymer         . 
;(2R,5S,11S,14S,18E)-2,11,17,17-tetramethyl-14-(propan-2-yl)-15-oxa-3,9,12,26,29-pentaazatetracyclo[18.5.3.1~5,9~.0~23,27~]nonacosa-1(25),18,20(28),21,23,26-hexaene-4,10,13,16-tetrone
;
? 'C30 H39 N5 O5'  549.661 
VAL 'L-peptide linking' y VALINE ? 'C5 H11 N O2'    117.146 
# 
_exptl.absorpt_coefficient_mu     ? 
_exptl.absorpt_correction_T_max   ? 
_exptl.absorpt_correction_T_min   ? 
_exptl.absorpt_correction_type    ? 
_exptl.absorpt_process_details    ? 
_exptl.entry_id                   6X4P 
_exptl.crystals_number            1 
_exptl.details                    ? 
_exptl.method                     'X-RAY DIFFRACTION' 
_exptl.method_details             ? 
# 
_exptl_crystal.colour                      ? 
_exptl_crystal.density_diffrn              ? 
_exptl_crystal.density_Matthews            2.79 
_exptl_crystal.density_method              ? 
_exptl_crystal.density_percent_sol         55.92 
_exptl_crystal.description                 ? 
_exptl_crystal.F_000                       ? 
_exptl_crystal.id                          1 
_exptl_crystal.preparation                 ? 
_exptl_crystal.size_max                    ? 
_exptl_crystal.size_mid                    ? 
_exptl_crystal.size_min                    ? 
_exptl_crystal.size_rad                    ? 
_exptl_crystal.colour_lustre               ? 
_exptl_crystal.colour_modifier             ? 
_exptl_crystal.colour_primary              ? 
_exptl_crystal.density_meas                ? 
_exptl_crystal.density_meas_esd            ? 
_exptl_crystal.density_meas_gt             ? 
_exptl_crystal.density_meas_lt             ? 
_exptl_crystal.density_meas_temp           ? 
_exptl_crystal.density_meas_temp_esd       ? 
_exptl_crystal.density_meas_temp_gt        ? 
_exptl_crystal.density_meas_temp_lt        ? 
_exptl_crystal.pdbx_crystal_image_url      ? 
_exptl_crystal.pdbx_crystal_image_format   ? 
_exptl_crystal.pdbx_mosaicity              ? 
_exptl_crystal.pdbx_mosaicity_esd          ? 
# 
_exptl_crystal_grow.apparatus       ? 
_exptl_crystal_grow.atmosphere      ? 
_exptl_crystal_grow.crystal_id      1 
_exptl_crystal_grow.details         ? 
_exptl_crystal_grow.method          'VAPOR DIFFUSION, HANGING DROP' 
_exptl_crystal_grow.method_ref      ? 
_exptl_crystal_grow.pH              ? 
_exptl_crystal_grow.pressure        ? 
_exptl_crystal_grow.pressure_esd    ? 
_exptl_crystal_grow.seeding         ? 
_exptl_crystal_grow.seeding_ref     ? 
_exptl_crystal_grow.temp            277 
_exptl_crystal_grow.temp_details    ? 
_exptl_crystal_grow.temp_esd        ? 
_exptl_crystal_grow.time            ? 
_exptl_crystal_grow.pdbx_details    '20 mM Tris-HCl, pH 8.5, 2 mM DTT, 2 mM EDTA, 20-35% PEG3350, 5% ethanol' 
_exptl_crystal_grow.pdbx_pH_range   ? 
# 
_diffrn.ambient_environment              ? 
_diffrn.ambient_temp                     100 
_diffrn.ambient_temp_details             ? 
_diffrn.ambient_temp_esd                 ? 
_diffrn.crystal_id                       1 
_diffrn.crystal_support                  ? 
_diffrn.crystal_treatment                ? 
_diffrn.details                          ? 
_diffrn.id                               1 
_diffrn.ambient_pressure                 ? 
_diffrn.ambient_pressure_esd             ? 
_diffrn.ambient_pressure_gt              ? 
_diffrn.ambient_pressure_lt              ? 
_diffrn.ambient_temp_gt                  ? 
_diffrn.ambient_temp_lt                  ? 
_diffrn.pdbx_serial_crystal_experiment   N 
# 
_diffrn_detector.details                      ? 
_diffrn_detector.detector                     CCD 
_diffrn_detector.diffrn_id                    1 
_diffrn_detector.type                         'ADSC QUANTUM 315r' 
_diffrn_detector.area_resol_mean              ? 
_diffrn_detector.dtime                        ? 
_diffrn_detector.pdbx_frames_total            ? 
_diffrn_detector.pdbx_collection_time_total   ? 
_diffrn_detector.pdbx_collection_date         2012-11-15 
_diffrn_detector.pdbx_frequency               ? 
# 
_diffrn_radiation.collimation                      ? 
_diffrn_radiation.diffrn_id                        1 
_diffrn_radiation.filter_edge                      ? 
_diffrn_radiation.inhomogeneity                    ? 
_diffrn_radiation.monochromator                    'Si(111)' 
_diffrn_radiation.polarisn_norm                    ? 
_diffrn_radiation.polarisn_ratio                   ? 
_diffrn_radiation.probe                            ? 
_diffrn_radiation.type                             ? 
_diffrn_radiation.xray_symbol                      ? 
_diffrn_radiation.wavelength_id                    1 
_diffrn_radiation.pdbx_monochromatic_or_laue_m_l   M 
_diffrn_radiation.pdbx_wavelength_list             ? 
_diffrn_radiation.pdbx_wavelength                  ? 
_diffrn_radiation.pdbx_diffrn_protocol             'SINGLE WAVELENGTH' 
_diffrn_radiation.pdbx_analyzer                    ? 
_diffrn_radiation.pdbx_scattering_type             x-ray 
# 
_diffrn_radiation_wavelength.id           1 
_diffrn_radiation_wavelength.wavelength   0.976 
_diffrn_radiation_wavelength.wt           1.0 
# 
_diffrn_source.current                     ? 
_diffrn_source.details                     ? 
_diffrn_source.diffrn_id                   1 
_diffrn_source.power                       ? 
_diffrn_source.size                        ? 
_diffrn_source.source                      SYNCHROTRON 
_diffrn_source.target                      ? 
_diffrn_source.type                        'ALS BEAMLINE 5.0.2' 
_diffrn_source.voltage                     ? 
_diffrn_source.take-off_angle              ? 
_diffrn_source.pdbx_wavelength_list        0.976 
_diffrn_source.pdbx_wavelength             ? 
_diffrn_source.pdbx_synchrotron_beamline   5.0.2 
_diffrn_source.pdbx_synchrotron_site       ALS 
# 
_reflns.B_iso_Wilson_estimate            15.49 
_reflns.entry_id                         6X4P 
_reflns.data_reduction_details           ? 
_reflns.data_reduction_method            ? 
_reflns.d_resolution_high                1.5 
_reflns.d_resolution_low                 34.04 
_reflns.details                          ? 
_reflns.limit_h_max                      ? 
_reflns.limit_h_min                      ? 
_reflns.limit_k_max                      ? 
_reflns.limit_k_min                      ? 
_reflns.limit_l_max                      ? 
_reflns.limit_l_min                      ? 
_reflns.number_all                       ? 
_reflns.number_obs                       33123 
_reflns.observed_criterion               ? 
_reflns.observed_criterion_F_max         ? 
_reflns.observed_criterion_F_min         ? 
_reflns.observed_criterion_I_max         ? 
_reflns.observed_criterion_I_min         ? 
_reflns.observed_criterion_sigma_F       ? 
_reflns.observed_criterion_sigma_I       ? 
_reflns.percent_possible_obs             99.9 
_reflns.R_free_details                   ? 
_reflns.Rmerge_F_all                     ? 
_reflns.Rmerge_F_obs                     ? 
_reflns.Friedel_coverage                 ? 
_reflns.number_gt                        ? 
_reflns.threshold_expression             ? 
_reflns.pdbx_redundancy                  4.7 
_reflns.pdbx_Rmerge_I_obs                ? 
_reflns.pdbx_Rmerge_I_all                ? 
_reflns.pdbx_Rsym_value                  0.047 
_reflns.pdbx_netI_over_av_sigmaI         ? 
_reflns.pdbx_netI_over_sigmaI            35.26 
_reflns.pdbx_res_netI_over_av_sigmaI_2   ? 
_reflns.pdbx_res_netI_over_sigmaI_2      ? 
_reflns.pdbx_chi_squared                 ? 
_reflns.pdbx_scaling_rejects             ? 
_reflns.pdbx_d_res_high_opt              ? 
_reflns.pdbx_d_res_low_opt               ? 
_reflns.pdbx_d_res_opt_method            ? 
_reflns.phase_calculation_details        ? 
_reflns.pdbx_Rrim_I_all                  ? 
_reflns.pdbx_Rpim_I_all                  ? 
_reflns.pdbx_d_opt                       ? 
_reflns.pdbx_number_measured_all         ? 
_reflns.pdbx_diffrn_id                   1 
_reflns.pdbx_ordinal                     1 
_reflns.pdbx_CC_half                     ? 
_reflns.pdbx_CC_star                     ? 
_reflns.pdbx_R_split                     ? 
# 
_reflns_shell.d_res_high                  1.5 
_reflns_shell.d_res_low                   1.54 
_reflns_shell.meanI_over_sigI_all         ? 
_reflns_shell.meanI_over_sigI_obs         ? 
_reflns_shell.number_measured_all         ? 
_reflns_shell.number_measured_obs         ? 
_reflns_shell.number_possible             ? 
_reflns_shell.number_unique_all           ? 
_reflns_shell.number_unique_obs           2313 
_reflns_shell.percent_possible_all        ? 
_reflns_shell.percent_possible_obs        ? 
_reflns_shell.Rmerge_F_all                ? 
_reflns_shell.Rmerge_F_obs                ? 
_reflns_shell.Rmerge_I_all                ? 
_reflns_shell.Rmerge_I_obs                ? 
_reflns_shell.meanI_over_sigI_gt          ? 
_reflns_shell.meanI_over_uI_all           ? 
_reflns_shell.meanI_over_uI_gt            ? 
_reflns_shell.number_measured_gt          ? 
_reflns_shell.number_unique_gt            ? 
_reflns_shell.percent_possible_gt         ? 
_reflns_shell.Rmerge_F_gt                 ? 
_reflns_shell.Rmerge_I_gt                 ? 
_reflns_shell.pdbx_redundancy             ? 
_reflns_shell.pdbx_Rsym_value             0.439 
_reflns_shell.pdbx_chi_squared            ? 
_reflns_shell.pdbx_netI_over_sigmaI_all   ? 
_reflns_shell.pdbx_netI_over_sigmaI_obs   ? 
_reflns_shell.pdbx_Rrim_I_all             ? 
_reflns_shell.pdbx_Rpim_I_all             ? 
_reflns_shell.pdbx_rejects                ? 
_reflns_shell.pdbx_ordinal                1 
_reflns_shell.pdbx_diffrn_id              1 
_reflns_shell.pdbx_CC_half                ? 
_reflns_shell.pdbx_CC_star                ? 
_reflns_shell.pdbx_R_split                ? 
# 
_refine.aniso_B[1][1]                            ? 
_refine.aniso_B[1][2]                            ? 
_refine.aniso_B[1][3]                            ? 
_refine.aniso_B[2][2]                            ? 
_refine.aniso_B[2][3]                            ? 
_refine.aniso_B[3][3]                            ? 
_refine.B_iso_max                                ? 
_refine.B_iso_mean                               18.02 
_refine.B_iso_min                                ? 
_refine.correlation_coeff_Fo_to_Fc               ? 
_refine.correlation_coeff_Fo_to_Fc_free          ? 
_refine.details                                  ? 
_refine.diff_density_max                         ? 
_refine.diff_density_max_esd                     ? 
_refine.diff_density_min                         ? 
_refine.diff_density_min_esd                     ? 
_refine.diff_density_rms                         ? 
_refine.diff_density_rms_esd                     ? 
_refine.entry_id                                 6X4P 
_refine.pdbx_refine_id                           'X-RAY DIFFRACTION' 
_refine.ls_abs_structure_details                 ? 
_refine.ls_abs_structure_Flack                   ? 
_refine.ls_abs_structure_Flack_esd               ? 
_refine.ls_abs_structure_Rogers                  ? 
_refine.ls_abs_structure_Rogers_esd              ? 
_refine.ls_d_res_high                            1.50 
_refine.ls_d_res_low                             34.04 
_refine.ls_extinction_coef                       ? 
_refine.ls_extinction_coef_esd                   ? 
_refine.ls_extinction_expression                 ? 
_refine.ls_extinction_method                     ? 
_refine.ls_goodness_of_fit_all                   ? 
_refine.ls_goodness_of_fit_all_esd               ? 
_refine.ls_goodness_of_fit_obs                   ? 
_refine.ls_goodness_of_fit_obs_esd               ? 
_refine.ls_hydrogen_treatment                    ? 
_refine.ls_matrix_type                           ? 
_refine.ls_number_constraints                    ? 
_refine.ls_number_parameters                     ? 
_refine.ls_number_reflns_all                     ? 
_refine.ls_number_reflns_obs                     33064 
_refine.ls_number_reflns_R_free                  2000 
_refine.ls_number_reflns_R_work                  31064 
_refine.ls_number_restraints                     ? 
_refine.ls_percent_reflns_obs                    99.64 
_refine.ls_percent_reflns_R_free                 6.05 
_refine.ls_R_factor_all                          ? 
_refine.ls_R_factor_obs                          0.1617 
_refine.ls_R_factor_R_free                       0.1775 
_refine.ls_R_factor_R_free_error                 ? 
_refine.ls_R_factor_R_free_error_details         ? 
_refine.ls_R_factor_R_work                       0.1607 
_refine.ls_R_Fsqd_factor_obs                     ? 
_refine.ls_R_I_factor_obs                        ? 
_refine.ls_redundancy_reflns_all                 ? 
_refine.ls_redundancy_reflns_obs                 ? 
_refine.ls_restrained_S_all                      ? 
_refine.ls_restrained_S_obs                      ? 
_refine.ls_shift_over_esd_max                    ? 
_refine.ls_shift_over_esd_mean                   ? 
_refine.ls_structure_factor_coef                 ? 
_refine.ls_weighting_details                     ? 
_refine.ls_weighting_scheme                      ? 
_refine.ls_wR_factor_all                         ? 
_refine.ls_wR_factor_obs                         ? 
_refine.ls_wR_factor_R_free                      ? 
_refine.ls_wR_factor_R_work                      ? 
_refine.occupancy_max                            ? 
_refine.occupancy_min                            ? 
_refine.solvent_model_details                    'FLAT BULK SOLVENT MODEL' 
_refine.solvent_model_param_bsol                 ? 
_refine.solvent_model_param_ksol                 ? 
_refine.pdbx_R_complete                          ? 
_refine.ls_R_factor_gt                           ? 
_refine.ls_goodness_of_fit_gt                    ? 
_refine.ls_goodness_of_fit_ref                   ? 
_refine.ls_shift_over_su_max                     ? 
_refine.ls_shift_over_su_max_lt                  ? 
_refine.ls_shift_over_su_mean                    ? 
_refine.ls_shift_over_su_mean_lt                 ? 
_refine.pdbx_ls_sigma_I                          ? 
_refine.pdbx_ls_sigma_F                          1.36 
_refine.pdbx_ls_sigma_Fsqd                       ? 
_refine.pdbx_data_cutoff_high_absF               ? 
_refine.pdbx_data_cutoff_high_rms_absF           ? 
_refine.pdbx_data_cutoff_low_absF                ? 
_refine.pdbx_isotropic_thermal_model             ? 
_refine.pdbx_ls_cross_valid_method               'FREE R-VALUE' 
_refine.pdbx_method_to_determine_struct          'MOLECULAR REPLACEMENT' 
_refine.pdbx_starting_model                      'PDB entry 2CPL' 
_refine.pdbx_stereochemistry_target_values       'GeoStd + Monomer Library + CDL v1.2' 
_refine.pdbx_R_Free_selection_details            ? 
_refine.pdbx_stereochem_target_val_spec_case     ? 
_refine.pdbx_overall_ESU_R                       ? 
_refine.pdbx_overall_ESU_R_Free                  ? 
_refine.pdbx_solvent_vdw_probe_radii             1.1100 
_refine.pdbx_solvent_ion_probe_radii             ? 
_refine.pdbx_solvent_shrinkage_radii             0.9000 
_refine.pdbx_real_space_R                        ? 
_refine.pdbx_density_correlation                 ? 
_refine.pdbx_pd_number_of_powder_patterns        ? 
_refine.pdbx_pd_number_of_points                 ? 
_refine.pdbx_pd_meas_number_of_points            ? 
_refine.pdbx_pd_proc_ls_prof_R_factor            ? 
_refine.pdbx_pd_proc_ls_prof_wR_factor           ? 
_refine.pdbx_pd_Marquardt_correlation_coeff      ? 
_refine.pdbx_pd_Fsqrd_R_factor                   ? 
_refine.pdbx_pd_ls_matrix_band_width             ? 
_refine.pdbx_overall_phase_error                 15.1169 
_refine.pdbx_overall_SU_R_free_Cruickshank_DPI   ? 
_refine.pdbx_overall_SU_R_free_Blow_DPI          ? 
_refine.pdbx_overall_SU_R_Blow_DPI               ? 
_refine.pdbx_TLS_residual_ADP_flag               ? 
_refine.pdbx_diffrn_id                           1 
_refine.overall_SU_B                             ? 
_refine.overall_SU_ML                            0.1214 
_refine.overall_SU_R_Cruickshank_DPI             ? 
_refine.overall_SU_R_free                        ? 
_refine.overall_FOM_free_R_set                   ? 
_refine.overall_FOM_work_R_set                   ? 
_refine.pdbx_average_fsc_overall                 ? 
_refine.pdbx_average_fsc_work                    ? 
_refine.pdbx_average_fsc_free                    ? 
# 
_refine_hist.pdbx_refine_id                   'X-RAY DIFFRACTION' 
_refine_hist.cycle_id                         LAST 
_refine_hist.details                          ? 
_refine_hist.d_res_high                       1.50 
_refine_hist.d_res_low                        34.04 
_refine_hist.number_atoms_solvent             172 
_refine_hist.number_atoms_total               1471 
_refine_hist.number_reflns_all                ? 
_refine_hist.number_reflns_obs                ? 
_refine_hist.number_reflns_R_free             ? 
_refine_hist.number_reflns_R_work             ? 
_refine_hist.R_factor_all                     ? 
_refine_hist.R_factor_obs                     ? 
_refine_hist.R_factor_R_free                  ? 
_refine_hist.R_factor_R_work                  ? 
_refine_hist.pdbx_number_residues_total       ? 
_refine_hist.pdbx_B_iso_mean_ligand           ? 
_refine_hist.pdbx_B_iso_mean_solvent          ? 
_refine_hist.pdbx_number_atoms_protein        1259 
_refine_hist.pdbx_number_atoms_nucleic_acid   0 
_refine_hist.pdbx_number_atoms_ligand         40 
_refine_hist.pdbx_number_atoms_lipid          ? 
_refine_hist.pdbx_number_atoms_carb           ? 
_refine_hist.pdbx_pseudo_atom_details         ? 
# 
loop_
_refine_ls_restr.pdbx_refine_id 
_refine_ls_restr.criterion 
_refine_ls_restr.dev_ideal 
_refine_ls_restr.dev_ideal_target 
_refine_ls_restr.number 
_refine_ls_restr.rejects 
_refine_ls_restr.type 
_refine_ls_restr.weight 
_refine_ls_restr.pdbx_restraint_function 
'X-RAY DIFFRACTION' ? 0.0104 ? 1330 ? f_bond_d           ? ? 
'X-RAY DIFFRACTION' ? 1.1350 ? 1790 ? f_angle_d          ? ? 
'X-RAY DIFFRACTION' ? 0.0759 ? 183  ? f_chiral_restr     ? ? 
'X-RAY DIFFRACTION' ? 0.0078 ? 235  ? f_plane_restr      ? ? 
'X-RAY DIFFRACTION' ? 9.4004 ? 185  ? f_dihedral_angle_d ? ? 
# 
loop_
_refine_ls_shell.pdbx_refine_id 
_refine_ls_shell.d_res_high 
_refine_ls_shell.d_res_low 
_refine_ls_shell.number_reflns_all 
_refine_ls_shell.number_reflns_obs 
_refine_ls_shell.number_reflns_R_free 
_refine_ls_shell.number_reflns_R_work 
_refine_ls_shell.percent_reflns_obs 
_refine_ls_shell.percent_reflns_R_free 
_refine_ls_shell.R_factor_all 
_refine_ls_shell.R_factor_obs 
_refine_ls_shell.R_factor_R_free 
_refine_ls_shell.R_factor_R_free_error 
_refine_ls_shell.R_factor_R_work 
_refine_ls_shell.redundancy_reflns_all 
_refine_ls_shell.redundancy_reflns_obs 
_refine_ls_shell.wR_factor_all 
_refine_ls_shell.wR_factor_obs 
_refine_ls_shell.wR_factor_R_free 
_refine_ls_shell.wR_factor_R_work 
_refine_ls_shell.pdbx_R_complete 
_refine_ls_shell.pdbx_total_number_of_bins_used 
_refine_ls_shell.pdbx_phase_error 
_refine_ls_shell.pdbx_fsc_work 
_refine_ls_shell.pdbx_fsc_free 
'X-RAY DIFFRACTION' 1.50 1.54  . . 136 2105 95.57  . . . 0.1699 . 0.1808 . . . . . . . . . . . 
'X-RAY DIFFRACTION' 1.54 1.58  . . 140 2170 99.96  . . . 0.1925 . 0.1618 . . . . . . . . . . . 
'X-RAY DIFFRACTION' 1.58 1.63  . . 139 2176 100.00 . . . 0.1923 . 0.1559 . . . . . . . . . . . 
'X-RAY DIFFRACTION' 1.63 1.68  . . 143 2215 100.00 . . . 0.1598 . 0.1436 . . . . . . . . . . . 
'X-RAY DIFFRACTION' 1.68 1.74  . . 142 2204 100.00 . . . 0.1776 . 0.1534 . . . . . . . . . . . 
'X-RAY DIFFRACTION' 1.74 1.81  . . 141 2200 100.00 . . . 0.1856 . 0.1538 . . . . . . . . . . . 
'X-RAY DIFFRACTION' 1.81 1.89  . . 141 2181 99.96  . . . 0.1638 . 0.1584 . . . . . . . . . . . 
'X-RAY DIFFRACTION' 1.89 1.99  . . 143 2231 99.92  . . . 0.1800 . 0.1594 . . . . . . . . . . . 
'X-RAY DIFFRACTION' 1.99 2.12  . . 143 2202 100.00 . . . 0.1832 . 0.1576 . . . . . . . . . . . 
'X-RAY DIFFRACTION' 2.12 2.28  . . 143 2236 100.00 . . . 0.2076 . 0.1625 . . . . . . . . . . . 
'X-RAY DIFFRACTION' 2.28 2.51  . . 144 2226 100.00 . . . 0.1776 . 0.1658 . . . . . . . . . . . 
'X-RAY DIFFRACTION' 2.51 2.88  . . 145 2258 100.00 . . . 0.1804 . 0.1776 . . . . . . . . . . . 
'X-RAY DIFFRACTION' 2.88 3.62  . . 147 2285 99.92  . . . 0.2096 . 0.1770 . . . . . . . . . . . 
'X-RAY DIFFRACTION' 3.62 34.04 . . 153 2375 99.72  . . . 0.1420 . 0.1424 . . . . . . . . . . . 
# 
_struct.entry_id                     6X4P 
_struct.title                        
;Human cyclophilin A bound to a series of acylcic and macrocyclic inhibitors: (2R,5S,11S,14S,18E)-2,11,17,17-tetramethyl-14-(propan-2-yl)-15-oxa-3,9,12,26,29-pentaazatetracyclo[18.5.3.1~5,9~.0~23,27~]nonacosa-1(25),18,20(28),21,23,26-hexaene-4,10,13,16-tetrone (compound 28)
;
_struct.pdbx_model_details           ? 
_struct.pdbx_formula_weight          ? 
_struct.pdbx_formula_weight_method   ? 
_struct.pdbx_model_type_details      ? 
_struct.pdbx_CASP_flag               N 
# 
_struct_keywords.entry_id        6X4P 
_struct_keywords.text            
'Cyclophilin A, Sanglifehrin A, prolyl isomerase, macrocylcic inhibitor, peptidomimetic, ISOMERASE-ISOMERASE INHIBITOR complex' 
_struct_keywords.pdbx_keywords   'ISOMERASE/ISOMERASE INHIBITOR' 
# 
loop_
_struct_asym.id 
_struct_asym.pdbx_blank_PDB_chainid_flag 
_struct_asym.pdbx_modified 
_struct_asym.entity_id 
_struct_asym.details 
A N N 1 ? 
B N N 2 ? 
C N N 3 ? 
# 
loop_
_struct_conf.conf_type_id 
_struct_conf.id 
_struct_conf.pdbx_PDB_helix_id 
_struct_conf.beg_label_comp_id 
_struct_conf.beg_label_asym_id 
_struct_conf.beg_label_seq_id 
_struct_conf.pdbx_beg_PDB_ins_code 
_struct_conf.end_label_comp_id 
_struct_conf.end_label_asym_id 
_struct_conf.end_label_seq_id 
_struct_conf.pdbx_end_PDB_ins_code 
_struct_conf.beg_auth_comp_id 
_struct_conf.beg_auth_asym_id 
_struct_conf.beg_auth_seq_id 
_struct_conf.end_auth_comp_id 
_struct_conf.end_auth_asym_id 
_struct_conf.end_auth_seq_id 
_struct_conf.pdbx_PDB_helix_class 
_struct_conf.details 
_struct_conf.pdbx_PDB_helix_length 
HELX_P HELX_P1 AA1 VAL A 31  ? GLY A 44  ? VAL A 29  GLY A 42  1 ? 14 
HELX_P HELX_P2 AA2 THR A 121 ? ASP A 125 ? THR A 119 ASP A 123 5 ? 5  
HELX_P HELX_P3 AA3 GLY A 137 ? ARG A 146 ? GLY A 135 ARG A 144 1 ? 10 
# 
_struct_conf_type.id          HELX_P 
_struct_conf_type.criteria    ? 
_struct_conf_type.reference   ? 
# 
_struct_sheet.id               AA1 
_struct_sheet.type             ? 
_struct_sheet.number_strands   8 
_struct_sheet.details          ? 
# 
loop_
_struct_sheet_order.sheet_id 
_struct_sheet_order.range_id_1 
_struct_sheet_order.range_id_2 
_struct_sheet_order.offset 
_struct_sheet_order.sense 
AA1 1 2 ? anti-parallel 
AA1 2 3 ? anti-parallel 
AA1 3 4 ? anti-parallel 
AA1 4 5 ? anti-parallel 
AA1 5 6 ? anti-parallel 
AA1 6 7 ? anti-parallel 
AA1 7 8 ? anti-parallel 
# 
loop_
_struct_sheet_range.sheet_id 
_struct_sheet_range.id 
_struct_sheet_range.beg_label_comp_id 
_struct_sheet_range.beg_label_asym_id 
_struct_sheet_range.beg_label_seq_id 
_struct_sheet_range.pdbx_beg_PDB_ins_code 
_struct_sheet_range.end_label_comp_id 
_struct_sheet_range.end_label_asym_id 
_struct_sheet_range.end_label_seq_id 
_struct_sheet_range.pdbx_end_PDB_ins_code 
_struct_sheet_range.beg_auth_comp_id 
_struct_sheet_range.beg_auth_asym_id 
_struct_sheet_range.beg_auth_seq_id 
_struct_sheet_range.end_auth_comp_id 
_struct_sheet_range.end_auth_asym_id 
_struct_sheet_range.end_auth_seq_id 
AA1 1 PHE A 55  ? ILE A 59  ? PHE A 53  ILE A 57  
AA1 2 MET A 63  ? GLY A 66  ? MET A 61  GLY A 64  
AA1 3 PHE A 114 ? CYS A 117 ? PHE A 112 CYS A 115 
AA1 4 ILE A 99  ? MET A 102 ? ILE A 97  MET A 100 
AA1 5 VAL A 130 ? GLU A 136 ? VAL A 128 GLU A 134 
AA1 6 GLU A 17  ? LEU A 26  ? GLU A 15  LEU A 24  
AA1 7 THR A 7   ? VAL A 14  ? THR A 5   VAL A 12  
AA1 8 ILE A 158 ? GLN A 165 ? ILE A 156 GLN A 163 
# 
loop_
_pdbx_struct_sheet_hbond.sheet_id 
_pdbx_struct_sheet_hbond.range_id_1 
_pdbx_struct_sheet_hbond.range_id_2 
_pdbx_struct_sheet_hbond.range_1_label_atom_id 
_pdbx_struct_sheet_hbond.range_1_label_comp_id 
_pdbx_struct_sheet_hbond.range_1_label_asym_id 
_pdbx_struct_sheet_hbond.range_1_label_seq_id 
_pdbx_struct_sheet_hbond.range_1_PDB_ins_code 
_pdbx_struct_sheet_hbond.range_1_auth_atom_id 
_pdbx_struct_sheet_hbond.range_1_auth_comp_id 
_pdbx_struct_sheet_hbond.range_1_auth_asym_id 
_pdbx_struct_sheet_hbond.range_1_auth_seq_id 
_pdbx_struct_sheet_hbond.range_2_label_atom_id 
_pdbx_struct_sheet_hbond.range_2_label_comp_id 
_pdbx_struct_sheet_hbond.range_2_label_asym_id 
_pdbx_struct_sheet_hbond.range_2_label_seq_id 
_pdbx_struct_sheet_hbond.range_2_PDB_ins_code 
_pdbx_struct_sheet_hbond.range_2_auth_atom_id 
_pdbx_struct_sheet_hbond.range_2_auth_comp_id 
_pdbx_struct_sheet_hbond.range_2_auth_asym_id 
_pdbx_struct_sheet_hbond.range_2_auth_seq_id 
AA1 1 2 N ARG A 57  ? N ARG A 55  O GLN A 65  ? O GLN A 63  
AA1 2 3 N CYS A 64  ? N CYS A 62  O ILE A 116 ? O ILE A 114 
AA1 3 4 O CYS A 117 ? O CYS A 115 N ILE A 99  ? N ILE A 97  
AA1 4 5 N LEU A 100 ? N LEU A 98  O GLY A 132 ? O GLY A 130 
AA1 5 6 O GLU A 136 ? O GLU A 134 N SER A 23  ? N SER A 21  
AA1 6 7 O GLY A 20  ? O GLY A 18  N ILE A 12  ? N ILE A 10  
AA1 7 8 N ASP A 11  ? N ASP A 9   O ASP A 162 ? O ASP A 160 
# 
_struct_site.id                   AC1 
_struct_site.pdbx_evidence_code   Software 
_struct_site.pdbx_auth_asym_id    A 
_struct_site.pdbx_auth_comp_id    UOG 
_struct_site.pdbx_auth_seq_id     400 
_struct_site.pdbx_auth_ins_code   ? 
_struct_site.pdbx_num_residues    15 
_struct_site.details              'binding site for residue UOG A 400' 
# 
loop_
_struct_site_gen.id 
_struct_site_gen.site_id 
_struct_site_gen.pdbx_num_res 
_struct_site_gen.label_comp_id 
_struct_site_gen.label_asym_id 
_struct_site_gen.label_seq_id 
_struct_site_gen.pdbx_auth_ins_code 
_struct_site_gen.auth_comp_id 
_struct_site_gen.auth_asym_id 
_struct_site_gen.auth_seq_id 
_struct_site_gen.label_atom_id 
_struct_site_gen.label_alt_id 
_struct_site_gen.symmetry 
_struct_site_gen.details 
1  AC1 15 ARG A 57  ? ARG A 55  . ? 1_555 ? 
2  AC1 15 MET A 63  ? MET A 61  . ? 1_555 ? 
3  AC1 15 GLN A 65  ? GLN A 63  . ? 1_555 ? 
4  AC1 15 GLY A 74  ? GLY A 72  . ? 1_555 ? 
5  AC1 15 ASP A 87  ? ASP A 85  . ? 4_555 ? 
6  AC1 15 PHE A 90  ? PHE A 88  . ? 4_555 ? 
7  AC1 15 ALA A 103 ? ALA A 101 . ? 1_555 ? 
8  AC1 15 ASN A 104 ? ASN A 102 . ? 1_555 ? 
9  AC1 15 ALA A 105 ? ALA A 103 . ? 1_555 ? 
10 AC1 15 GLN A 113 ? GLN A 111 . ? 1_555 ? 
11 AC1 15 PHE A 115 ? PHE A 113 . ? 1_555 ? 
12 AC1 15 HIS A 128 ? HIS A 126 . ? 1_555 ? 
13 AC1 15 HOH C .   ? HOH A 503 . ? 1_555 ? 
14 AC1 15 HOH C .   ? HOH A 510 . ? 1_555 ? 
15 AC1 15 HOH C .   ? HOH A 585 . ? 1_555 ? 
# 
_atom_sites.entry_id                    6X4P 
_atom_sites.Cartn_transf_matrix[1][1]   ? 
_atom_sites.Cartn_transf_matrix[1][2]   ? 
_atom_sites.Cartn_transf_matrix[1][3]   ? 
_atom_sites.Cartn_transf_matrix[2][1]   ? 
_atom_sites.Cartn_transf_matrix[2][2]   ? 
_atom_sites.Cartn_transf_matrix[2][3]   ? 
_atom_sites.Cartn_transf_matrix[3][1]   ? 
_atom_sites.Cartn_transf_matrix[3][2]   ? 
_atom_sites.Cartn_transf_matrix[3][3]   ? 
_atom_sites.Cartn_transf_vector[1]      ? 
_atom_sites.Cartn_transf_vector[2]      ? 
_atom_sites.Cartn_transf_vector[3]      ? 
_atom_sites.fract_transf_matrix[1][1]   -0.02059870 
_atom_sites.fract_transf_matrix[1][2]   0.01082164 
_atom_sites.fract_transf_matrix[1][3]   -0.00144282 
_atom_sites.fract_transf_matrix[2][1]   -0.00527806 
_atom_sites.fract_transf_matrix[2][2]   -0.00794439 
_atom_sites.fract_transf_matrix[2][3]   0.01576768 
_atom_sites.fract_transf_matrix[3][1]   0.00423774 
_atom_sites.fract_transf_matrix[3][2]   0.00885007 
_atom_sites.fract_transf_matrix[3][3]   0.00587756 
_atom_sites.fract_transf_vector[1]      -0.089312 
_atom_sites.fract_transf_vector[2]      0.177301 
_atom_sites.fract_transf_vector[3]      -0.157391 
_atom_sites.solution_primary            ? 
_atom_sites.solution_secondary          ? 
_atom_sites.solution_hydrogens          ? 
_atom_sites.special_details             ? 
# 
loop_
_atom_type.symbol 
_atom_type.scat_dispersion_real 
_atom_type.scat_dispersion_imag 
_atom_type.scat_Cromer_Mann_a1 
_atom_type.scat_Cromer_Mann_a2 
_atom_type.scat_Cromer_Mann_a3 
_atom_type.scat_Cromer_Mann_a4 
_atom_type.scat_Cromer_Mann_b1 
_atom_type.scat_Cromer_Mann_b2 
_atom_type.scat_Cromer_Mann_b3 
_atom_type.scat_Cromer_Mann_b4 
_atom_type.scat_Cromer_Mann_c 
_atom_type.scat_source 
_atom_type.scat_dispersion_source 
C ? ? 3.54356 2.42580 ? ? 25.62398 1.50364  ? ? 0.0 
;2-Gaussian fit: Grosse-Kunstleve RW, Sauter NK, Adams PD: Newsletter of the IUCr Commission on Crystallographic Computing 2004, 3, 22-31.
;
? 
N ? ? 4.01032 2.96436 ? ? 19.97189 1.75589  ? ? 0.0 
;2-Gaussian fit: Grosse-Kunstleve RW, Sauter NK, Adams PD: Newsletter of the IUCr Commission on Crystallographic Computing 2004, 3, 22-31.
;
? 
O ? ? 4.49882 3.47563 ? ? 15.80542 1.70748  ? ? 0.0 
;2-Gaussian fit: Grosse-Kunstleve RW, Sauter NK, Adams PD: Newsletter of the IUCr Commission on Crystallographic Computing 2004, 3, 22-31.
;
? 
S ? ? 9.55732 6.39887 ? ? 1.23737  29.19336 ? ? 0.0 
;2-Gaussian fit: Grosse-Kunstleve RW, Sauter NK, Adams PD: Newsletter of the IUCr Commission on Crystallographic Computing 2004, 3, 22-31.
;
? 
# 
loop_
_atom_site.group_PDB 
_atom_site.id 
_atom_site.type_symbol 
_atom_site.label_atom_id 
_atom_site.label_alt_id 
_atom_site.label_comp_id 
_atom_site.label_asym_id 
_atom_site.label_entity_id 
_atom_site.label_seq_id 
_atom_site.pdbx_PDB_ins_code 
_atom_site.Cartn_x 
_atom_site.Cartn_y 
_atom_site.Cartn_z 
_atom_site.occupancy 
_atom_site.B_iso_or_equiv 
_atom_site.pdbx_formal_charge 
_atom_site.auth_seq_id 
_atom_site.auth_comp_id 
_atom_site.auth_asym_id 
_atom_site.auth_atom_id 
_atom_site.pdbx_PDB_model_num 
ATOM   1    N N   . MET A 1 3   ? 20.61867  -5.68911  -10.77313 1.000 40.26301 ? 1   MET A N   1 
ATOM   2    C CA  . MET A 1 3   ? 19.32960  -5.91868  -10.11676 1.000 42.46484 ? 1   MET A CA  1 
ATOM   3    C C   . MET A 1 3   ? 18.23364  -5.01000  -10.69473 1.000 38.15364 ? 1   MET A C   1 
ATOM   4    O O   . MET A 1 3   ? 18.48018  -3.84968  -10.98580 1.000 44.60264 ? 1   MET A O   1 
ATOM   5    C CB  . MET A 1 3   ? 19.46222  -5.70108  -8.60469  1.000 37.37240 ? 1   MET A CB  1 
ATOM   6    N N   . VAL A 1 4   ? 17.02814  -5.55092  -10.86460 1.000 29.85765 ? 2   VAL A N   1 
ATOM   7    C CA  . VAL A 1 4   ? 15.88319  -4.82166  -11.40462 1.000 33.28937 ? 2   VAL A CA  1 
ATOM   8    C C   . VAL A 1 4   ? 14.86322  -4.64144  -10.28954 1.000 22.70337 ? 2   VAL A C   1 
ATOM   9    O O   . VAL A 1 4   ? 14.48807  -5.61655  -9.63444  1.000 28.22554 ? 2   VAL A O   1 
ATOM   10   C CB  . VAL A 1 4   ? 15.23979  -5.57402  -12.58112 1.000 35.57070 ? 2   VAL A CB  1 
ATOM   11   C CG1 . VAL A 1 4   ? 14.39514  -4.61991  -13.40665 1.000 34.34318 ? 2   VAL A CG1 1 
ATOM   12   C CG2 . VAL A 1 4   ? 16.29987  -6.28950  -13.42088 1.000 45.64616 ? 2   VAL A CG2 1 
ATOM   13   N N   . ASN A 1 5   ? 14.41658  -3.40379  -10.07399 1.000 20.56416 ? 3   ASN A N   1 
ATOM   14   C CA  . ASN A 1 5   ? 13.37143  -3.17754  -9.07533  1.000 16.72526 ? 3   ASN A CA  1 
ATOM   15   C C   . ASN A 1 5   ? 12.12975  -3.97923  -9.44773  1.000 19.76550 ? 3   ASN A C   1 
ATOM   16   O O   . ASN A 1 5   ? 11.70443  -3.94783  -10.60770 1.000 21.21201 ? 3   ASN A O   1 
ATOM   17   C CB  . ASN A 1 5   ? 13.01121  -1.69909  -8.97080  1.000 16.40499 ? 3   ASN A CB  1 
ATOM   18   C CG  . ASN A 1 5   ? 13.99594  -0.91905  -8.08167  1.000 16.02674 ? 3   ASN A CG  1 
ATOM   19   O OD1 . ASN A 1 5   ? 14.78072  -1.51557  -7.34494  1.000 18.23620 ? 3   ASN A OD1 1 
ATOM   20   N ND2 . ASN A 1 5   ? 13.95285  0.40309   -8.16725  1.000 18.19921 ? 3   ASN A ND2 1 
ATOM   21   N N   . PRO A 1 6   ? 11.51736  -4.68692  -8.50889  1.000 16.05435 ? 4   PRO A N   1 
ATOM   22   C CA  . PRO A 1 6   ? 10.32238  -5.46159  -8.84074  1.000 16.23290 ? 4   PRO A CA  1 
ATOM   23   C C   . PRO A 1 6   ? 9.11614   -4.57566  -9.10513  1.000 15.41965 ? 4   PRO A C   1 
ATOM   24   O O   . PRO A 1 6   ? 9.02434   -3.43182  -8.63641  1.000 16.01098 ? 4   PRO A O   1 
ATOM   25   C CB  . PRO A 1 6   ? 10.10181  -6.33476  -7.60097  1.000 20.28364 ? 4   PRO A CB  1 
ATOM   26   C CG  . PRO A 1 6   ? 10.86908  -5.70676  -6.52566  1.000 22.68441 ? 4   PRO A CG  1 
ATOM   27   C CD  . PRO A 1 6   ? 11.94581  -4.86402  -7.12003  1.000 17.86096 ? 4   PRO A CD  1 
ATOM   28   N N   . THR A 1 7   ? 8.18793   -5.12027  -9.88992  1.000 15.16427 ? 5   THR A N   1 
ATOM   29   C CA  . THR A 1 7   ? 6.89001   -4.51506  -10.16504 1.000 15.65807 ? 5   THR A CA  1 
ATOM   30   C C   . THR A 1 7   ? 5.80339   -5.44166  -9.64340  1.000 14.97343 ? 5   THR A C   1 
ATOM   31   O O   . THR A 1 7   ? 5.84251   -6.65212  -9.90076  1.000 15.87226 ? 5   THR A O   1 
ATOM   32   C CB  . THR A 1 7   ? 6.70804   -4.30675  -11.66706 1.000 20.96834 ? 5   THR A CB  1 
ATOM   33   O OG1 . THR A 1 7   ? 7.75897   -3.46653  -12.15400 1.000 24.63535 ? 5   THR A OG1 1 
ATOM   34   C CG2 . THR A 1 7   ? 5.35030   -3.68629  -11.97561 1.000 22.97678 ? 5   THR A CG2 1 
ATOM   35   N N   . VAL A 1 8   ? 4.86087   -4.90103  -8.87131  1.000 12.83885 ? 6   VAL A N   1 
ATOM   36   C CA  . VAL A 1 8   ? 3.72633   -5.70893  -8.45668  1.000 14.02993 ? 6   VAL A CA  1 
ATOM   37   C C   . VAL A 1 8   ? 2.45824   -5.03193  -8.93087  1.000 13.19252 ? 6   VAL A C   1 
ATOM   38   O O   . VAL A 1 8   ? 2.43775   -3.84342  -9.25704  1.000 13.57085 ? 6   VAL A O   1 
ATOM   39   C CB  . VAL A 1 8   ? 3.67509   -5.94614  -6.93298  1.000 22.70823 ? 6   VAL A CB  1 
ATOM   40   C CG1 . VAL A 1 8   ? 4.90458   -6.73317  -6.46135  1.000 22.43831 ? 6   VAL A CG1 1 
ATOM   41   C CG2 . VAL A 1 8   ? 3.59001   -4.67885  -6.23477  1.000 22.31957 ? 6   VAL A CG2 1 
ATOM   42   N N   . PHE A 1 9   ? 1.38347   -5.79941  -8.97401  1.000 13.08761 ? 7   PHE A N   1 
ATOM   43   C CA  . PHE A 1 9   ? 0.09877   -5.25249  -9.38732  1.000 14.11022 ? 7   PHE A CA  1 
ATOM   44   C C   . PHE A 1 9   ? -0.97889  -5.57863  -8.36029  1.000 12.63617 ? 7   PHE A C   1 
ATOM   45   O O   . PHE A 1 9   ? -0.92961  -6.60405  -7.67190  1.000 12.47849 ? 7   PHE A O   1 
ATOM   46   C CB  . PHE A 1 9   ? -0.34750  -5.78475  -10.76826 1.000 15.55710 ? 7   PHE A CB  1 
ATOM   47   C CG  . PHE A 1 9   ? -0.79677  -7.22039  -10.73579 1.000 13.88033 ? 7   PHE A CG  1 
ATOM   48   C CD1 . PHE A 1 9   ? 0.11631   -8.26222  -10.93311 1.000 18.67266 ? 7   PHE A CD1 1 
ATOM   49   C CD2 . PHE A 1 9   ? -2.12578  -7.54379  -10.45545 1.000 15.14145 ? 7   PHE A CD2 1 
ATOM   50   C CE1 . PHE A 1 9   ? -0.29212  -9.61187  -10.88451 1.000 18.37725 ? 7   PHE A CE1 1 
ATOM   51   C CE2 . PHE A 1 9   ? -2.53923  -8.87992  -10.38357 1.000 17.64664 ? 7   PHE A CE2 1 
ATOM   52   C CZ  . PHE A 1 9   ? -1.62470  -9.91465  -10.60650 1.000 20.08023 ? 7   PHE A CZ  1 
ATOM   53   N N   . PHE A 1 10  ? -1.96427  -4.68727  -8.28275  1.000 11.90670 ? 8   PHE A N   1 
ATOM   54   C CA  . PHE A 1 10  ? -3.23840  -4.96432  -7.63899  1.000 12.19738 ? 8   PHE A CA  1 
ATOM   55   C C   . PHE A 1 10  ? -4.35452  -4.84376  -8.66233  1.000 9.90593  ? 8   PHE A C   1 
ATOM   56   O O   . PHE A 1 10  ? -4.45494  -3.80949  -9.34302  1.000 13.18329 ? 8   PHE A O   1 
ATOM   57   C CB  . PHE A 1 10  ? -3.57174  -3.91723  -6.55288  1.000 13.34271 ? 8   PHE A CB  1 
ATOM   58   C CG  . PHE A 1 10  ? -2.69281  -3.89949  -5.33509  1.000 12.77796 ? 8   PHE A CG  1 
ATOM   59   C CD1 . PHE A 1 10  ? -1.79954  -4.92245  -5.01579  1.000 13.55380 ? 8   PHE A CD1 1 
ATOM   60   C CD2 . PHE A 1 10  ? -2.84641  -2.83252  -4.46201  1.000 12.35278 ? 8   PHE A CD2 1 
ATOM   61   C CE1 . PHE A 1 10  ? -1.02823  -4.84780  -3.83087  1.000 12.62476 ? 8   PHE A CE1 1 
ATOM   62   C CE2 . PHE A 1 10  ? -2.09696  -2.74472  -3.28807  1.000 12.10962 ? 8   PHE A CE2 1 
ATOM   63   C CZ  . PHE A 1 10  ? -1.18739  -3.76776  -2.97988  1.000 12.18664 ? 8   PHE A CZ  1 
ATOM   64   N N   . ASP A 1 11  ? -5.24170  -5.82843  -8.71202  1.000 12.17872 ? 9   ASP A N   1 
ATOM   65   C CA  . ASP A 1 11  ? -6.49797  -5.71782  -9.44060  1.000 12.16395 ? 9   ASP A CA  1 
ATOM   66   C C   . ASP A 1 11  ? -7.56496  -5.29565  -8.43303  1.000 13.97969 ? 9   ASP A C   1 
ATOM   67   O O   . ASP A 1 11  ? -7.84134  -6.03925  -7.47827  1.000 14.94604 ? 9   ASP A O   1 
ATOM   68   C CB  . ASP A 1 11  ? -6.83145  -7.04911  -10.10337 1.000 12.99155 ? 9   ASP A CB  1 
ATOM   69   C CG  . ASP A 1 11  ? -5.97594  -7.31022  -11.34188 1.000 18.35877 ? 9   ASP A CG  1 
ATOM   70   O OD1 . ASP A 1 11  ? -5.48986  -6.31360  -11.92761 1.000 19.87603 ? 9   ASP A OD1 1 
ATOM   71   O OD2 . ASP A 1 11  ? -5.79075  -8.50917  -11.69234 1.000 25.14075 ? 9   ASP A OD2 1 
ATOM   72   N N   . ILE A 1 12  ? -8.15242  -4.12111  -8.63899  1.000 12.50535 ? 10  ILE A N   1 
ATOM   73   C CA  . ILE A 1 12  ? -9.04190  -3.46611  -7.68381  1.000 11.93265 ? 10  ILE A CA  1 
ATOM   74   C C   . ILE A 1 12  ? -10.48300 -3.76411  -8.05389  1.000 13.10528 ? 10  ILE A C   1 
ATOM   75   O O   . ILE A 1 12  ? -10.83565 -3.75467  -9.24519  1.000 15.01288 ? 10  ILE A O   1 
ATOM   76   C CB  . ILE A 1 12  ? -8.79465  -1.94192  -7.66915  1.000 12.04009 ? 10  ILE A CB  1 
ATOM   77   C CG1 . ILE A 1 12  ? -7.36460  -1.60950  -7.25184  1.000 13.05207 ? 10  ILE A CG1 1 
ATOM   78   C CG2 . ILE A 1 12  ? -9.78665  -1.23768  -6.72843  1.000 14.17672 ? 10  ILE A CG2 1 
ATOM   79   C CD1 . ILE A 1 12  ? -6.98678  -2.12086  -5.87784  1.000 16.37679 ? 10  ILE A CD1 1 
ATOM   80   N N   . ALA A 1 13  ? -11.31865 -4.02640  -7.05322  1.000 13.29525 ? 11  ALA A N   1 
ATOM   81   C CA  . ALA A 1 13  ? -12.75228 -4.19730  -7.27221  1.000 14.69015 ? 11  ALA A CA  1 
ATOM   82   C C   . ALA A 1 13  ? -13.52369 -3.27389  -6.33254  1.000 14.31501 ? 11  ALA A C   1 
ATOM   83   O O   . ALA A 1 13  ? -13.03278 -2.88491  -5.27042  1.000 13.94074 ? 11  ALA A O   1 
ATOM   84   C CB  . ALA A 1 13  ? -13.17448 -5.67115  -7.05612  1.000 14.10536 ? 11  ALA A CB  1 
ATOM   85   N N   . VAL A 1 14  ? -14.73804 -2.90872  -6.74873  1.000 14.68546 ? 12  VAL A N   1 
ATOM   86   C CA  . VAL A 1 14  ? -15.61221 -1.99660  -6.01155  1.000 13.74145 ? 12  VAL A CA  1 
ATOM   87   C C   . VAL A 1 14  ? -16.92163 -2.73248  -5.79701  1.000 18.73673 ? 12  VAL A C   1 
ATOM   88   O O   . VAL A 1 14  ? -17.63568 -3.02662  -6.76696  1.000 18.65767 ? 12  VAL A O   1 
ATOM   89   C CB  . VAL A 1 14  ? -15.84093 -0.69604  -6.78280  1.000 17.76181 ? 12  VAL A CB  1 
ATOM   90   C CG1 . VAL A 1 14  ? -16.81723 0.21825   -6.02553  1.000 19.28363 ? 12  VAL A CG1 1 
ATOM   91   C CG2 . VAL A 1 14  ? -14.50515 0.01770   -7.03579  1.000 16.93107 ? 12  VAL A CG2 1 
ATOM   92   N N   . ASP A 1 15  ? -17.22135 -3.06494  -4.54573  1.000 16.49449 ? 13  ASP A N   1 
ATOM   93   C CA  . ASP A 1 15  ? -18.36868 -3.92853  -4.22129  1.000 17.95432 ? 13  ASP A CA  1 
ATOM   94   C C   . ASP A 1 15  ? -18.35069 -5.18276  -5.08691  1.000 21.93205 ? 13  ASP A C   1 
ATOM   95   O O   . ASP A 1 15  ? -19.38258 -5.62402  -5.59899  1.000 21.77847 ? 13  ASP A O   1 
ATOM   96   C CB  . ASP A 1 15  ? -19.69052 -3.17318  -4.36348  1.000 19.62062 ? 13  ASP A CB  1 
ATOM   97   C CG  . ASP A 1 15  ? -20.02682 -2.34056  -3.13294  1.000 29.69971 ? 13  ASP A CG  1 
ATOM   98   O OD1 . ASP A 1 15  ? -19.34325 -2.48423  -2.08956  1.000 23.99980 ? 13  ASP A OD1 1 
ATOM   99   O OD2 . ASP A 1 15  ? -20.98858 -1.53376  -3.20442  1.000 32.84560 ? 13  ASP A OD2 1 
ATOM   100  N N   . GLY A 1 16  ? -17.15349 -5.74210  -5.27931  1.000 17.83254 ? 14  GLY A N   1 
ATOM   101  C CA  . GLY A 1 16  ? -16.95412 -6.96021  -6.02568  1.000 18.49708 ? 14  GLY A CA  1 
ATOM   102  C C   . GLY A 1 16  ? -16.85252 -6.79151  -7.52571  1.000 19.47351 ? 14  GLY A C   1 
ATOM   103  O O   . GLY A 1 16  ? -16.48463 -7.75996  -8.20975  1.000 28.62221 ? 14  GLY A O   1 
ATOM   104  N N   . GLU A 1 17  ? -17.15547 -5.60812  -8.06778  1.000 18.06345 ? 15  GLU A N   1 
ATOM   105  C CA  . GLU A 1 17  ? -17.11446 -5.40809  -9.52147  1.000 19.87559 ? 15  GLU A CA  1 
ATOM   106  C C   . GLU A 1 17  ? -15.74056 -4.90268  -9.95542  1.000 16.27057 ? 15  GLU A C   1 
ATOM   107  O O   . GLU A 1 17  ? -15.20916 -3.95970  -9.34826  1.000 15.74083 ? 15  GLU A O   1 
ATOM   108  C CB  . GLU A 1 17  ? -18.18949 -4.43299  -9.95984  1.000 22.06173 ? 15  GLU A CB  1 
ATOM   109  C CG  . GLU A 1 17  ? -19.56859 -4.82242  -9.41381  1.000 36.69621 ? 15  GLU A CG  1 
ATOM   110  C CD  . GLU A 1 17  ? -20.35256 -5.76926  -10.33249 1.000 54.55855 ? 15  GLU A CD  1 
ATOM   111  O OE1 . GLU A 1 17  ? -21.56266 -5.52164  -10.55960 1.000 59.85347 ? 15  GLU A OE1 1 
ATOM   112  O OE2 . GLU A 1 17  ? -19.76415 -6.76221  -10.82054 1.000 56.69481 ? 15  GLU A OE2 1 
ATOM   113  N N   . PRO A 1 18  ? -15.12529 -5.49738  -10.96394 1.000 17.24370 ? 16  PRO A N   1 
ATOM   114  C CA  . PRO A 1 18  ? -13.76960 -5.08271  -11.34183 1.000 16.10615 ? 16  PRO A CA  1 
ATOM   115  C C   . PRO A 1 18  ? -13.71046 -3.63214  -11.76207 1.000 16.94526 ? 16  PRO A C   1 
ATOM   116  O O   . PRO A 1 18  ? -14.58890 -3.12137  -12.46974 1.000 20.64637 ? 16  PRO A O   1 
ATOM   117  C CB  . PRO A 1 18  ? -13.42920 -6.00539  -12.51577 1.000 20.00365 ? 16  PRO A CB  1 
ATOM   118  C CG  . PRO A 1 18  ? -14.29152 -7.21312  -12.29542 1.000 24.14996 ? 16  PRO A CG  1 
ATOM   119  C CD  . PRO A 1 18  ? -15.56039 -6.70824  -11.69105 1.000 21.33874 ? 16  PRO A CD  1 
ATOM   120  N N   . LEU A 1 19  ? -12.64971 -2.95695  -11.31610 1.000 13.54879 ? 17  LEU A N   1 
ATOM   121  C CA  . LEU A 1 19  ? -12.41696 -1.56795  -11.65832 1.000 13.49906 ? 17  LEU A CA  1 
ATOM   122  C C   . LEU A 1 19  ? -11.21949 -1.42037  -12.58672 1.000 16.10784 ? 17  LEU A C   1 
ATOM   123  O O   . LEU A 1 19  ? -11.34544 -0.85917  -13.67922 1.000 18.11230 ? 17  LEU A O   1 
ATOM   124  C CB  . LEU A 1 19  ? -12.22252 -0.75276  -10.35649 1.000 13.71213 ? 17  LEU A CB  1 
ATOM   125  C CG  . LEU A 1 19  ? -11.88106 0.71372   -10.55064 1.000 15.99742 ? 17  LEU A CG  1 
ATOM   126  C CD1 . LEU A 1 19  ? -13.02457 1.47756   -11.21390 1.000 19.20599 ? 17  LEU A CD1 1 
ATOM   127  C CD2 . LEU A 1 19  ? -11.50793 1.31578   -9.21346  1.000 17.05241 ? 17  LEU A CD2 1 
ATOM   128  N N   . GLY A 1 20  ? -10.05563 -1.90970  -12.19308 1.000 12.92029 ? 18  GLY A N   1 
ATOM   129  C CA  . GLY A 1 20  ? -8.87597  -1.79547  -13.02114 1.000 12.15171 ? 18  GLY A CA  1 
ATOM   130  C C   . GLY A 1 20  ? -7.67172  -2.24278  -12.22717 1.000 11.90234 ? 18  GLY A C   1 
ATOM   131  O O   . GLY A 1 20  ? -7.79366  -2.70193  -11.09398 1.000 14.55684 ? 18  GLY A O   1 
ATOM   132  N N   . ARG A 1 21  ? -6.50000  -2.10400  -12.84494 1.000 10.71025 ? 19  ARG A N   1 
ATOM   133  C CA  . ARG A 1 21  ? -5.23809  -2.52141  -12.24349 1.000 12.42623 ? 19  ARG A CA  1 
ATOM   134  C C   . ARG A 1 21  ? -4.37380  -1.32185  -11.87307 1.000 12.23118 ? 19  ARG A C   1 
ATOM   135  O O   . ARG A 1 21  ? -4.29604  -0.34114  -12.61868 1.000 13.30265 ? 19  ARG A O   1 
ATOM   136  C CB  . ARG A 1 21  ? -4.47655  -3.42237  -13.20928 1.000 13.34989 ? 19  ARG A CB  1 
ATOM   137  C CG  . ARG A 1 21  ? -3.08343  -3.84388  -12.73570 1.000 17.11820 ? 19  ARG A CG  1 
ATOM   138  C CD  . ARG A 1 21  ? -2.51571  -4.93477  -13.68068 1.000 15.40634 ? 19  ARG A CD  1 
ATOM   139  N NE  . ARG A 1 21  ? -3.17435  -6.21742  -13.47628 1.000 16.73563 ? 19  ARG A NE  1 
ATOM   140  C CZ  . ARG A 1 21  ? -2.71585  -7.37049  -13.96167 1.000 16.82776 ? 19  ARG A CZ  1 
ATOM   141  N NH1 . ARG A 1 21  ? -1.63114  -7.34806  -14.70500 1.000 17.78865 ? 19  ARG A NH1 1 
ATOM   142  N NH2 . ARG A 1 21  ? -3.30870  -8.50562  -13.68140 1.000 17.42248 ? 19  ARG A NH2 1 
ATOM   143  N N   . VAL A 1 22  ? -3.73105  -1.40199  -10.71369 1.000 12.58406 ? 20  VAL A N   1 
ATOM   144  C CA  . VAL A 1 22  ? -2.68717  -0.45681  -10.30429 1.000 11.75447 ? 20  VAL A CA  1 
ATOM   145  C C   . VAL A 1 22  ? -1.39088  -1.23933  -10.21302 1.000 12.53525 ? 20  VAL A C   1 
ATOM   146  O O   . VAL A 1 22  ? -1.35986  -2.30815  -9.59298  1.000 13.60886 ? 20  VAL A O   1 
ATOM   147  C CB  . VAL A 1 22  ? -2.98910  0.19971   -8.94565  1.000 13.85349 ? 20  VAL A CB  1 
ATOM   148  C CG1 . VAL A 1 22  ? -1.89286  1.25360   -8.60875  1.000 14.73265 ? 20  VAL A CG1 1 
ATOM   149  C CG2 . VAL A 1 22  ? -4.38996  0.84026   -8.91644  1.000 14.83953 ? 20  VAL A CG2 1 
ATOM   150  N N   . SER A 1 23  ? -0.33024  -0.74270  -10.84234 1.000 11.42544 ? 21  SER A N   1 
ATOM   151  C CA  . SER A 1 23  ? 0.96338   -1.38222  -10.70313 1.000 12.95265 ? 21  SER A CA  1 
ATOM   152  C C   . SER A 1 23  ? 1.92008   -0.44276  -9.99121  1.000 12.39960 ? 21  SER A C   1 
ATOM   153  O O   . SER A 1 23  ? 1.75232   0.78055   -10.00892 1.000 13.64558 ? 21  SER A O   1 
ATOM   154  C CB  . SER A 1 23  ? 1.55290   -1.81364  -12.03955 1.000 14.85621 ? 21  SER A CB  1 
ATOM   155  O OG  . SER A 1 23  ? 1.87981   -0.69066  -12.81093 1.000 21.46658 ? 21  SER A OG  1 
ATOM   156  N N   . PHE A 1 24  ? 2.90655   -1.02907  -9.33113  1.000 13.08243 ? 22  PHE A N   1 
ATOM   157  C CA  . PHE A 1 24  ? 3.85290   -0.29321  -8.50400  1.000 11.18763 ? 22  PHE A CA  1 
ATOM   158  C C   . PHE A 1 24  ? 5.26407   -0.73759  -8.80424  1.000 12.72849 ? 22  PHE A C   1 
ATOM   159  O O   . PHE A 1 24  ? 5.51456   -1.94043  -8.94802  1.000 14.33086 ? 22  PHE A O   1 
ATOM   160  C CB  . PHE A 1 24  ? 3.65080   -0.54980  -7.01262  1.000 11.34071 ? 22  PHE A CB  1 
ATOM   161  C CG  . PHE A 1 24  ? 2.23368   -0.39795  -6.52450  1.000 11.08542 ? 22  PHE A CG  1 
ATOM   162  C CD1 . PHE A 1 24  ? 1.77212   0.82362   -6.09210  1.000 11.70441 ? 22  PHE A CD1 1 
ATOM   163  C CD2 . PHE A 1 24  ? 1.37924   -1.49576  -6.49898  1.000 14.14500 ? 22  PHE A CD2 1 
ATOM   164  C CE1 . PHE A 1 24  ? 0.48541   0.97994   -5.61054  1.000 12.59263 ? 22  PHE A CE1 1 
ATOM   165  C CE2 . PHE A 1 24  ? 0.07157   -1.36195  -6.02564  1.000 14.73023 ? 22  PHE A CE2 1 
ATOM   166  C CZ  . PHE A 1 24  ? -0.36579  -0.11096  -5.57217  1.000 14.17383 ? 22  PHE A CZ  1 
ATOM   167  N N   . GLU A 1 25  ? 6.17797   0.23022   -8.88651  1.000 11.91536 ? 23  GLU A N   1 
ATOM   168  C CA  . GLU A 1 25  ? 7.60323   -0.05593  -8.79531  1.000 11.63765 ? 23  GLU A CA  1 
ATOM   169  C C   . GLU A 1 25  ? 7.98518   -0.05008  -7.32411  1.000 11.73208 ? 23  GLU A C   1 
ATOM   170  O O   . GLU A 1 25  ? 7.61496   0.88024   -6.59566  1.000 13.20162 ? 23  GLU A O   1 
ATOM   171  C CB  . GLU A 1 25  ? 8.40783   1.00005   -9.54885  1.000 14.03589 ? 23  GLU A CB  1 
ATOM   172  C CG  . GLU A 1 25  ? 9.90487   0.78704   -9.40708  1.000 16.79536 ? 23  GLU A CG  1 
ATOM   173  C CD  . GLU A 1 25  ? 10.77025  1.80132   -10.14694 1.000 23.39595 ? 23  GLU A CD  1 
ATOM   174  O OE1 . GLU A 1 25  ? 10.22176  2.69146   -10.83912 1.000 25.80318 ? 23  GLU A OE1 1 
ATOM   175  O OE2 . GLU A 1 25  ? 12.02462  1.68350   -10.01144 1.000 24.53158 ? 23  GLU A OE2 1 
ATOM   176  N N   . LEU A 1 26  ? 8.71388   -1.07853  -6.89146  1.000 11.94136 ? 24  LEU A N   1 
ATOM   177  C CA  . LEU A 1 26  ? 9.21627   -1.17535  -5.51957  1.000 13.58678 ? 24  LEU A CA  1 
ATOM   178  C C   . LEU A 1 26  ? 10.70051  -0.86654  -5.52548  1.000 13.78904 ? 24  LEU A C   1 
ATOM   179  O O   . LEU A 1 26  ? 11.46080  -1.50990  -6.25928  1.000 14.72999 ? 24  LEU A O   1 
ATOM   180  C CB  . LEU A 1 26  ? 8.95560   -2.56034  -4.92309  1.000 14.10420 ? 24  LEU A CB  1 
ATOM   181  C CG  . LEU A 1 26  ? 7.50788   -3.04008  -5.02029  1.000 12.83388 ? 24  LEU A CG  1 
ATOM   182  C CD1 . LEU A 1 26  ? 7.36885   -4.42476  -4.39581  1.000 13.61708 ? 24  LEU A CD1 1 
ATOM   183  C CD2 . LEU A 1 26  ? 6.54456   -2.03635  -4.35455  1.000 13.28339 ? 24  LEU A CD2 1 
ATOM   184  N N   . PHE A 1 27  ? 11.10960  0.10467   -4.70445  1.000 13.29659 ? 25  PHE A N   1 
ATOM   185  C CA  . PHE A 1 27  ? 12.48365  0.62298   -4.74533  1.000 14.14516 ? 25  PHE A CA  1 
ATOM   186  C C   . PHE A 1 27  ? 13.39870  -0.24999  -3.89709  1.000 15.92959 ? 25  PHE A C   1 
ATOM   187  O O   . PHE A 1 27  ? 13.93014  0.16560   -2.86957  1.000 16.03992 ? 25  PHE A O   1 
ATOM   188  C CB  . PHE A 1 27  ? 12.52040  2.07167   -4.27900  1.000 14.77665 ? 25  PHE A CB  1 
ATOM   189  C CG  . PHE A 1 27  ? 11.67926  2.97357   -5.12474  1.000 17.02330 ? 25  PHE A CG  1 
ATOM   190  C CD1 . PHE A 1 27  ? 11.80528  2.94098   -6.50099  1.000 23.11019 ? 25  PHE A CD1 1 
ATOM   191  C CD2 . PHE A 1 27  ? 10.74587  3.81824   -4.55379  1.000 20.00187 ? 25  PHE A CD2 1 
ATOM   192  C CE1 . PHE A 1 27  ? 11.00680  3.76635   -7.30755  1.000 26.63111 ? 25  PHE A CE1 1 
ATOM   193  C CE2 . PHE A 1 27  ? 9.93972   4.65292   -5.37110  1.000 18.40213 ? 25  PHE A CE2 1 
ATOM   194  C CZ  . PHE A 1 27  ? 10.08910  4.60774   -6.72506  1.000 18.16488 ? 25  PHE A CZ  1 
ATOM   195  N N   . ALA A 1 28  ? 13.54833  -1.49651  -4.33740  1.000 13.79782 ? 26  ALA A N   1 
ATOM   196  C CA  . ALA A 1 28  ? 14.43167  -2.45398  -3.67675  1.000 15.19188 ? 26  ALA A CA  1 
ATOM   197  C C   . ALA A 1 28  ? 15.88507  -2.00268  -3.70069  1.000 14.48347 ? 26  ALA A C   1 
ATOM   198  O O   . ALA A 1 28  ? 16.66179  -2.40152  -2.81828  1.000 18.95154 ? 26  ALA A O   1 
ATOM   199  C CB  . ALA A 1 28  ? 14.29814  -3.81949  -4.34380  1.000 18.06398 ? 26  ALA A CB  1 
ATOM   200  N N   . ASP A 1 29  ? 16.25580  -1.15142  -4.65805  1.000 16.79129 ? 27  ASP A N   1 
ATOM   201  C CA  . ASP A 1 29  ? 17.60647  -0.61526  -4.66231  1.000 17.80089 ? 27  ASP A CA  1 
ATOM   202  C C   . ASP A 1 29  ? 17.86104  0.32578   -3.48773  1.000 18.76626 ? 27  ASP A C   1 
ATOM   203  O O   . ASP A 1 29  ? 19.02238  0.52546   -3.11181  1.000 25.67305 ? 27  ASP A O   1 
ATOM   204  C CB  . ASP A 1 29  ? 17.89775  0.08680   -6.00080  1.000 19.14868 ? 27  ASP A CB  1 
ATOM   205  C CG  . ASP A 1 29  ? 16.87928  1.20144   -6.36983  1.000 29.89233 ? 27  ASP A CG  1 
ATOM   206  O OD1 . ASP A 1 29  ? 15.77643  1.31364   -5.79875  1.000 22.27681 ? 27  ASP A OD1 1 
ATOM   207  O OD2 . ASP A 1 29  ? 17.18599  2.00266   -7.27323  1.000 37.52923 ? 27  ASP A OD2 1 
ATOM   208  N N   . LYS A 1 30  ? 16.81883  0.89349   -2.88037  1.000 15.33229 ? 28  LYS A N   1 
ATOM   209  C CA  . LYS A 1 30  ? 16.99886  1.80818   -1.75917  1.000 16.79964 ? 28  LYS A CA  1 
ATOM   210  C C   . LYS A 1 30  ? 16.47189  1.27030   -0.43862  1.000 14.90408 ? 28  LYS A C   1 
ATOM   211  O O   . LYS A 1 30  ? 17.04103  1.59396   0.61073   1.000 15.62165 ? 28  LYS A O   1 
ATOM   212  C CB  . LYS A 1 30  ? 16.33174  3.14617   -2.06277  1.000 20.51575 ? 28  LYS A CB  1 
ATOM   213  C CG  . LYS A 1 30  ? 16.96196  3.83180   -3.28640  1.000 30.18795 ? 28  LYS A CG  1 
ATOM   214  C CD  . LYS A 1 30  ? 17.64185  5.13322   -2.92916  1.000 41.67380 ? 28  LYS A CD  1 
ATOM   215  C CE  . LYS A 1 30  ? 18.17856  5.83242   -4.16979  1.000 42.13490 ? 28  LYS A CE  1 
ATOM   216  N NZ  . LYS A 1 30  ? 17.36398  5.49452   -5.36174  1.000 43.98366 ? 28  LYS A NZ  1 
ATOM   217  N N   . VAL A 1 31  ? 15.40423  0.48038   -0.46250  1.000 14.81655 ? 29  VAL A N   1 
ATOM   218  C CA  . VAL A 1 31  ? 14.81930  -0.08612  0.75684   1.000 13.77829 ? 29  VAL A CA  1 
ATOM   219  C C   . VAL A 1 31  ? 14.51657  -1.55267  0.48682   1.000 13.22525 ? 29  VAL A C   1 
ATOM   220  O O   . VAL A 1 31  ? 13.34030  -1.95778  0.39732   1.000 13.18504 ? 29  VAL A O   1 
ATOM   221  C CB  . VAL A 1 31  ? 13.54494  0.65968   1.22187   1.000 15.46513 ? 29  VAL A CB  1 
ATOM   222  C CG1 . VAL A 1 31  ? 13.90988  1.89998   2.02934   1.000 17.89607 ? 29  VAL A CG1 1 
ATOM   223  C CG2 . VAL A 1 31  ? 12.67909  0.99527   0.05916   1.000 19.38690 ? 29  VAL A CG2 1 
ATOM   224  N N   . PRO A 1 32  ? 15.54458  -2.40245  0.39547   1.000 13.96836 ? 30  PRO A N   1 
ATOM   225  C CA  . PRO A 1 32  ? 15.30487  -3.80180  0.01308   1.000 14.77142 ? 30  PRO A CA  1 
ATOM   226  C C   . PRO A 1 32  ? 14.44320  -4.58656  0.99639   1.000 14.59972 ? 30  PRO A C   1 
ATOM   227  O O   . PRO A 1 32  ? 13.61438  -5.40679  0.54290   1.000 14.75492 ? 30  PRO A O   1 
ATOM   228  C CB  . PRO A 1 32  ? 16.72654  -4.37789  -0.10051  1.000 17.12104 ? 30  PRO A CB  1 
ATOM   229  C CG  . PRO A 1 32  ? 17.58151  -3.43772  0.74080   1.000 15.64724 ? 30  PRO A CG  1 
ATOM   230  C CD  . PRO A 1 32  ? 16.97642  -2.07272  0.52435   1.000 14.96657 ? 30  PRO A CD  1 
ATOM   231  N N   . LYS A 1 33  ? 14.60251  -4.37281  2.31363   1.000 14.44407 ? 31  LYS A N   1 
ATOM   232  C CA  . LYS A 1 33  ? 13.82628  -5.16355  3.27548   1.000 13.07352 ? 31  LYS A CA  1 
ATOM   233  C C   . LYS A 1 33  ? 12.34555  -4.79303  3.19917   1.000 15.71708 ? 31  LYS A C   1 
ATOM   234  O O   . LYS A 1 33  ? 11.45233  -5.66702  3.21010   1.000 13.19093 ? 31  LYS A O   1 
ATOM   235  C CB  . LYS A 1 33  ? 14.37544  -4.94420  4.68431   1.000 14.37095 ? 31  LYS A CB  1 
ATOM   236  C CG  . LYS A 1 33  ? 13.73343  -5.83276  5.71696   1.000 17.14346 ? 31  LYS A CG  1 
ATOM   237  C CD  . LYS A 1 33  ? 14.39334  -5.72513  7.09643   1.000 20.33215 ? 31  LYS A CD  1 
ATOM   238  C CE  . LYS A 1 33  ? 13.70347  -6.67284  8.05942   1.000 18.50916 ? 31  LYS A CE  1 
ATOM   239  N NZ  . LYS A 1 33  ? 14.56771  -6.94306  9.24125   1.000 27.33296 ? 31  LYS A NZ  1 
ATOM   240  N N   . THR A 1 34  ? 12.07101  -3.49641  3.05921   1.000 12.97975 ? 32  THR A N   1 
ATOM   241  C CA  . THR A 1 34  ? 10.68343  -3.04159  2.99226   1.000 10.65456 ? 32  THR A CA  1 
ATOM   242  C C   . THR A 1 34  ? 10.04335  -3.41766  1.66009   1.000 12.68369 ? 32  THR A C   1 
ATOM   243  O O   . THR A 1 34  ? 8.89136   -3.88636  1.61418   1.000 11.26065 ? 32  THR A O   1 
ATOM   244  C CB  . THR A 1 34  ? 10.67962  -1.52833  3.19597   1.000 10.00954 ? 32  THR A CB  1 
ATOM   245  O OG1 . THR A 1 34  ? 11.37559  -1.23516  4.40683   1.000 12.28865 ? 32  THR A OG1 1 
ATOM   246  C CG2 . THR A 1 34  ? 9.26726   -0.97674  3.32465   1.000 11.75941 ? 32  THR A CG2 1 
ATOM   247  N N   . ALA A 1 35  ? 10.79664  -3.27963  0.57656   1.000 11.60005 ? 33  ALA A N   1 
ATOM   248  C CA  . ALA A 1 35  ? 10.26238  -3.69358  -0.72244  1.000 12.54451 ? 33  ALA A CA  1 
ATOM   249  C C   . ALA A 1 35  ? 9.98215   -5.18926  -0.75030  1.000 13.59683 ? 33  ALA A C   1 
ATOM   250  O O   . ALA A 1 35  ? 8.94098   -5.60336  -1.26347  1.000 13.44969 ? 33  ALA A O   1 
ATOM   251  C CB  . ALA A 1 35  ? 11.25625  -3.29684  -1.82277  1.000 14.21274 ? 33  ALA A CB  1 
ATOM   252  N N   . GLU A 1 36  ? 10.86558  -6.00873  -0.15670  1.000 13.31696 ? 34  GLU A N   1 
ATOM   253  C CA  . GLU A 1 36  ? 10.67454  -7.45353  -0.18979  1.000 13.52976 ? 34  GLU A CA  1 
ATOM   254  C C   . GLU A 1 36  ? 9.41618   -7.85903  0.56461   1.000 12.60767 ? 34  GLU A C   1 
ATOM   255  O O   . GLU A 1 36  ? 8.68410   -8.77183  0.15444   1.000 13.79093 ? 34  GLU A O   1 
ATOM   256  C CB  . GLU A 1 36  ? 11.91425  -8.14623  0.37582   1.000 13.79758 ? 34  GLU A CB  1 
ATOM   257  C CG  . GLU A 1 36  ? 11.74331  -9.66707  0.54835   1.000 16.80636 ? 34  GLU A CG  1 
ATOM   258  C CD  . GLU A 1 36  ? 11.46725  -10.42190 -0.74295  1.000 20.46819 ? 34  GLU A CD  1 
ATOM   259  O OE1 . GLU A 1 36  ? 11.67243  -9.88343  -1.84970  1.000 20.43877 ? 34  GLU A OE1 1 
ATOM   260  O OE2 . GLU A 1 36  ? 11.00066  -11.57791 -0.65154  1.000 23.67269 ? 34  GLU A OE2 1 
ATOM   261  N N   . ASN A 1 37  ? 9.13571   -7.17982  1.66915   1.000 12.64941 ? 35  ASN A N   1 
ATOM   262  C CA  . ASN A 1 37  ? 7.91847   -7.47035  2.41810   1.000 12.43507 ? 35  ASN A CA  1 
ATOM   263  C C   . ASN A 1 37  ? 6.68013   -7.24071  1.55710   1.000 11.89948 ? 35  ASN A C   1 
ATOM   264  O O   . ASN A 1 37  ? 5.79599   -8.09426  1.48201   1.000 11.56378 ? 35  ASN A O   1 
ATOM   265  C CB  . ASN A 1 37  ? 7.88786   -6.58895  3.67415   1.000 11.67476 ? 35  ASN A CB  1 
ATOM   266  C CG  . ASN A 1 37  ? 6.64451   -6.78397  4.50512   1.000 12.38706 ? 35  ASN A CG  1 
ATOM   267  O OD1 . ASN A 1 37  ? 6.36099   -7.89776  4.98622   1.000 13.44040 ? 35  ASN A OD1 1 
ATOM   268  N ND2 . ASN A 1 37  ? 5.89016   -5.70362  4.71246   1.000 12.83345 ? 35  ASN A ND2 1 
ATOM   269  N N   . PHE A 1 38  ? 6.60961   -6.09279  0.88870   1.000 11.17563 ? 36  PHE A N   1 
ATOM   270  C CA  . PHE A 1 38  ? 5.42897   -5.78134  0.09322   1.000 10.24769 ? 36  PHE A CA  1 
ATOM   271  C C   . PHE A 1 38  ? 5.34208   -6.68998  -1.12061  1.000 11.25222 ? 36  PHE A C   1 
ATOM   272  O O   . PHE A 1 38  ? 4.24612   -7.13901  -1.47575  1.000 11.22883 ? 36  PHE A O   1 
ATOM   273  C CB  . PHE A 1 38  ? 5.47960   -4.30382  -0.31257  1.000 11.11212 ? 36  PHE A CB  1 
ATOM   274  C CG  . PHE A 1 38  ? 4.24576   -3.79892  -1.01476  1.000 11.04287 ? 36  PHE A CG  1 
ATOM   275  C CD1 . PHE A 1 38  ? 3.20289   -3.24568  -0.28910  1.000 13.39365 ? 36  PHE A CD1 1 
ATOM   276  C CD2 . PHE A 1 38  ? 4.15269   -3.84893  -2.39753  1.000 12.87966 ? 36  PHE A CD2 1 
ATOM   277  C CE1 . PHE A 1 38  ? 2.09697   -2.77032  -0.92845  1.000 12.40106 ? 36  PHE A CE1 1 
ATOM   278  C CE2 . PHE A 1 38  ? 3.04783   -3.33903  -3.05075  1.000 12.13608 ? 36  PHE A CE2 1 
ATOM   279  C CZ  . PHE A 1 38  ? 2.01713   -2.78912  -2.30683  1.000 13.78098 ? 36  PHE A CZ  1 
ATOM   280  N N   . ARG A 1 39  ? 6.49245   -7.01152  -1.72252  1.000 12.69087 ? 37  ARG A N   1 
ATOM   281  C CA  . ARG A 1 39  ? 6.51391   -7.92992  -2.84906  1.000 12.41192 ? 37  ARG A CA  1 
ATOM   282  C C   . ARG A 1 39  ? 5.94448   -9.29266  -2.45137  1.000 11.97193 ? 37  ARG A C   1 
ATOM   283  O O   . ARG A 1 39  ? 5.03509   -9.82792  -3.11610  1.000 11.95405 ? 37  ARG A O   1 
ATOM   284  C CB  . ARG A 1 39  ? 7.94939   -8.06843  -3.37048  1.000 12.25648 ? 37  ARG A CB  1 
ATOM   285  C CG  . ARG A 1 39  ? 8.01931   -8.83888  -4.70919  1.000 13.30752 ? 37  ARG A CG  1 
ATOM   286  C CD  . ARG A 1 39  ? 9.42802   -9.41379  -4.95062  1.000 15.78823 ? 37  ARG A CD  1 
ATOM   287  N NE  . ARG A 1 39  ? 9.76140   -10.39015 -3.90975  1.000 15.29848 ? 37  ARG A NE  1 
ATOM   288  C CZ  . ARG A 1 39  ? 9.25300   -11.62088 -3.84377  1.000 15.75015 ? 37  ARG A CZ  1 
ATOM   289  N NH1 . ARG A 1 39  ? 8.44793   -12.07895 -4.80850  1.000 17.86841 ? 37  ARG A NH1 1 
ATOM   290  N NH2 . ARG A 1 39  ? 9.55814   -12.39321 -2.81480  1.000 19.48634 ? 37  ARG A NH2 1 
ATOM   291  N N   . ALA A 1 40  ? 6.45912   -9.86798  -1.35553  1.000 13.65534 ? 38  ALA A N   1 
ATOM   292  C CA  . ALA A 1 40  ? 6.02677   -11.19779 -0.92073  1.000 13.15823 ? 38  ALA A CA  1 
ATOM   293  C C   . ALA A 1 40  ? 4.57466   -11.20172 -0.47245  1.000 12.20786 ? 38  ALA A C   1 
ATOM   294  O O   . ALA A 1 40  ? 3.85521   -12.16926 -0.71775  1.000 14.09429 ? 38  ALA A O   1 
ATOM   295  C CB  . ALA A 1 40  ? 6.93372   -11.71522 0.18668   1.000 14.05041 ? 38  ALA A CB  1 
ATOM   296  N N   . LEU A 1 41  ? 4.10606   -10.12845 0.17088   1.000 11.21710 ? 39  LEU A N   1 
ATOM   297  C CA  . LEU A 1 41  ? 2.69318   -10.09335 0.54642   1.000 11.71214 ? 39  LEU A CA  1 
ATOM   298  C C   . LEU A 1 41  ? 1.78956   -9.98559  -0.67079  1.000 12.27476 ? 39  LEU A C   1 
ATOM   299  O O   . LEU A 1 41  ? 0.62958   -10.42492 -0.63018  1.000 12.90180 ? 39  LEU A O   1 
ATOM   300  C CB  . LEU A 1 41  ? 2.42824   -8.91881  1.49662   1.000 12.08544 ? 39  LEU A CB  1 
ATOM   301  C CG  . LEU A 1 41  ? 3.09808   -9.06032  2.86571   1.000 10.64504 ? 39  LEU A CG  1 
ATOM   302  C CD1 . LEU A 1 41  ? 3.05007   -7.71425  3.64074   1.000 12.69441 ? 39  LEU A CD1 1 
ATOM   303  C CD2 . LEU A 1 41  ? 2.50474   -10.22949 3.69830   1.000 13.26913 ? 39  LEU A CD2 1 
ATOM   304  N N   . SER A 1 42  ? 2.30512   -9.40907  -1.75099  1.000 11.50113 ? 40  SER A N   1 
ATOM   305  C CA  . SER A 1 42  ? 1.54523   -9.27683  -2.98596  1.000 10.72262 ? 40  SER A CA  1 
ATOM   306  C C   . SER A 1 42  ? 1.49243   -10.58456 -3.74789  1.000 13.97382 ? 40  SER A C   1 
ATOM   307  O O   . SER A 1 42  ? 0.50228   -10.82693 -4.44384  1.000 15.30864 ? 40  SER A O   1 
ATOM   308  C CB  . SER A 1 42  ? 2.15733   -8.18764  -3.86443  1.000 12.80584 ? 40  SER A CB  1 
ATOM   309  O OG  . SER A 1 42  ? 1.97213   -6.90443  -3.26515  1.000 14.30829 ? 40  SER A OG  1 
ATOM   310  N N   . THR A 1 43  ? 2.53642   -11.41516 -3.65961  1.000 13.65844 ? 41  THR A N   1 
ATOM   311  C CA  . THR A 1 43  ? 2.45296   -12.71264 -4.32336  1.000 15.13742 ? 41  THR A CA  1 
ATOM   312  C C   . THR A 1 43  ? 1.78295   -13.76255 -3.46703  1.000 15.01497 ? 41  THR A C   1 
ATOM   313  O O   . THR A 1 43  ? 1.31702   -14.78027 -4.00770  1.000 19.36556 ? 41  THR A O   1 
ATOM   314  C CB  . THR A 1 43  ? 3.82636   -13.25678 -4.70900  1.000 14.37581 ? 41  THR A CB  1 
ATOM   315  O OG1 . THR A 1 43  ? 4.56713   -13.55062 -3.51897  1.000 16.62419 ? 41  THR A OG1 1 
ATOM   316  C CG2 . THR A 1 43  ? 4.59600   -12.28115 -5.59781  1.000 18.18559 ? 41  THR A CG2 1 
ATOM   317  N N   . GLY A 1 44  ? 1.75150   -13.55945 -2.15591  1.000 15.27181 ? 42  GLY A N   1 
ATOM   318  C CA  . GLY A 1 44  ? 1.22214   -14.52183 -1.23471  1.000 16.88304 ? 42  GLY A CA  1 
ATOM   319  C C   . GLY A 1 44  ? 2.14305   -15.68927 -0.99786  1.000 18.14714 ? 42  GLY A C   1 
ATOM   320  O O   . GLY A 1 44  ? 1.70141   -16.68525 -0.42179  1.000 19.95510 ? 42  GLY A O   1 
ATOM   321  N N   . GLU A 1 45  ? 3.41379   -15.59202 -1.41444  1.000 16.97363 ? 43  GLU A N   1 
ATOM   322  C CA  . GLU A 1 45  ? 4.26376   -16.78107 -1.42823  1.000 19.25169 ? 43  GLU A CA  1 
ATOM   323  C C   . GLU A 1 45  ? 4.64359   -17.28318 -0.04149  1.000 20.45439 ? 43  GLU A C   1 
ATOM   324  O O   . GLU A 1 45  ? 5.13515   -18.40962 0.06288   1.000 21.97968 ? 43  GLU A O   1 
ATOM   325  C CB  . GLU A 1 45  ? 5.53253   -16.51344 -2.23001  1.000 18.58296 ? 43  GLU A CB  1 
ATOM   326  C CG  . GLU A 1 45  ? 6.40657   -15.43301 -1.63514  1.000 16.64889 ? 43  GLU A CG  1 
ATOM   327  C CD  . GLU A 1 45  ? 7.42062   -14.93747 -2.65086  1.000 23.49479 ? 43  GLU A CD  1 
ATOM   328  O OE1 . GLU A 1 45  ? 7.01026   -14.38357 -3.69194  1.000 23.34163 ? 43  GLU A OE1 1 
ATOM   329  O OE2 . GLU A 1 45  ? 8.62612   -15.13595 -2.41649  1.000 25.76275 ? 43  GLU A OE2 1 
ATOM   330  N N   . LYS A 1 46  ? 4.44339   -16.51536 1.02493   1.000 16.29182 ? 44  LYS A N   1 
ATOM   331  C CA  . LYS A 1 46  ? 4.68053   -17.04613 2.37267   1.000 15.89410 ? 44  LYS A CA  1 
ATOM   332  C C   . LYS A 1 46  ? 3.43787   -17.69423 2.94971   1.000 17.77621 ? 44  LYS A C   1 
ATOM   333  O O   . LYS A 1 46  ? 3.49212   -18.17252 4.08396   1.000 20.71487 ? 44  LYS A O   1 
ATOM   334  C CB  . LYS A 1 46  ? 5.16202   -15.94700 3.33251   1.000 20.01728 ? 44  LYS A CB  1 
ATOM   335  C CG  . LYS A 1 46  ? 6.29025   -15.08276 2.81156   1.000 23.09862 ? 44  LYS A CG  1 
ATOM   336  C CD  . LYS A 1 46  ? 7.58429   -15.83340 2.67801   1.000 24.07757 ? 44  LYS A CD  1 
ATOM   337  C CE  . LYS A 1 46  ? 8.70697   -14.87750 2.27426   1.000 30.80303 ? 44  LYS A CE  1 
ATOM   338  N NZ  . LYS A 1 46  ? 9.97190   -15.61322 1.97772   1.000 28.78923 ? 44  LYS A NZ  1 
ATOM   339  N N   . GLY A 1 47  ? 2.31941   -17.67382 2.22482   1.000 16.93772 ? 45  GLY A N   1 
ATOM   340  C CA  . GLY A 1 47  ? 1.08572   -18.27243 2.70607   1.000 16.82417 ? 45  GLY A CA  1 
ATOM   341  C C   . GLY A 1 47  ? 0.09038   -17.29083 3.27366   1.000 18.56839 ? 45  GLY A C   1 
ATOM   342  O O   . GLY A 1 47  ? -0.92471  -17.71608 3.83828   1.000 20.92617 ? 45  GLY A O   1 
ATOM   343  N N   . PHE A 1 48  ? 0.36563   -15.99467 3.17127   1.000 17.93497 ? 46  PHE A N   1 
ATOM   344  C CA  . PHE A 1 48  ? -0.55069  -14.94833 3.59963   1.000 15.33436 ? 46  PHE A CA  1 
ATOM   345  C C   . PHE A 1 48  ? -0.21656  -13.70997 2.79236   1.000 14.75549 ? 46  PHE A C   1 
ATOM   346  O O   . PHE A 1 48  ? 0.83765   -13.63128 2.16537   1.000 15.18781 ? 46  PHE A O   1 
ATOM   347  C CB  . PHE A 1 48  ? -0.44233  -14.67636 5.11433   1.000 15.73894 ? 46  PHE A CB  1 
ATOM   348  C CG  . PHE A 1 48  ? 0.95938   -14.41370 5.60043   1.000 18.69767 ? 46  PHE A CG  1 
ATOM   349  C CD1 . PHE A 1 48  ? 1.50530   -13.13821 5.62420   1.000 17.13841 ? 46  PHE A CD1 1 
ATOM   350  C CD2 . PHE A 1 48  ? 1.73204   -15.46727 6.06863   1.000 17.91355 ? 46  PHE A CD2 1 
ATOM   351  C CE1 . PHE A 1 48  ? 2.78999   -12.90372 6.09506   1.000 19.28879 ? 46  PHE A CE1 1 
ATOM   352  C CE2 . PHE A 1 48  ? 3.02961   -15.24223 6.54603   1.000 19.00432 ? 46  PHE A CE2 1 
ATOM   353  C CZ  . PHE A 1 48  ? 3.56832   -13.95383 6.54623   1.000 21.54808 ? 46  PHE A CZ  1 
ATOM   354  N N   . GLY A 1 49  ? -1.12867  -12.75015 2.79838   1.000 13.57651 ? 47  GLY A N   1 
ATOM   355  C CA  . GLY A 1 49  ? -0.84249  -11.52253 2.07656   1.000 15.31653 ? 47  GLY A CA  1 
ATOM   356  C C   . GLY A 1 49  ? -2.10708  -10.77575 1.69350   1.000 12.12470 ? 47  GLY A C   1 
ATOM   357  O O   . GLY A 1 49  ? -3.16724  -10.94240 2.30085   1.000 13.45604 ? 47  GLY A O   1 
ATOM   358  N N   . TYR A 1 50  ? -1.93913  -9.91587  0.69535   1.000 11.98162 ? 48  TYR A N   1 
ATOM   359  C CA  . TYR A 1 50  ? -2.93337  -8.88920  0.40893   1.000 12.54603 ? 48  TYR A CA  1 
ATOM   360  C C   . TYR A 1 50  ? -4.15783  -9.36861  -0.35581  1.000 11.45129 ? 48  TYR A C   1 
ATOM   361  O O   . TYR A 1 50  ? -5.16529  -8.65556  -0.38328  1.000 12.40849 ? 48  TYR A O   1 
ATOM   362  C CB  . TYR A 1 50  ? -2.27852  -7.76913  -0.39388  1.000 13.25389 ? 48  TYR A CB  1 
ATOM   363  C CG  . TYR A 1 50  ? -1.21400  -7.00823  0.34116   1.000 10.05068 ? 48  TYR A CG  1 
ATOM   364  C CD1 . TYR A 1 50  ? -1.41192  -6.57938  1.65071   1.000 11.38325 ? 48  TYR A CD1 1 
ATOM   365  C CD2 . TYR A 1 50  ? -0.02869  -6.66292  -0.31868  1.000 10.44298 ? 48  TYR A CD2 1 
ATOM   366  C CE1 . TYR A 1 50  ? -0.42975  -5.85018  2.31014   1.000 11.75413 ? 48  TYR A CE1 1 
ATOM   367  C CE2 . TYR A 1 50  ? 0.97026   -5.91897  0.33672   1.000 10.87739 ? 48  TYR A CE2 1 
ATOM   368  C CZ  . TYR A 1 50  ? 0.74331   -5.50795  1.64283   1.000 11.63666 ? 48  TYR A CZ  1 
ATOM   369  O OH  . TYR A 1 50  ? 1.74985   -4.77950  2.24961   1.000 11.47099 ? 48  TYR A OH  1 
ATOM   370  N N   . LYS A 1 51  ? -4.09396  -10.50184 -1.03658  1.000 10.81595 ? 49  LYS A N   1 
ATOM   371  C CA  . LYS A 1 51  ? -5.21199  -10.85764 -1.90360  1.000 11.83929 ? 49  LYS A CA  1 
ATOM   372  C C   . LYS A 1 51  ? -6.50378  -10.94432 -1.10146  1.000 14.58628 ? 49  LYS A C   1 
ATOM   373  O O   . LYS A 1 51  ? -6.56846  -11.63397 -0.08775  1.000 15.30445 ? 49  LYS A O   1 
ATOM   374  C CB  . LYS A 1 51  ? -4.95115  -12.18424 -2.61781  1.000 13.78202 ? 49  LYS A CB  1 
ATOM   375  C CG  . LYS A 1 51  ? -6.07719  -12.53204 -3.58818  1.000 13.49014 ? 49  LYS A CG  1 
ATOM   376  C CD  . LYS A 1 51  ? -5.67207  -13.72084 -4.44256  1.000 16.94811 ? 49  LYS A CD  1 
ATOM   377  C CE  . LYS A 1 51  ? -6.81196  -14.08597 -5.37603  1.000 22.23285 ? 49  LYS A CE  1 
ATOM   378  N NZ  . LYS A 1 51  ? -6.50667  -15.40543 -5.98869  1.000 40.27250 ? 49  LYS A NZ  1 
ATOM   379  N N   . GLY A 1 52  ? -7.53549  -10.22888 -1.54722  1.000 12.89866 ? 50  GLY A N   1 
ATOM   380  C CA  . GLY A 1 52  ? -8.81642  -10.25946 -0.85832  1.000 14.78450 ? 50  GLY A CA  1 
ATOM   381  C C   . GLY A 1 52  ? -8.99895  -9.17838  0.18377   1.000 14.31367 ? 50  GLY A C   1 
ATOM   382  O O   . GLY A 1 52  ? -10.12212 -9.00129  0.68784   1.000 18.30127 ? 50  GLY A O   1 
ATOM   383  N N   . SER A 1 53  ? -7.94042  -8.47157  0.54439   1.000 12.55394 ? 51  SER A N   1 
ATOM   384  C CA  . SER A 1 53  ? -8.05712  -7.43256  1.55224   1.000 12.54010 ? 51  SER A CA  1 
ATOM   385  C C   . SER A 1 53  ? -8.61660  -6.15070  0.95818   1.000 14.31962 ? 51  SER A C   1 
ATOM   386  O O   . SER A 1 53  ? -8.80654  -6.01796  -0.24580  1.000 14.58944 ? 51  SER A O   1 
ATOM   387  C CB  . SER A 1 53  ? -6.70046  -7.19175  2.21915   1.000 13.83682 ? 51  SER A CB  1 
ATOM   388  O OG  . SER A 1 53  ? -5.74140  -6.66267  1.32426   1.000 15.03310 ? 51  SER A OG  1 
ATOM   389  N N   . CYS A 1 54  ? -8.88312  -5.18363  1.81606   1.000 14.95100 ? 52  CYS A N   1 
ATOM   390  C CA  . CYS A 1 54  ? -9.57077  -3.97957  1.38705   1.000 15.86145 ? 52  CYS A CA  1 
ATOM   391  C C   . CYS A 1 54  ? -8.76572  -2.73759  1.72921   1.000 15.04634 ? 52  CYS A C   1 
ATOM   392  O O   . CYS A 1 54  ? -7.80685  -2.77033  2.51062   1.000 14.45381 ? 52  CYS A O   1 
ATOM   393  C CB  . CYS A 1 54  ? -10.96073 -3.89666  2.03411   1.000 15.48929 ? 52  CYS A CB  1 
ATOM   394  S SG  . CYS A 1 54  ? -10.98404 -3.38278  3.80010   1.000 23.77634 ? 52  CYS A SG  1 
ATOM   395  N N   . PHE A 1 55  ? -9.18490  -1.63111  1.13564   1.000 12.39587 ? 53  PHE A N   1 
ATOM   396  C CA  . PHE A 1 55  ? -8.72029  -0.29967  1.53171   1.000 11.89886 ? 53  PHE A CA  1 
ATOM   397  C C   . PHE A 1 55  ? -9.67890  0.23761   2.57695   1.000 13.39667 ? 53  PHE A C   1 
ATOM   398  O O   . PHE A 1 55  ? -10.82094 0.61377   2.25758   1.000 16.89630 ? 53  PHE A O   1 
ATOM   399  C CB  . PHE A 1 55  ? -8.61819  0.64084   0.32836   1.000 12.46780 ? 53  PHE A CB  1 
ATOM   400  C CG  . PHE A 1 55  ? -7.41664  0.36138   -0.53483  1.000 12.72962 ? 53  PHE A CG  1 
ATOM   401  C CD1 . PHE A 1 55  ? -7.42338  -0.68832  -1.44292  1.000 17.08420 ? 53  PHE A CD1 1 
ATOM   402  C CD2 . PHE A 1 55  ? -6.24295  1.09495   -0.36197  1.000 13.09066 ? 53  PHE A CD2 1 
ATOM   403  C CE1 . PHE A 1 55  ? -6.29735  -0.97049  -2.21356  1.000 13.65842 ? 53  PHE A CE1 1 
ATOM   404  C CE2 . PHE A 1 55  ? -5.12275  0.83127   -1.11826  1.000 14.95239 ? 53  PHE A CE2 1 
ATOM   405  C CZ  . PHE A 1 55  ? -5.15560  -0.22140  -2.06313  1.000 13.63106 ? 53  PHE A CZ  1 
ATOM   406  N N   . HIS A 1 56  ? -9.22807  0.26171   3.82083   1.000 12.73602 ? 54  HIS A N   1 
ATOM   407  C CA  . HIS A 1 56  ? -10.13704 0.56214   4.91427   1.000 12.38276 ? 54  HIS A CA  1 
ATOM   408  C C   . HIS A 1 56  ? -10.29525 2.04946   5.15811   1.000 14.25256 ? 54  HIS A C   1 
ATOM   409  O O   . HIS A 1 56  ? -11.28836 2.43701   5.78246   1.000 15.80317 ? 54  HIS A O   1 
ATOM   410  C CB  . HIS A 1 56  ? -9.67807  -0.14029  6.20065   1.000 14.78119 ? 54  HIS A CB  1 
ATOM   411  C CG  . HIS A 1 56  ? -8.30845  0.24399   6.65648   1.000 14.57849 ? 54  HIS A CG  1 
ATOM   412  N ND1 . HIS A 1 56  ? -7.17312  -0.41143  6.23785   1.000 14.65625 ? 54  HIS A ND1 1 
ATOM   413  C CD2 . HIS A 1 56  ? -7.89581  1.21902   7.50378   1.000 13.66549 ? 54  HIS A CD2 1 
ATOM   414  C CE1 . HIS A 1 56  ? -6.11724  0.13985   6.81520   1.000 14.30456 ? 54  HIS A CE1 1 
ATOM   415  N NE2 . HIS A 1 56  ? -6.53169  1.12079   7.59727   1.000 14.88200 ? 54  HIS A NE2 1 
ATOM   416  N N   . ARG A 1 57  ? -9.38180  2.88692   4.67267   1.000 12.36346 ? 55  ARG A N   1 
ATOM   417  C CA  . ARG A 1 57  ? -9.48683  4.31789   4.89547   1.000 11.89584 ? 55  ARG A CA  1 
ATOM   418  C C   . ARG A 1 57  ? -9.03851  5.02165   3.62591   1.000 14.12791 ? 55  ARG A C   1 
ATOM   419  O O   . ARG A 1 57  ? -7.91627  4.80739   3.15790   1.000 15.03032 ? 55  ARG A O   1 
ATOM   420  C CB  . ARG A 1 57  ? -8.62903  4.74421   6.09137   1.000 15.17333 ? 55  ARG A CB  1 
ATOM   421  C CG  . ARG A 1 57  ? -8.81649  6.18872   6.44793   1.000 17.37596 ? 55  ARG A CG  1 
ATOM   422  C CD  . ARG A 1 57  ? -8.54789  6.45439   7.92459   1.000 20.81505 ? 55  ARG A CD  1 
ATOM   423  N NE  . ARG A 1 57  ? -7.14762  6.32445   8.30175   1.000 20.62380 ? 55  ARG A NE  1 
ATOM   424  C CZ  . ARG A 1 57  ? -6.66321  5.35924   9.08697   1.000 18.31144 ? 55  ARG A CZ  1 
ATOM   425  N NH1 . ARG A 1 57  ? -7.45186  4.41676   9.56630   1.000 21.27558 ? 55  ARG A NH1 1 
ATOM   426  N NH2 . ARG A 1 57  ? -5.37220  5.36435   9.40023   1.000 19.15851 ? 55  ARG A NH2 1 
ATOM   427  N N   . ILE A 1 58  ? -9.92265  5.78891   3.01671   1.000 10.92785 ? 56  ILE A N   1 
ATOM   428  C CA  . ILE A 1 58  ? -9.61637  6.52402   1.80161   1.000 10.80438 ? 56  ILE A CA  1 
ATOM   429  C C   . ILE A 1 58  ? -10.05161 7.95876   2.04668   1.000 11.02195 ? 56  ILE A C   1 
ATOM   430  O O   . ILE A 1 58  ? -11.25929 8.21856   2.20447   1.000 11.97894 ? 56  ILE A O   1 
ATOM   431  C CB  . ILE A 1 58  ? -10.33026 5.94699   0.57684   1.000 12.91166 ? 56  ILE A CB  1 
ATOM   432  C CG1 . ILE A 1 58  ? -9.81156  4.54364   0.29553   1.000 12.96663 ? 56  ILE A CG1 1 
ATOM   433  C CG2 . ILE A 1 58  ? -10.07792 6.82400   -0.64740  1.000 14.03268 ? 56  ILE A CG2 1 
ATOM   434  C CD1 . ILE A 1 58  ? -10.49874 3.92762   -0.92372  1.000 15.80944 ? 56  ILE A CD1 1 
ATOM   435  N N   . ILE A 1 59  ? -9.08889  8.87170   2.11626   1.000 10.18945 ? 57  ILE A N   1 
ATOM   436  C CA  . ILE A 1 59  ? -9.37804  10.28652  2.34339   1.000 11.97572 ? 57  ILE A CA  1 
ATOM   437  C C   . ILE A 1 59  ? -9.00831  11.03274  1.06458   1.000 13.06044 ? 57  ILE A C   1 
ATOM   438  O O   . ILE A 1 59  ? -7.81342  11.17471  0.74806   1.000 12.89426 ? 57  ILE A O   1 
ATOM   439  C CB  . ILE A 1 59  ? -8.61151  10.82135  3.55640   1.000 11.32071 ? 57  ILE A CB  1 
ATOM   440  C CG1 . ILE A 1 59  ? -9.01370  10.03638  4.81452   1.000 13.93765 ? 57  ILE A CG1 1 
ATOM   441  C CG2 . ILE A 1 59  ? -8.93592  12.32061  3.70962   1.000 13.95265 ? 57  ILE A CG2 1 
ATOM   442  C CD1 . ILE A 1 59  ? -8.12517  10.31411  6.01187   1.000 14.27790 ? 57  ILE A CD1 1 
ATOM   443  N N   . PRO A 1 60  ? -9.98040  11.48935  0.28293   1.000 13.29205 ? 58  PRO A N   1 
ATOM   444  C CA  . PRO A 1 60  ? -9.66508  12.17647  -0.97102  1.000 14.05325 ? 58  PRO A CA  1 
ATOM   445  C C   . PRO A 1 60  ? -8.78101  13.38660  -0.73374  1.000 13.89529 ? 58  PRO A C   1 
ATOM   446  O O   . PRO A 1 60  ? -8.90383  14.09654  0.27229   1.000 15.03758 ? 58  PRO A O   1 
ATOM   447  C CB  . PRO A 1 60  ? -11.04986 12.56533  -1.50758  1.000 15.31455 ? 58  PRO A CB  1 
ATOM   448  C CG  . PRO A 1 60  ? -11.97363 11.55583  -0.90704  1.000 14.43258 ? 58  PRO A CG  1 
ATOM   449  C CD  . PRO A 1 60  ? -11.42915 11.36839  0.50717   1.000 14.42367 ? 58  PRO A CD  1 
ATOM   450  N N   . GLY A 1 61  ? -7.83806  13.58056  -1.64462  1.000 14.04307 ? 59  GLY A N   1 
ATOM   451  C CA  . GLY A 1 61  ? -6.89260  14.66235  -1.45401  1.000 14.80812 ? 59  GLY A CA  1 
ATOM   452  C C   . GLY A 1 61  ? -5.84253  14.38730  -0.41003  1.000 15.87601 ? 59  GLY A C   1 
ATOM   453  O O   . GLY A 1 61  ? -5.16493  15.31919  0.03697   1.000 16.56053 ? 59  GLY A O   1 
ATOM   454  N N   . PHE A 1 62  ? -5.67796  13.12941  -0.01070  1.000 14.74152 ? 60  PHE A N   1 
ATOM   455  C CA  . PHE A 1 62  ? -4.69121  12.76855  0.99348   1.000 10.00063 ? 60  PHE A CA  1 
ATOM   456  C C   . PHE A 1 62  ? -4.07171  11.40887  0.66600   1.000 10.05274 ? 60  PHE A C   1 
ATOM   457  O O   . PHE A 1 62  ? -2.94192  11.35052  0.16934   1.000 13.00448 ? 60  PHE A O   1 
ATOM   458  C CB  . PHE A 1 62  ? -5.36179  12.79480  2.37046   1.000 12.34657 ? 60  PHE A CB  1 
ATOM   459  C CG  . PHE A 1 62  ? -4.45289  12.48996  3.54825   1.000 10.44194 ? 60  PHE A CG  1 
ATOM   460  C CD1 . PHE A 1 62  ? -3.05401  12.48303  3.43526   1.000 11.84012 ? 60  PHE A CD1 1 
ATOM   461  C CD2 . PHE A 1 62  ? -5.01258  12.27031  4.80091   1.000 13.99114 ? 60  PHE A CD2 1 
ATOM   462  C CE1 . PHE A 1 62  ? -2.25641  12.20433  4.55392   1.000 14.45005 ? 60  PHE A CE1 1 
ATOM   463  C CE2 . PHE A 1 62  ? -4.18427  12.03199  5.90845   1.000 13.40540 ? 60  PHE A CE2 1 
ATOM   464  C CZ  . PHE A 1 62  ? -2.82608  11.97734  5.77493   1.000 14.72710 ? 60  PHE A CZ  1 
ATOM   465  N N   . MET A 1 63  ? -4.78402  10.31934  0.93308   1.000 12.12945 ? 61  MET A N   1 
ATOM   466  C CA  . MET A 1 63  ? -4.18075  9.00853   0.68750   1.000 12.03448 ? 61  MET A CA  1 
ATOM   467  C C   . MET A 1 63  ? -5.24447  7.92466   0.78090   1.000 10.79748 ? 61  MET A C   1 
ATOM   468  O O   . MET A 1 63  ? -6.34285  8.14033   1.30686   1.000 12.88773 ? 61  MET A O   1 
ATOM   469  C CB  . MET A 1 63  ? -3.03031  8.73191   1.66420   1.000 12.43674 ? 61  MET A CB  1 
ATOM   470  C CG  . MET A 1 63  ? -3.46253  8.75947   3.13243   1.000 14.32731 ? 61  MET A CG  1 
ATOM   471  S SD  . MET A 1 63  ? -4.06730  7.12602   3.70359   1.000 14.32972 ? 61  MET A SD  1 
ATOM   472  C CE  . MET A 1 63  ? -5.56599  7.52316   4.62096   1.000 16.51970 ? 61  MET A CE  1 
ATOM   473  N N   . CYS A 1 64  ? -4.88893  6.75250   0.24265   1.000 10.01237 ? 62  CYS A N   1 
ATOM   474  C CA  . CYS A 1 64  ? -5.64936  5.51073   0.37778   1.000 12.50048 ? 62  CYS A CA  1 
ATOM   475  C C   . CYS A 1 64  ? -4.82025  4.53255   1.19095   1.000 12.77764 ? 62  CYS A C   1 
ATOM   476  O O   . CYS A 1 64  ? -3.66931  4.26555   0.82856   1.000 12.62136 ? 62  CYS A O   1 
ATOM   477  C CB  . CYS A 1 64  ? -5.92048  4.87327   -0.98093  1.000 11.83398 ? 62  CYS A CB  1 
ATOM   478  S SG  . CYS A 1 64  ? -6.76012  5.90413   -2.19584  1.000 16.87722 ? 62  CYS A SG  1 
ATOM   479  N N   . GLN A 1 65  ? -5.40102  3.96215   2.24400   1.000 9.95100  ? 63  GLN A N   1 
ATOM   480  C CA  . GLN A 1 65  ? -4.68436  3.05705   3.13167   1.000 9.59172  ? 63  GLN A CA  1 
ATOM   481  C C   . GLN A 1 65  ? -5.29928  1.66859   3.08815   1.000 11.41306 ? 63  GLN A C   1 
ATOM   482  O O   . GLN A 1 65  ? -6.52517  1.51578   3.17718   1.000 12.22746 ? 63  GLN A O   1 
ATOM   483  C CB  . GLN A 1 65  ? -4.66466  3.60275   4.55480   1.000 10.88039 ? 63  GLN A CB  1 
ATOM   484  C CG  . GLN A 1 65  ? -3.84942  2.77124   5.51829   1.000 11.86070 ? 63  GLN A CG  1 
ATOM   485  C CD  . GLN A 1 65  ? -3.65077  3.47025   6.83968   1.000 13.74777 ? 63  GLN A CD  1 
ATOM   486  O OE1 . GLN A 1 65  ? -3.74635  4.68464   6.91012   1.000 14.83699 ? 63  GLN A OE1 1 
ATOM   487  N NE2 . GLN A 1 65  ? -3.43859  2.71626   7.90271   1.000 11.96168 ? 63  GLN A NE2 1 
ATOM   488  N N   . GLY A 1 66  ? -4.43230  0.66349   2.99877   1.000 10.66784 ? 64  GLY A N   1 
ATOM   489  C CA  . GLY A 1 66  ? -4.86611  -0.72145  3.00543   1.000 10.91282 ? 64  GLY A CA  1 
ATOM   490  C C   . GLY A 1 66  ? -3.88618  -1.66830  3.66135   1.000 12.70829 ? 64  GLY A C   1 
ATOM   491  O O   . GLY A 1 66  ? -3.00281  -1.23551  4.41002   1.000 10.96252 ? 64  GLY A O   1 
ATOM   492  N N   . GLY A 1 67  ? -4.06016  -2.96619  3.42502   1.000 11.27292 ? 65  GLY A N   1 
ATOM   493  C CA  . GLY A 1 67  ? -3.10988  -3.96503  3.83373   1.000 13.76266 ? 65  GLY A CA  1 
ATOM   494  C C   . GLY A 1 67  ? -3.39372  -4.67055  5.13498   1.000 12.59425 ? 65  GLY A C   1 
ATOM   495  O O   . GLY A 1 67  ? -2.54251  -5.45445  5.57363   1.000 12.21229 ? 65  GLY A O   1 
ATOM   496  N N   . ASP A 1 68  ? -4.52067  -4.39479  5.79621   1.000 11.40422 ? 66  ASP A N   1 
ATOM   497  C CA  . ASP A 1 68  ? -4.85600  -5.10412  7.03936   1.000 13.12080 ? 66  ASP A CA  1 
ATOM   498  C C   . ASP A 1 68  ? -5.62572  -6.38326  6.71495   1.000 12.15937 ? 66  ASP A C   1 
ATOM   499  O O   . ASP A 1 68  ? -6.86841  -6.41361  6.68420   1.000 14.62072 ? 66  ASP A O   1 
ATOM   500  C CB  . ASP A 1 68  ? -5.63610  -4.21256  7.98552   1.000 12.43355 ? 66  ASP A CB  1 
ATOM   501  C CG  . ASP A 1 68  ? -6.00645  -4.91249  9.25905   1.000 12.56699 ? 66  ASP A CG  1 
ATOM   502  O OD1 . ASP A 1 68  ? -5.58222  -6.08212  9.43946   1.000 12.65731 ? 66  ASP A OD1 1 
ATOM   503  O OD2 . ASP A 1 68  ? -6.67027  -4.24899  10.08621  1.000 12.83759 ? 66  ASP A OD2 1 
ATOM   504  N N   . PHE A 1 69  ? -4.88468  -7.47391  6.51433   1.000 11.60215 ? 67  PHE A N   1 
ATOM   505  C CA  . PHE A 1 69  ? -5.52595  -8.73794  6.18916   1.000 13.80206 ? 67  PHE A CA  1 
ATOM   506  C C   . PHE A 1 69  ? -5.76908  -9.60683  7.41034   1.000 15.55654 ? 67  PHE A C   1 
ATOM   507  O O   . PHE A 1 69  ? -6.27563  -10.72028 7.25203   1.000 14.21737 ? 67  PHE A O   1 
ATOM   508  C CB  . PHE A 1 69  ? -4.71670  -9.49306  5.12578   1.000 15.20733 ? 67  PHE A CB  1 
ATOM   509  C CG  . PHE A 1 69  ? -3.29797  -9.74559  5.49548   1.000 14.20834 ? 67  PHE A CG  1 
ATOM   510  C CD1 . PHE A 1 69  ? -2.97167  -10.81143 6.30790   1.000 18.52808 ? 67  PHE A CD1 1 
ATOM   511  C CD2 . PHE A 1 69  ? -2.25576  -8.91833  5.02593   1.000 15.44817 ? 67  PHE A CD2 1 
ATOM   512  C CE1 . PHE A 1 69  ? -1.64900  -11.05289 6.66589   1.000 17.28736 ? 67  PHE A CE1 1 
ATOM   513  C CE2 . PHE A 1 69  ? -0.94853  -9.17234  5.37813   1.000 15.54792 ? 67  PHE A CE2 1 
ATOM   514  C CZ  . PHE A 1 69  ? -0.64675  -10.20112 6.21883   1.000 16.69121 ? 67  PHE A CZ  1 
ATOM   515  N N   . THR A 1 70  ? -5.48476  -9.13186  8.63230   1.000 12.57288 ? 68  THR A N   1 
ATOM   516  C CA  . THR A 1 70  ? -5.80246  -9.96341  9.79668   1.000 15.73079 ? 68  THR A CA  1 
ATOM   517  C C   . THR A 1 70  ? -6.97152  -9.45513  10.61192  1.000 15.45552 ? 68  THR A C   1 
ATOM   518  O O   . THR A 1 70  ? -7.66100  -10.27228 11.22308  1.000 14.34528 ? 68  THR A O   1 
ATOM   519  C CB  . THR A 1 70  ? -4.61163  -10.12937 10.74022  1.000 19.58454 ? 68  THR A CB  1 
ATOM   520  O OG1 . THR A 1 70  ? -4.29085  -8.88059  11.36244  1.000 16.62754 ? 68  THR A OG1 1 
ATOM   521  C CG2 . THR A 1 70  ? -3.39562  -10.71792 10.00368  1.000 19.25647 ? 68  THR A CG2 1 
ATOM   522  N N   . ARG A 1 71  ? -7.26515  -8.15016  10.58745  1.000 12.64912 ? 69  ARG A N   1 
ATOM   523  C CA  . ARG A 1 71  ? -8.40446  -7.58496  11.31036  1.000 14.18436 ? 69  ARG A CA  1 
ATOM   524  C C   . ARG A 1 71  ? -9.31370  -6.76650  10.41915  1.000 15.43659 ? 69  ARG A C   1 
ATOM   525  O O   . ARG A 1 71  ? -10.42819 -6.44218  10.84899  1.000 15.31697 ? 69  ARG A O   1 
ATOM   526  C CB  . ARG A 1 71  ? -7.94282  -6.74122  12.51569  1.000 12.80175 ? 69  ARG A CB  1 
ATOM   527  C CG  . ARG A 1 71  ? -7.11816  -7.58960  13.49557  1.000 16.68993 ? 69  ARG A CG  1 
ATOM   528  C CD  . ARG A 1 71  ? -6.75021  -6.86348  14.75774  1.000 18.93601 ? 69  ARG A CD  1 
ATOM   529  N NE  . ARG A 1 71  ? -7.93896  -6.41063  15.45675  1.000 21.72371 ? 69  ARG A NE  1 
ATOM   530  C CZ  . ARG A 1 71  ? -8.78738  -7.21807  16.07682  1.000 24.88182 ? 69  ARG A CZ  1 
ATOM   531  N NH1 . ARG A 1 71  ? -8.56275  -8.54810  16.13177  1.000 26.25750 ? 69  ARG A NH1 1 
ATOM   532  N NH2 . ARG A 1 71  ? -9.84483  -6.67368  16.66027  1.000 22.00531 ? 69  ARG A NH2 1 
ATOM   533  N N   . HIS A 1 72  ? -8.90568  -6.46040  9.17862   1.000 12.68459 ? 70  HIS A N   1 
ATOM   534  C CA  . HIS A 1 72  ? -9.77333  -5.91963  8.12810   1.000 13.68245 ? 70  HIS A CA  1 
ATOM   535  C C   . HIS A 1 72  ? -10.29084 -4.52279  8.42637   1.000 17.90615 ? 70  HIS A C   1 
ATOM   536  O O   . HIS A 1 72  ? -11.20044 -4.04027  7.72721   1.000 20.78121 ? 70  HIS A O   1 
ATOM   537  C CB  . HIS A 1 72  ? -10.93909 -6.87885  7.84188   1.000 15.89407 ? 70  HIS A CB  1 
ATOM   538  C CG  . HIS A 1 72  ? -10.59471 -8.30277  8.12484   1.000 14.03579 ? 70  HIS A CG  1 
ATOM   539  N ND1 . HIS A 1 72  ? -9.65893  -9.00444  7.39372   1.000 15.66527 ? 70  HIS A ND1 1 
ATOM   540  C CD2 . HIS A 1 72  ? -11.02485 -9.14508  9.10127   1.000 15.78676 ? 70  HIS A CD2 1 
ATOM   541  C CE1 . HIS A 1 72  ? -9.52578  -10.22043 7.90985   1.000 15.35964 ? 70  HIS A CE1 1 
ATOM   542  N NE2 . HIS A 1 72  ? -10.34796 -10.32547 8.94479   1.000 15.32194 ? 70  HIS A NE2 1 
ATOM   543  N N   . ASN A 1 73  ? -9.71288  -3.82559  9.38778   1.000 16.06043 ? 71  ASN A N   1 
ATOM   544  C CA  . ASN A 1 73  ? -10.26176 -2.52533  9.75779   1.000 16.58680 ? 71  ASN A CA  1 
ATOM   545  C C   . ASN A 1 73  ? -9.19416  -1.48561  10.05867  1.000 16.50331 ? 71  ASN A C   1 
ATOM   546  O O   . ASN A 1 73  ? -9.54014  -0.36828  10.47190  1.000 17.91137 ? 71  ASN A O   1 
ATOM   547  C CB  . ASN A 1 73  ? -11.20163 -2.69196  10.96607  1.000 15.92903 ? 71  ASN A CB  1 
ATOM   548  C CG  . ASN A 1 73  ? -10.47129 -3.13709  12.22641  1.000 15.19161 ? 71  ASN A CG  1 
ATOM   549  O OD1 . ASN A 1 73  ? -9.25203  -3.36335  12.22425  1.000 15.01230 ? 71  ASN A OD1 1 
ATOM   550  N ND2 . ASN A 1 73  ? -11.20465 -3.22173  13.33397  1.000 18.24274 ? 71  ASN A ND2 1 
ATOM   551  N N   . GLY A 1 74  ? -7.91654  -1.78191  9.81866   1.000 13.12497 ? 72  GLY A N   1 
ATOM   552  C CA  . GLY A 1 74  ? -6.84554  -0.85965  10.12442  1.000 14.61765 ? 72  GLY A CA  1 
ATOM   553  C C   . GLY A 1 74  ? -6.15358  -1.06440  11.44774  1.000 16.00754 ? 72  GLY A C   1 
ATOM   554  O O   . GLY A 1 74  ? -5.23528  -0.29884  11.77005  1.000 16.61740 ? 72  GLY A O   1 
ATOM   555  N N   . THR A 1 75  ? -6.53919  -2.08172  12.23001  1.000 14.22486 ? 73  THR A N   1 
ATOM   556  C CA  . THR A 1 75  ? -5.84255  -2.34543  13.47762  1.000 14.02066 ? 73  THR A CA  1 
ATOM   557  C C   . THR A 1 75  ? -4.86548  -3.50513  13.38910  1.000 15.74675 ? 73  THR A C   1 
ATOM   558  O O   . THR A 1 75  ? -4.10167  -3.69940  14.33786  1.000 20.31862 ? 73  THR A O   1 
ATOM   559  C CB  . THR A 1 75  ? -6.83793  -2.61723  14.62098  1.000 14.29680 ? 73  THR A CB  1 
ATOM   560  O OG1 . THR A 1 75  ? -7.62934  -3.77642  14.32647  1.000 15.39344 ? 73  THR A OG1 1 
ATOM   561  C CG2 . THR A 1 75  ? -7.73633  -1.43516  14.82028  1.000 16.91283 ? 73  THR A CG2 1 
ATOM   562  N N   . GLY A 1 76  ? -4.84086  -4.26970  12.28420  1.000 12.62188 ? 74  GLY A N   1 
ATOM   563  C CA  . GLY A 1 76  ? -3.99072  -5.44697  12.24804  1.000 13.07828 ? 74  GLY A CA  1 
ATOM   564  C C   . GLY A 1 76  ? -2.99459  -5.51012  11.11769  1.000 14.87369 ? 74  GLY A C   1 
ATOM   565  O O   . GLY A 1 76  ? -2.51831  -4.47204  10.64446  1.000 17.12848 ? 74  GLY A O   1 
ATOM   566  N N   . GLY A 1 77  ? -2.70332  -6.72268  10.65516  1.000 17.75431 ? 75  GLY A N   1 
ATOM   567  C CA  . GLY A 1 77  ? -1.65100  -6.92867  9.68562   1.000 19.29727 ? 75  GLY A CA  1 
ATOM   568  C C   . GLY A 1 77  ? -0.38561  -7.48009  10.33076  1.000 15.99202 ? 75  GLY A C   1 
ATOM   569  O O   . GLY A 1 77  ? -0.19880  -7.44474  11.54468  1.000 18.57268 ? 75  GLY A O   1 
ATOM   570  N N   . LYS A 1 78  ? 0.46749   -8.03409  9.48643   1.000 14.20361 ? 76  LYS A N   1 
ATOM   571  C CA  . LYS A 1 78  ? 1.75367   -8.55701  9.93028   1.000 15.69735 ? 76  LYS A CA  1 
ATOM   572  C C   . LYS A 1 78  ? 2.69268   -8.61713  8.73655   1.000 13.57673 ? 76  LYS A C   1 
ATOM   573  O O   . LYS A 1 78  ? 2.27166   -8.75936  7.58696   1.000 14.01417 ? 76  LYS A O   1 
ATOM   574  C CB  . LYS A 1 78  ? 1.64963   -9.95349  10.58450  1.000 17.95741 ? 76  LYS A CB  1 
ATOM   575  C CG  . LYS A 1 78  ? 1.19587   -11.04996 9.62968   1.000 17.26458 ? 76  LYS A CG  1 
ATOM   576  C CD  . LYS A 1 78  ? 1.11592   -12.39483 10.30690  1.000 20.68017 ? 76  LYS A CD  1 
ATOM   577  C CE  . LYS A 1 78  ? 0.70850   -13.48028 9.32220   1.000 22.44976 ? 76  LYS A CE  1 
ATOM   578  N NZ  . LYS A 1 78  ? 0.64167   -14.78115 10.04864  1.000 24.99724 ? 76  LYS A NZ  1 
ATOM   579  N N   . SER A 1 79  ? 3.96870   -8.53907  9.02702   1.000 14.33825 ? 77  SER A N   1 
ATOM   580  C CA  . SER A 1 79  ? 4.96609   -8.58590  7.96372   1.000 12.82506 ? 77  SER A CA  1 
ATOM   581  C C   . SER A 1 79  ? 5.44808   -10.01216 7.73632   1.000 13.89271 ? 77  SER A C   1 
ATOM   582  O O   . SER A 1 79  ? 5.12198   -10.93807 8.48257   1.000 16.10513 ? 77  SER A O   1 
ATOM   583  C CB  . SER A 1 79  ? 6.15766   -7.67933  8.27947   1.000 13.23089 ? 77  SER A CB  1 
ATOM   584  O OG  . SER A 1 79  ? 7.10154   -8.32835  9.15844   1.000 15.09340 ? 77  SER A OG  1 
ATOM   585  N N   . ILE A 1 80  ? 6.28656   -10.16897 6.70914   1.000 13.14813 ? 78  ILE A N   1 
ATOM   586  C CA  . ILE A 1 80  ? 6.90729   -11.47270 6.46830   1.000 13.27064 ? 78  ILE A CA  1 
ATOM   587  C C   . ILE A 1 80  ? 8.04118   -11.75151 7.44810   1.000 15.47873 ? 78  ILE A C   1 
ATOM   588  O O   . ILE A 1 80  ? 8.59189   -12.85788 7.43666   1.000 18.72405 ? 78  ILE A O   1 
ATOM   589  C CB  . ILE A 1 80  ? 7.43688   -11.62075 5.02341   1.000 15.06520 ? 78  ILE A CB  1 
ATOM   590  C CG1 . ILE A 1 80  ? 8.57896   -10.63195 4.74086   1.000 15.82922 ? 78  ILE A CG1 1 
ATOM   591  C CG2 . ILE A 1 80  ? 6.31171   -11.48786 4.01106   1.000 18.40764 ? 78  ILE A CG2 1 
ATOM   592  C CD1 . ILE A 1 80  ? 9.28043   -10.90228 3.38509   1.000 15.17984 ? 78  ILE A CD1 1 
ATOM   593  N N   . TYR A 1 81  ? 8.40191   -10.79182 8.30263   1.000 13.68517 ? 79  TYR A N   1 
ATOM   594  C CA  . TYR A 1 81  ? 9.48690   -10.92359 9.27297   1.000 14.63959 ? 79  TYR A CA  1 
ATOM   595  C C   . TYR A 1 81  ? 8.97120   -11.09251 10.69136  1.000 18.95321 ? 79  TYR A C   1 
ATOM   596  O O   . TYR A 1 81  ? 9.76119   -11.03781 11.63489  1.000 24.49986 ? 79  TYR A O   1 
ATOM   597  C CB  . TYR A 1 81  ? 10.38085  -9.68715  9.22202   1.000 18.01944 ? 79  TYR A CB  1 
ATOM   598  C CG  . TYR A 1 81  ? 10.77971  -9.28089  7.82965   1.000 15.21646 ? 79  TYR A CG  1 
ATOM   599  C CD1 . TYR A 1 81  ? 11.62510  -10.09525 7.07615   1.000 15.27252 ? 79  TYR A CD1 1 
ATOM   600  C CD2 . TYR A 1 81  ? 10.31644  -8.08346  7.25503   1.000 13.88205 ? 79  TYR A CD2 1 
ATOM   601  C CE1 . TYR A 1 81  ? 12.00651  -9.74724  5.81028   1.000 14.94400 ? 79  TYR A CE1 1 
ATOM   602  C CE2 . TYR A 1 81  ? 10.71955  -7.71276  5.97138   1.000 13.81946 ? 79  TYR A CE2 1 
ATOM   603  C CZ  . TYR A 1 81  ? 11.54834  -8.56032  5.26699   1.000 15.43413 ? 79  TYR A CZ  1 
ATOM   604  O OH  . TYR A 1 81  ? 11.94546  -8.22660  4.00739   1.000 16.29522 ? 79  TYR A OH  1 
ATOM   605  N N   . GLY A 1 82  ? 7.67229   -11.19731 10.86466  1.000 18.45592 ? 80  GLY A N   1 
ATOM   606  C CA  . GLY A 1 82  ? 7.05901   -11.15873 12.17642  1.000 22.22943 ? 80  GLY A CA  1 
ATOM   607  C C   . GLY A 1 82  ? 6.01652   -10.06527 12.23627  1.000 19.30770 ? 80  GLY A C   1 
ATOM   608  O O   . GLY A 1 82  ? 5.73291   -9.38635  11.25202  1.000 19.02308 ? 80  GLY A O   1 
ATOM   609  N N   . GLU A 1 83  ? 5.42830   -9.90072  13.41863  1.000 16.93461 ? 81  GLU A N   1 
ATOM   610  C CA  . GLU A 1 83  ? 4.32005   -8.95366  13.49990  1.000 18.02642 ? 81  GLU A CA  1 
ATOM   611  C C   . GLU A 1 83  ? 4.74947   -7.55108  13.08762  1.000 19.90097 ? 81  GLU A C   1 
ATOM   612  O O   . GLU A 1 83  ? 3.99576   -6.82453  12.42412  1.000 20.27685 ? 81  GLU A O   1 
ATOM   613  C CB  . GLU A 1 83  ? 3.71393   -8.91503  14.89854  1.000 20.01788 ? 81  GLU A CB  1 
ATOM   614  C CG  . GLU A 1 83  ? 2.37359   -8.19441  14.81475  1.000 27.59211 ? 81  GLU A CG  1 
ATOM   615  C CD  . GLU A 1 83  ? 1.61946   -8.15268  16.11292  1.000 52.31638 ? 81  GLU A CD  1 
ATOM   616  O OE1 . GLU A 1 83  ? 0.39204   -7.91430  16.07220  1.000 61.91032 ? 81  GLU A OE1 1 
ATOM   617  O OE2 . GLU A 1 83  ? 2.25338   -8.34753  17.17005  1.000 53.73484 ? 81  GLU A OE2 1 
ATOM   618  N N   . LYS A 1 84  ? 5.94428   -7.15137  13.48188  1.000 16.39104 ? 82  LYS A N   1 
ATOM   619  C CA  . LYS A 1 84  ? 6.48566   -5.83059  13.20797  1.000 14.45824 ? 82  LYS A CA  1 
ATOM   620  C C   . LYS A 1 84  ? 7.90448   -5.96860  12.68343  1.000 15.20085 ? 82  LYS A C   1 
ATOM   621  O O   . LYS A 1 84  ? 8.62049   -6.93076  13.00686  1.000 16.09836 ? 82  LYS A O   1 
ATOM   622  C CB  . LYS A 1 84  ? 6.56021   -4.97174  14.48831  1.000 18.12323 ? 82  LYS A CB  1 
ATOM   623  C CG  . LYS A 1 84  ? 5.25324   -4.48083  15.07600  1.000 36.70255 ? 82  LYS A CG  1 
ATOM   624  C CD  . LYS A 1 84  ? 5.52394   -3.83979  16.45311  1.000 39.69799 ? 82  LYS A CD  1 
ATOM   625  C CE  . LYS A 1 84  ? 4.26452   -3.75909  17.32548  1.000 43.14975 ? 82  LYS A CE  1 
ATOM   626  N NZ  . LYS A 1 84  ? 4.17648   -2.48689  18.11183  1.000 43.50371 ? 82  LYS A NZ  1 
ATOM   627  N N   . PHE A 1 85  ? 8.34420   -4.96344  11.91650  1.000 12.52722 ? 83  PHE A N   1 
ATOM   628  C CA  . PHE A 1 85  ? 9.76372   -4.80923  11.63377  1.000 12.84522 ? 83  PHE A CA  1 
ATOM   629  C C   . PHE A 1 85  ? 10.13578  -3.33192  11.60088  1.000 11.96030 ? 83  PHE A C   1 
ATOM   630  O O   . PHE A 1 85  ? 9.28496   -2.42631  11.62451  1.000 13.17371 ? 83  PHE A O   1 
ATOM   631  C CB  . PHE A 1 85  ? 10.18632  -5.50943  10.33474  1.000 13.18687 ? 83  PHE A CB  1 
ATOM   632  C CG  . PHE A 1 85  ? 9.62495   -4.89340  9.05621   1.000 11.82612 ? 83  PHE A CG  1 
ATOM   633  C CD1 . PHE A 1 85  ? 8.29136   -5.12099  8.68068   1.000 12.75209 ? 83  PHE A CD1 1 
ATOM   634  C CD2 . PHE A 1 85  ? 10.44519  -4.17393  8.18630   1.000 13.16422 ? 83  PHE A CD2 1 
ATOM   635  C CE1 . PHE A 1 85  ? 7.79732   -4.59022  7.47063   1.000 12.13797 ? 83  PHE A CE1 1 
ATOM   636  C CE2 . PHE A 1 85  ? 9.96013   -3.64262  6.97094   1.000 13.60545 ? 83  PHE A CE2 1 
ATOM   637  C CZ  . PHE A 1 85  ? 8.65273   -3.87579  6.60255   1.000 13.52070 ? 83  PHE A CZ  1 
ATOM   638  N N   . GLU A 1 86  ? 11.43950  -3.09818  11.65332  1.000 12.67313 ? 84  GLU A N   1 
ATOM   639  C CA  . GLU A 1 86  ? 11.97177  -1.76295  11.88942  1.000 11.99735 ? 84  GLU A CA  1 
ATOM   640  C C   . GLU A 1 86  ? 11.77807  -0.83904  10.69055  1.000 12.36330 ? 84  GLU A C   1 
ATOM   641  O O   . GLU A 1 86  ? 11.58260  -1.27097  9.54745   1.000 13.86406 ? 84  GLU A O   1 
ATOM   642  C CB  . GLU A 1 86  ? 13.46292  -1.86258  12.22379  1.000 14.09152 ? 84  GLU A CB  1 
ATOM   643  C CG  . GLU A 1 86  ? 14.30380  -2.30728  11.06707  1.000 15.47738 ? 84  GLU A CG  1 
ATOM   644  C CD  . GLU A 1 86  ? 14.47504  -3.82947  10.94096  1.000 16.18067 ? 84  GLU A CD  1 
ATOM   645  O OE1 . GLU A 1 86  ? 13.64234  -4.62180  11.46983  1.000 17.87874 ? 84  GLU A OE1 1 
ATOM   646  O OE2 . GLU A 1 86  ? 15.49654  -4.21847  10.31718  1.000 23.35220 ? 84  GLU A OE2 1 
ATOM   647  N N   . ASP A 1 87  ? 11.88054  0.45063   10.95967  1.000 10.83051 ? 85  ASP A N   1 
ATOM   648  C CA  . ASP A 1 87  ? 12.04917  1.43365   9.88400   1.000 11.66366 ? 85  ASP A CA  1 
ATOM   649  C C   . ASP A 1 87  ? 13.41405  1.24726   9.23146   1.000 13.79482 ? 85  ASP A C   1 
ATOM   650  O O   . ASP A 1 87  ? 14.44269  1.35153   9.90886   1.000 14.30141 ? 85  ASP A O   1 
ATOM   651  C CB  . ASP A 1 87  ? 11.92356  2.85427   10.44525  1.000 12.57349 ? 85  ASP A CB  1 
ATOM   652  C CG  . ASP A 1 87  ? 10.54101  3.15689   11.02139  1.000 14.95584 ? 85  ASP A CG  1 
ATOM   653  O OD1 . ASP A 1 87  ? 9.52872   2.79028   10.34874  1.000 14.18355 ? 85  ASP A OD1 1 
ATOM   654  O OD2 . ASP A 1 87  ? 10.44979  3.75931   12.13542  1.000 14.77078 ? 85  ASP A OD2 1 
ATOM   655  N N   . GLU A 1 88  ? 13.43745  0.95076   7.93612   1.000 12.75566 ? 86  GLU A N   1 
ATOM   656  C CA  . GLU A 1 88  ? 14.69784  0.59923   7.28018   1.000 11.82853 ? 86  GLU A CA  1 
ATOM   657  C C   . GLU A 1 88  ? 15.57331  1.82611   7.09175   1.000 13.40438 ? 86  GLU A C   1 
ATOM   658  O O   . GLU A 1 88  ? 16.76568  1.83448   7.44807   1.000 14.81713 ? 86  GLU A O   1 
ATOM   659  C CB  . GLU A 1 88  ? 14.37597  -0.07131  5.93918   1.000 12.13420 ? 86  GLU A CB  1 
ATOM   660  C CG  . GLU A 1 88  ? 15.56810  -0.56873  5.17217   1.000 14.27043 ? 86  GLU A CG  1 
ATOM   661  C CD  . GLU A 1 88  ? 15.17296  -1.49902  4.03624   1.000 17.52489 ? 86  GLU A CD  1 
ATOM   662  O OE1 . GLU A 1 88  ? 13.97317  -1.57675  3.66901   1.000 15.55919 ? 86  GLU A OE1 1 
ATOM   663  O OE2 . GLU A 1 88  ? 16.07457  -2.18689  3.53134   1.000 17.60559 ? 86  GLU A OE2 1 
ATOM   664  N N   . ASN A 1 89  ? 15.00544  2.86855   6.51732   1.000 12.31865 ? 87  ASN A N   1 
ATOM   665  C CA  . ASN A 1 89  ? 15.66008  4.15391   6.34079   1.000 12.51829 ? 87  ASN A CA  1 
ATOM   666  C C   . ASN A 1 89  ? 14.56270  5.11289   5.90401   1.000 14.11996 ? 87  ASN A C   1 
ATOM   667  O O   . ASN A 1 89  ? 13.41387  4.70692   5.67189   1.000 13.33284 ? 87  ASN A O   1 
ATOM   668  C CB  . ASN A 1 89  ? 16.80972  4.10542   5.31921   1.000 12.40731 ? 87  ASN A CB  1 
ATOM   669  C CG  . ASN A 1 89  ? 16.35154  3.73621   3.91844   1.000 13.68638 ? 87  ASN A CG  1 
ATOM   670  O OD1 . ASN A 1 89  ? 15.50237  4.41624   3.30869   1.000 12.99160 ? 87  ASN A OD1 1 
ATOM   671  N ND2 . ASN A 1 89  ? 16.93356  2.67055   3.37679   1.000 15.42445 ? 87  ASN A ND2 1 
ATOM   672  N N   . PHE A 1 90  ? 14.91403  6.38372   5.78747   1.000 12.18211 ? 88  PHE A N   1 
ATOM   673  C CA  . PHE A 1 90  ? 13.99466  7.38851   5.27236   1.000 11.95780 ? 88  PHE A CA  1 
ATOM   674  C C   . PHE A 1 90  ? 14.59026  8.14083   4.08691   1.000 13.07267 ? 88  PHE A C   1 
ATOM   675  O O   . PHE A 1 90  ? 14.38146  9.33747   3.93650   1.000 15.69904 ? 88  PHE A O   1 
ATOM   676  C CB  . PHE A 1 90  ? 13.55721  8.33916   6.38681   1.000 12.83670 ? 88  PHE A CB  1 
ATOM   677  C CG  . PHE A 1 90  ? 12.79473  7.65480   7.47162   1.000 10.87993 ? 88  PHE A CG  1 
ATOM   678  C CD1 . PHE A 1 90  ? 11.46119  7.27130   7.28616   1.000 10.39488 ? 88  PHE A CD1 1 
ATOM   679  C CD2 . PHE A 1 90  ? 13.42239  7.35649   8.67955   1.000 13.18669 ? 88  PHE A CD2 1 
ATOM   680  C CE1 . PHE A 1 90  ? 10.77969  6.61100   8.32017   1.000 11.71689 ? 88  PHE A CE1 1 
ATOM   681  C CE2 . PHE A 1 90  ? 12.73723  6.69813   9.71587   1.000 13.44489 ? 88  PHE A CE2 1 
ATOM   682  C CZ  . PHE A 1 90  ? 11.41431  6.32325   9.52958   1.000 12.32248 ? 88  PHE A CZ  1 
ATOM   683  N N   . ILE A 1 91  ? 15.30686  7.41225   3.22095   1.000 12.75031 ? 89  ILE A N   1 
ATOM   684  C CA  . ILE A 1 91  ? 15.96234  8.03112   2.06180   1.000 13.07351 ? 89  ILE A CA  1 
ATOM   685  C C   . ILE A 1 91  ? 14.94373  8.72794   1.16537   1.000 14.59354 ? 89  ILE A C   1 
ATOM   686  O O   . ILE A 1 91  ? 15.16962  9.85591   0.69245   1.000 18.29887 ? 89  ILE A O   1 
ATOM   687  C CB  . ILE A 1 91  ? 16.73267  6.97156   1.26212   1.000 15.05863 ? 89  ILE A CB  1 
ATOM   688  C CG1 . ILE A 1 91  ? 17.93674  6.48548   2.06169   1.000 15.93869 ? 89  ILE A CG1 1 
ATOM   689  C CG2 . ILE A 1 91  ? 17.20449  7.55015   -0.08402  1.000 17.57866 ? 89  ILE A CG2 1 
ATOM   690  C CD1 . ILE A 1 91  ? 18.59291  5.29039   1.41001   1.000 18.07815 ? 89  ILE A CD1 1 
ATOM   691  N N   . LEU A 1 92  ? 13.82030  8.05986   0.89520   1.000 13.23991 ? 90  LEU A N   1 
ATOM   692  C CA  . LEU A 1 92  ? 12.82849  8.56888   -0.04376  1.000 14.29547 ? 90  LEU A CA  1 
ATOM   693  C C   . LEU A 1 92  ? 11.75439  9.37229   0.68178   1.000 14.72970 ? 90  LEU A C   1 
ATOM   694  O O   . LEU A 1 92  ? 11.40418  9.09877   1.83456   1.000 14.65647 ? 90  LEU A O   1 
ATOM   695  C CB  . LEU A 1 92  ? 12.18675  7.41950   -0.81841  1.000 14.24356 ? 90  LEU A CB  1 
ATOM   696  C CG  . LEU A 1 92  ? 13.22102  6.62812   -1.63932  1.000 15.31055 ? 90  LEU A CG  1 
ATOM   697  C CD1 . LEU A 1 92  ? 12.54420  5.40826   -2.20923  1.000 17.86759 ? 90  LEU A CD1 1 
ATOM   698  C CD2 . LEU A 1 92  ? 13.80229  7.52502   -2.74383  1.000 20.17882 ? 90  LEU A CD2 1 
ATOM   699  N N   . LYS A 1 93  ? 11.25238  10.39630  -0.00031  1.000 14.46497 ? 91  LYS A N   1 
ATOM   700  C CA  . LYS A 1 93  ? 10.31385  11.34478  0.58216   1.000 14.03101 ? 91  LYS A CA  1 
ATOM   701  C C   . LYS A 1 93  ? 8.94999   11.23689  -0.08610  1.000 12.28687 ? 91  LYS A C   1 
ATOM   702  O O   . LYS A 1 93  ? 8.76480   10.67906  -1.17216  1.000 15.15668 ? 91  LYS A O   1 
ATOM   703  C CB  . LYS A 1 93  ? 10.83854  12.78833  0.47412   1.000 18.73880 ? 91  LYS A CB  1 
ATOM   704  C CG  . LYS A 1 93  ? 12.32572  12.95222  0.88290   1.000 18.72859 ? 91  LYS A CG  1 
ATOM   705  C CD  . LYS A 1 93  ? 12.62427  12.49353  2.29685   1.000 22.37325 ? 91  LYS A CD  1 
ATOM   706  C CE  . LYS A 1 93  ? 14.09335  12.79068  2.63753   1.000 27.37489 ? 91  LYS A CE  1 
ATOM   707  N NZ  . LYS A 1 93  ? 14.55782  12.10040  3.90461   1.000 27.47252 ? 91  LYS A NZ  1 
ATOM   708  N N   . HIS A 1 94  ? 7.97801   11.84341  0.58153   1.000 12.87709 ? 92  HIS A N   1 
ATOM   709  C CA  . HIS A 1 94  ? 6.58999   11.84669  0.11607   1.000 11.77408 ? 92  HIS A CA  1 
ATOM   710  C C   . HIS A 1 94  ? 6.44145   13.03301  -0.82140  1.000 17.35954 ? 92  HIS A C   1 
ATOM   711  O O   . HIS A 1 94  ? 6.10465   14.13908  -0.40266  1.000 18.80451 ? 92  HIS A O   1 
ATOM   712  C CB  . HIS A 1 94  ? 5.64117   11.93059  1.31265   1.000 13.00318 ? 92  HIS A CB  1 
ATOM   713  C CG  . HIS A 1 94  ? 5.71922   10.74870  2.24297   1.000 10.72916 ? 92  HIS A CG  1 
ATOM   714  N ND1 . HIS A 1 94  ? 6.67234   10.64564  3.23035   1.000 12.28622 ? 92  HIS A ND1 1 
ATOM   715  C CD2 . HIS A 1 94  ? 4.95993   9.62349   2.33096   1.000 12.03923 ? 92  HIS A CD2 1 
ATOM   716  C CE1 . HIS A 1 94  ? 6.50570   9.50078   3.88493   1.000 11.02069 ? 92  HIS A CE1 1 
ATOM   717  N NE2 . HIS A 1 94  ? 5.44255   8.88339   3.38924   1.000 11.05055 ? 92  HIS A NE2 1 
ATOM   718  N N   . THR A 1 95  ? 6.71911   12.80641  -2.09743  1.000 14.37542 ? 93  THR A N   1 
ATOM   719  C CA  . THR A 1 95  ? 6.87425   13.92010  -3.02636  1.000 16.99300 ? 93  THR A CA  1 
ATOM   720  C C   . THR A 1 95  ? 5.60303   14.29333  -3.76389  1.000 16.45289 ? 93  THR A C   1 
ATOM   721  O O   . THR A 1 95  ? 5.55193   15.38830  -4.35036  1.000 21.22663 ? 93  THR A O   1 
ATOM   722  C CB  . THR A 1 95  ? 7.95402   13.60857  -4.06710  1.000 14.50132 ? 93  THR A CB  1 
ATOM   723  O OG1 . THR A 1 95  ? 7.70590   12.32475  -4.64928  1.000 21.07803 ? 93  THR A OG1 1 
ATOM   724  C CG2 . THR A 1 95  ? 9.32804   13.58067  -3.37515  1.000 18.68944 ? 93  THR A CG2 1 
ATOM   725  N N   . GLY A 1 96  ? 4.58910   13.43565  -3.78478  1.000 16.21682 ? 94  GLY A N   1 
ATOM   726  C CA  . GLY A 1 96  ? 3.39724   13.73360  -4.53801  1.000 18.76869 ? 94  GLY A CA  1 
ATOM   727  C C   . GLY A 1 96  ? 2.50356   12.52767  -4.67483  1.000 18.21048 ? 94  GLY A C   1 
ATOM   728  O O   . GLY A 1 96  ? 2.75535   11.47154  -4.08878  1.000 15.78053 ? 94  GLY A O   1 
ATOM   729  N N   . PRO A 1 97  ? 1.45737   12.65487  -5.49144  1.000 15.16496 ? 95  PRO A N   1 
ATOM   730  C CA  . PRO A 1 97  ? 0.53207   11.53870  -5.70165  1.000 16.06007 ? 95  PRO A CA  1 
ATOM   731  C C   . PRO A 1 97  ? 1.26340   10.32517  -6.25543  1.000 14.20501 ? 95  PRO A C   1 
ATOM   732  O O   . PRO A 1 97  ? 2.20838   10.44347  -7.05665  1.000 17.75642 ? 95  PRO A O   1 
ATOM   733  C CB  . PRO A 1 97  ? -0.47336  12.09084  -6.72110  1.000 17.15086 ? 95  PRO A CB  1 
ATOM   734  C CG  . PRO A 1 97  ? -0.33667  13.57875  -6.62840  1.000 21.60126 ? 95  PRO A CG  1 
ATOM   735  C CD  . PRO A 1 97  ? 1.05914   13.87370  -6.22660  1.000 17.58953 ? 95  PRO A CD  1 
ATOM   736  N N   . GLY A 1 98  ? 0.82635   9.15337   -5.81318  1.000 13.89417 ? 96  GLY A N   1 
ATOM   737  C CA  . GLY A 1 98  ? 1.38487   7.91739   -6.30674  1.000 14.31486 ? 96  GLY A CA  1 
ATOM   738  C C   . GLY A 1 98  ? 2.46616   7.30559   -5.43765  1.000 10.72972 ? 96  GLY A C   1 
ATOM   739  O O   . GLY A 1 98  ? 2.77489   6.14267   -5.61812  1.000 12.00543 ? 96  GLY A O   1 
ATOM   740  N N   . ILE A 1 99  ? 3.00435   8.04125   -4.46786  1.000 11.51299 ? 97  ILE A N   1 
ATOM   741  C CA  . ILE A 1 99  ? 3.98289   7.47645   -3.55288  1.000 11.03031 ? 97  ILE A CA  1 
ATOM   742  C C   . ILE A 1 99  ? 3.36503   6.36975   -2.70803  1.000 10.64106 ? 97  ILE A C   1 
ATOM   743  O O   . ILE A 1 99  ? 2.23047   6.48322   -2.21265  1.000 11.90952 ? 97  ILE A O   1 
ATOM   744  C CB  . ILE A 1 99  ? 4.52492   8.60888   -2.67215  1.000 11.90618 ? 97  ILE A CB  1 
ATOM   745  C CG1 . ILE A 1 99  ? 5.42703   9.56947   -3.46808  1.000 15.12907 ? 97  ILE A CG1 1 
ATOM   746  C CG2 . ILE A 1 99  ? 5.25836   8.01684   -1.46384  1.000 14.78654 ? 97  ILE A CG2 1 
ATOM   747  C CD1 . ILE A 1 99  ? 6.66756   8.94185   -3.97351  1.000 19.54983 ? 97  ILE A CD1 1 
ATOM   748  N N   . LEU A 1 100 ? 4.11430   5.28689   -2.55395  1.000 10.00250 ? 98  LEU A N   1 
ATOM   749  C CA  . LEU A 1 100 ? 3.72735   4.10579   -1.79016  1.000 9.42891  ? 98  LEU A CA  1 
ATOM   750  C C   . LEU A 1 100 ? 4.60956   4.05307   -0.54278  1.000 11.54656 ? 98  LEU A C   1 
ATOM   751  O O   . LEU A 1 100 ? 5.83872   4.05943   -0.65625  1.000 12.00326 ? 98  LEU A O   1 
ATOM   752  C CB  . LEU A 1 100 ? 3.90004   2.85320   -2.65100  1.000 12.54066 ? 98  LEU A CB  1 
ATOM   753  C CG  . LEU A 1 100 ? 3.57778   1.51753   -2.00599  1.000 11.49206 ? 98  LEU A CG  1 
ATOM   754  C CD1 . LEU A 1 100 ? 2.06742   1.40781   -1.65019  1.000 12.37562 ? 98  LEU A CD1 1 
ATOM   755  C CD2 . LEU A 1 100 ? 3.97703   0.37064   -2.96071  1.000 15.14344 ? 98  LEU A CD2 1 
ATOM   756  N N   . SER A 1 101 ? 3.98085   4.02926   0.63925   1.000 9.92195  ? 99  SER A N   1 
ATOM   757  C CA  . SER A 1 101 ? 4.68855   4.20880   1.90026   1.000 9.02181  ? 99  SER A CA  1 
ATOM   758  C C   . SER A 1 101 ? 4.07356   3.31993   2.97823   1.000 10.31164 ? 99  SER A C   1 
ATOM   759  O O   . SER A 1 101 ? 2.92223   2.91032   2.88060   1.000 11.15362 ? 99  SER A O   1 
ATOM   760  C CB  . SER A 1 101 ? 4.62965   5.69914   2.26449   1.000 10.69365 ? 99  SER A CB  1 
ATOM   761  O OG  . SER A 1 101 ? 5.34922   5.98598   3.46557   1.000 12.43306 ? 99  SER A OG  1 
ATOM   762  N N   . MET A 1 102 ? 4.84706   3.01859   4.01354   1.000 9.67078  ? 100 MET A N   1 
ATOM   763  C CA  . MET A 1 102 ? 4.37575   2.13623   5.07282   1.000 10.02158 ? 100 MET A CA  1 
ATOM   764  C C   . MET A 1 102 ? 3.58077   2.89849   6.12932   1.000 11.24182 ? 100 MET A C   1 
ATOM   765  O O   . MET A 1 102 ? 4.03079   3.93650   6.64278   1.000 11.89921 ? 100 MET A O   1 
ATOM   766  C CB  . MET A 1 102 ? 5.56171   1.43602   5.73269   1.000 11.03132 ? 100 MET A CB  1 
ATOM   767  C CG  . MET A 1 102 ? 6.22720   0.35106   4.88481   1.000 12.90660 ? 100 MET A CG  1 
ATOM   768  S SD  . MET A 1 102 ? 5.11576   -0.88948  4.26537   1.000 13.56424 ? 100 MET A SD  1 
ATOM   769  C CE  . MET A 1 102 ? 4.86508   -1.91657  5.75907   1.000 14.22027 ? 100 MET A CE  1 
ATOM   770  N N   . ALA A 1 103 ? 2.43670   2.34018   6.50183   1.000 9.00371  ? 101 ALA A N   1 
ATOM   771  C CA  . ALA A 1 103 ? 1.69620   2.83736   7.65037   1.000 9.70079  ? 101 ALA A CA  1 
ATOM   772  C C   . ALA A 1 103 ? 2.36215   2.32119   8.92316   1.000 11.06237 ? 101 ALA A C   1 
ATOM   773  O O   . ALA A 1 103 ? 3.06349   1.31439   8.90636   1.000 11.62864 ? 101 ALA A O   1 
ATOM   774  C CB  . ALA A 1 103 ? 0.24226   2.36042   7.56012   1.000 11.07301 ? 101 ALA A CB  1 
ATOM   775  N N   . ASN A 1 104 ? 2.19646   3.04624   10.02439  1.000 10.65249 ? 102 ASN A N   1 
ATOM   776  C CA  . ASN A 1 104 ? 2.76649   2.51172   11.24863  1.000 10.32183 ? 102 ASN A CA  1 
ATOM   777  C C   . ASN A 1 104 ? 2.10530   3.16612   12.46025  1.000 10.02055 ? 102 ASN A C   1 
ATOM   778  O O   . ASN A 1 104 ? 1.32756   4.12175   12.34201  1.000 12.47609 ? 102 ASN A O   1 
ATOM   779  C CB  . ASN A 1 104 ? 4.30085   2.70612   11.27061  1.000 11.35060 ? 102 ASN A CB  1 
ATOM   780  C CG  . ASN A 1 104 ? 4.68891   4.18526   11.34793  1.000 11.91526 ? 102 ASN A CG  1 
ATOM   781  O OD1 . ASN A 1 104 ? 4.26529   4.89101   12.27392  1.000 12.24747 ? 102 ASN A OD1 1 
ATOM   782  N ND2 . ASN A 1 104 ? 5.50636   4.64530   10.40781  1.000 12.13920 ? 102 ASN A ND2 1 
ATOM   783  N N   . ALA A 1 105 ? 2.45455   2.65176   13.64050  1.000 12.02207 ? 103 ALA A N   1 
ATOM   784  C CA  . ALA A 1 105 ? 1.88081   3.13161   14.89998  1.000 11.55950 ? 103 ALA A CA  1 
ATOM   785  C C   . ALA A 1 105 ? 2.93681   3.70103   15.82315  1.000 14.89884 ? 103 ALA A C   1 
ATOM   786  O O   . ALA A 1 105 ? 2.73178   3.73529   17.04811  1.000 20.08440 ? 103 ALA A O   1 
ATOM   787  C CB  . ALA A 1 105 ? 1.12553   1.98408   15.57621  1.000 13.08490 ? 103 ALA A CB  1 
ATOM   788  N N   . GLY A 1 106 ? 4.05502   4.15681   15.27621  1.000 11.79786 ? 104 GLY A N   1 
ATOM   789  C CA  . GLY A 1 106 ? 5.17003   4.58842   16.09264  1.000 11.66222 ? 104 GLY A CA  1 
ATOM   790  C C   . GLY A 1 106 ? 6.45077   4.10556   15.44742  1.000 12.66167 ? 104 GLY A C   1 
ATOM   791  O O   . GLY A 1 106 ? 6.43018   3.38236   14.43930  1.000 12.63924 ? 104 GLY A O   1 
ATOM   792  N N   . PRO A 1 107 ? 7.59059   4.48453   16.00974  1.000 11.09020 ? 105 PRO A N   1 
ATOM   793  C CA  . PRO A 1 107 ? 8.87392   4.01346   15.46824  1.000 10.31317 ? 105 PRO A CA  1 
ATOM   794  C C   . PRO A 1 107 ? 8.98710   2.49220   15.42763  1.000 11.90809 ? 105 PRO A C   1 
ATOM   795  O O   . PRO A 1 107 ? 8.61491   1.78589   16.37404  1.000 12.95222 ? 105 PRO A O   1 
ATOM   796  C CB  . PRO A 1 107 ? 9.90884   4.61026   16.42062  1.000 14.39324 ? 105 PRO A CB  1 
ATOM   797  C CG  . PRO A 1 107 ? 9.15454   5.09821   17.59535  1.000 18.99876 ? 105 PRO A CG  1 
ATOM   798  C CD  . PRO A 1 107 ? 7.71916   5.27189   17.25722  1.000 13.84908 ? 105 PRO A CD  1 
ATOM   799  N N   . ASN A 1 108 ? 9.48012   1.98643   14.29010  1.000 11.41958 ? 106 ASN A N   1 
ATOM   800  C CA  . ASN A 1 108 ? 9.82896   0.57658   14.15576  1.000 10.02201 ? 106 ASN A CA  1 
ATOM   801  C C   . ASN A 1 108 ? 8.64009   -0.34301  14.40802  1.000 11.64007 ? 106 ASN A C   1 
ATOM   802  O O   . ASN A 1 108 ? 8.75232   -1.36993  15.09538  1.000 14.57134 ? 106 ASN A O   1 
ATOM   803  C CB  . ASN A 1 108 ? 11.00856  0.26133   15.07837  1.000 13.65202 ? 106 ASN A CB  1 
ATOM   804  C CG  . ASN A 1 108 ? 12.16549  1.16480   14.77626  1.000 11.96699 ? 106 ASN A CG  1 
ATOM   805  O OD1 . ASN A 1 108 ? 12.66026  1.18682   13.65640  1.000 12.64804 ? 106 ASN A OD1 1 
ATOM   806  N ND2 . ASN A 1 108 ? 12.60085  1.96176   15.78685  1.000 11.93175 ? 106 ASN A ND2 1 
ATOM   807  N N   . THR A 1 109 ? 7.49668   0.00155   13.77733  1.000 11.95388 ? 107 THR A N   1 
ATOM   808  C CA  . THR A 1 109 ? 6.27393   -0.79252  13.90917  1.000 12.34874 ? 107 THR A CA  1 
ATOM   809  C C   . THR A 1 109 ? 5.68131   -1.12696  12.54579  1.000 12.16190 ? 107 THR A C   1 
ATOM   810  O O   . THR A 1 109 ? 4.47765   -1.33688  12.42979  1.000 15.89737 ? 107 THR A O   1 
ATOM   811  C CB  . THR A 1 109 ? 5.20605   -0.11029  14.77264  1.000 13.57995 ? 107 THR A CB  1 
ATOM   812  O OG1 . THR A 1 109 ? 4.80812   1.13497   14.20376  1.000 13.65995 ? 107 THR A OG1 1 
ATOM   813  C CG2 . THR A 1 109 ? 5.68100   0.15048   16.18990  1.000 13.91643 ? 107 THR A CG2 1 
ATOM   814  N N   . ASN A 1 110 ? 6.49215   -1.25917  11.51904  1.000 11.37877 ? 108 ASN A N   1 
ATOM   815  C CA  . ASN A 1 110 ? 5.93939   -1.63081  10.21583  1.000 11.74453 ? 108 ASN A CA  1 
ATOM   816  C C   . ASN A 1 110 ? 5.39387   -3.04235  10.24055  1.000 12.75032 ? 108 ASN A C   1 
ATOM   817  O O   . ASN A 1 110 ? 5.98858   -3.94871  10.82161  1.000 13.14345 ? 108 ASN A O   1 
ATOM   818  C CB  . ASN A 1 110 ? 7.02288   -1.52623  9.14997   1.000 11.40730 ? 108 ASN A CB  1 
ATOM   819  C CG  . ASN A 1 110 ? 7.56012   -0.13568  9.06026   1.000 12.83556 ? 108 ASN A CG  1 
ATOM   820  O OD1 . ASN A 1 110 ? 6.85294   0.75736   8.63880   1.000 14.37629 ? 108 ASN A OD1 1 
ATOM   821  N ND2 . ASN A 1 110 ? 8.76880   0.08586   9.58990   1.000 14.12900 ? 108 ASN A ND2 1 
ATOM   822  N N   . GLY A 1 111 ? 4.28526   -3.24677  9.53199   1.000 11.23603 ? 109 GLY A N   1 
ATOM   823  C CA  . GLY A 1 111 ? 3.65893   -4.56300  9.42405   1.000 11.54404 ? 109 GLY A CA  1 
ATOM   824  C C   . GLY A 1 111 ? 3.38879   -4.86557  7.96184   1.000 10.60295 ? 109 GLY A C   1 
ATOM   825  O O   . GLY A 1 111 ? 4.30717   -5.08495  7.16298   1.000 12.75348 ? 109 GLY A O   1 
ATOM   826  N N   . SER A 1 112 ? 2.10088   -4.91302  7.63568   1.000 10.79099 ? 110 SER A N   1 
ATOM   827  C CA  . SER A 1 112 ? 1.66152   -5.03655  6.26052   1.000 9.07913  ? 110 SER A CA  1 
ATOM   828  C C   . SER A 1 112 ? 0.89067   -3.82627  5.75453   1.000 10.91354 ? 110 SER A C   1 
ATOM   829  O O   . SER A 1 112 ? 0.79676   -3.64934  4.52141   1.000 11.40080 ? 110 SER A O   1 
ATOM   830  C CB  . SER A 1 112 ? 0.79349   -6.29055  6.12134   1.000 12.70772 ? 110 SER A CB  1 
ATOM   831  O OG  . SER A 1 112 ? -0.29335  -6.20877  7.02157   1.000 13.19253 ? 110 SER A OG  1 
ATOM   832  N N   . GLN A 1 113 ? 0.38309   -2.96055  6.64046   1.000 10.73818 ? 111 GLN A N   1 
ATOM   833  C CA  . GLN A 1 113 ? -0.39576  -1.83865  6.15250   1.000 10.81861 ? 111 GLN A CA  1 
ATOM   834  C C   . GLN A 1 113 ? 0.47063   -0.81305  5.43934   1.000 9.20687  ? 111 GLN A C   1 
ATOM   835  O O   . GLN A 1 113 ? 1.61988   -0.55614  5.80952   1.000 10.37575 ? 111 GLN A O   1 
ATOM   836  C CB  . GLN A 1 113 ? -1.16387  -1.17861  7.28218   1.000 9.79139  ? 111 GLN A CB  1 
ATOM   837  C CG  . GLN A 1 113 ? -2.33842  -2.03004  7.79736   1.000 11.55544 ? 111 GLN A CG  1 
ATOM   838  C CD  . GLN A 1 113 ? -3.16292  -1.24506  8.78685   1.000 12.18633 ? 111 GLN A CD  1 
ATOM   839  O OE1 . GLN A 1 113 ? -3.59868  -0.11865  8.50783   1.000 13.07259 ? 111 GLN A OE1 1 
ATOM   840  N NE2 . GLN A 1 113 ? -3.36013  -1.81804  9.96778   1.000 13.87488 ? 111 GLN A NE2 1 
ATOM   841  N N   . PHE A 1 114 ? -0.11537  -0.24305  4.39530   1.000 9.15746  ? 112 PHE A N   1 
ATOM   842  C CA  . PHE A 1 114 ? 0.57570   0.69135   3.51103   1.000 10.66553 ? 112 PHE A CA  1 
ATOM   843  C C   . PHE A 1 114 ? -0.41803  1.76157   3.11987   1.000 10.47302 ? 112 PHE A C   1 
ATOM   844  O O   . PHE A 1 114 ? -1.63796  1.59897   3.27738   1.000 10.17163 ? 112 PHE A O   1 
ATOM   845  C CB  . PHE A 1 114 ? 1.09460   -0.03249  2.25714   1.000 10.00850 ? 112 PHE A CB  1 
ATOM   846  C CG  . PHE A 1 114 ? -0.01033  -0.63696  1.44828   1.000 10.21611 ? 112 PHE A CG  1 
ATOM   847  C CD1 . PHE A 1 114 ? -0.63773  0.08921   0.45780   1.000 9.77774  ? 112 PHE A CD1 1 
ATOM   848  C CD2 . PHE A 1 114 ? -0.47435  -1.92015  1.75180   1.000 10.84144 ? 112 PHE A CD2 1 
ATOM   849  C CE1 . PHE A 1 114 ? -1.72777  -0.43371  -0.22867  1.000 12.54847 ? 112 PHE A CE1 1 
ATOM   850  C CE2 . PHE A 1 114 ? -1.53426  -2.46805  1.04469   1.000 10.71281 ? 112 PHE A CE2 1 
ATOM   851  C CZ  . PHE A 1 114 ? -2.16996  -1.71572  0.05871   1.000 12.68392 ? 112 PHE A CZ  1 
ATOM   852  N N   . PHE A 1 115 ? 0.08858   2.83560   2.51053   1.000 9.77348  ? 113 PHE A N   1 
ATOM   853  C CA  . PHE A 1 115 ? -0.78649  3.83305   1.91539   1.000 9.05971  ? 113 PHE A CA  1 
ATOM   854  C C   . PHE A 1 115 ? -0.21966  4.31986   0.59078   1.000 9.72051  ? 113 PHE A C   1 
ATOM   855  O O   . PHE A 1 115 ? 1.00250   4.28572   0.33554   1.000 9.84355  ? 113 PHE A O   1 
ATOM   856  C CB  . PHE A 1 115 ? -1.09002  5.02111   2.87300   1.000 9.83082  ? 113 PHE A CB  1 
ATOM   857  C CG  . PHE A 1 115 ? 0.11952   5.81784   3.31458   1.000 9.02697  ? 113 PHE A CG  1 
ATOM   858  C CD1 . PHE A 1 115 ? 0.97518   5.31375   4.26865   1.000 11.08878 ? 113 PHE A CD1 1 
ATOM   859  C CD2 . PHE A 1 115 ? 0.37487   7.08925   2.76620   1.000 10.20888 ? 113 PHE A CD2 1 
ATOM   860  C CE1 . PHE A 1 115 ? 2.07631   6.05878   4.71652   1.000 10.22638 ? 113 PHE A CE1 1 
ATOM   861  C CE2 . PHE A 1 115 ? 1.48212   7.85096   3.19773   1.000 10.74408 ? 113 PHE A CE2 1 
ATOM   862  C CZ  . PHE A 1 115 ? 2.32062   7.32837   4.17661   1.000 12.79318 ? 113 PHE A CZ  1 
ATOM   863  N N   . ILE A 1 116 ? -1.15121  4.73259   -0.25723  1.000 10.02062 ? 114 ILE A N   1 
ATOM   864  C CA  . ILE A 1 116 ? -0.84957  5.33024   -1.55500  1.000 10.83759 ? 114 ILE A CA  1 
ATOM   865  C C   . ILE A 1 116 ? -1.22570  6.78604   -1.45102  1.000 11.00903 ? 114 ILE A C   1 
ATOM   866  O O   . ILE A 1 116 ? -2.39819  7.11002   -1.18944  1.000 11.57112 ? 114 ILE A O   1 
ATOM   867  C CB  . ILE A 1 116 ? -1.65075  4.66677   -2.68519  1.000 11.72020 ? 114 ILE A CB  1 
ATOM   868  C CG1 . ILE A 1 116 ? -1.39648  3.15724   -2.73179  1.000 12.74994 ? 114 ILE A CG1 1 
ATOM   869  C CG2 . ILE A 1 116 ? -1.24704  5.30800   -4.00345  1.000 14.40091 ? 114 ILE A CG2 1 
ATOM   870  C CD1 . ILE A 1 116 ? -2.43946  2.39520   -3.59124  1.000 14.83278 ? 114 ILE A CD1 1 
ATOM   871  N N   . CYS A 1 117 ? -0.25362  7.66931   -1.62890  1.000 11.14786 ? 115 CYS A N   1 
ATOM   872  C CA  . CYS A 1 117 ? -0.54955  9.09991   -1.57265  1.000 11.19623 ? 115 CYS A CA  1 
ATOM   873  C C   . CYS A 1 117 ? -1.35595  9.56535   -2.77259  1.000 13.62458 ? 115 CYS A C   1 
ATOM   874  O O   . CYS A 1 117 ? -1.11857  9.13133   -3.90692  1.000 14.90193 ? 115 CYS A O   1 
ATOM   875  C CB  . CYS A 1 117 ? 0.74496   9.88621   -1.53748  1.000 13.30386 ? 115 CYS A CB  1 
ATOM   876  S SG  . CYS A 1 117 ? 1.71056   9.56659   -0.05213  1.000 16.73229 ? 115 CYS A SG  1 
ATOM   877  N N   . THR A 1 118 ? -2.31169  10.46457  -2.52393  1.000 13.72128 ? 116 THR A N   1 
ATOM   878  C CA  . THR A 1 118 ? -3.00906  11.12883  -3.62059  1.000 15.01874 ? 116 THR A CA  1 
ATOM   879  C C   . THR A 1 118 ? -2.74329  12.61664  -3.57155  1.000 17.07199 ? 116 THR A C   1 
ATOM   880  O O   . THR A 1 118 ? -3.33009  13.37967  -4.35172  1.000 24.26223 ? 116 THR A O   1 
ATOM   881  C CB  . THR A 1 118 ? -4.50832  10.79827  -3.59389  1.000 15.56406 ? 116 THR A CB  1 
ATOM   882  O OG1 . THR A 1 118 ? -5.07670  11.08725  -2.31007  1.000 18.23097 ? 116 THR A OG1 1 
ATOM   883  C CG2 . THR A 1 118 ? -4.69768  9.29094   -3.79431  1.000 18.23870 ? 116 THR A CG2 1 
ATOM   884  N N   . ALA A 1 119 ? -1.82145  13.02440  -2.70832  1.000 15.27503 ? 117 ALA A N   1 
ATOM   885  C CA  . ALA A 1 119 ? -1.34344  14.39252  -2.60151  1.000 15.40776 ? 117 ALA A CA  1 
ATOM   886  C C   . ALA A 1 119 ? 0.09032   14.32930  -2.08058  1.000 16.10226 ? 117 ALA A C   1 
ATOM   887  O O   . ALA A 1 119 ? 0.55010   13.28527  -1.60782  1.000 17.97825 ? 117 ALA A O   1 
ATOM   888  C CB  . ALA A 1 119 ? -2.23892  15.18870  -1.65376  1.000 18.65084 ? 117 ALA A CB  1 
ATOM   889  N N   . LYS A 1 120 ? 0.81226   15.44071  -2.17216  1.000 15.53251 ? 118 LYS A N   1 
ATOM   890  C CA  . LYS A 1 120 ? 2.10091   15.55847  -1.48912  1.000 14.53026 ? 118 LYS A CA  1 
ATOM   891  C C   . LYS A 1 120 ? 1.86990   15.55149  0.01765   1.000 16.53197 ? 118 LYS A C   1 
ATOM   892  O O   . LYS A 1 120 ? 1.06225   16.32474  0.53751   1.000 18.50753 ? 118 LYS A O   1 
ATOM   893  C CB  . LYS A 1 120 ? 2.81856   16.84572  -1.91792  1.000 16.51134 ? 118 LYS A CB  1 
ATOM   894  C CG  . LYS A 1 120 ? 4.18973   16.98684  -1.31283  1.000 18.46901 ? 118 LYS A CG  1 
ATOM   895  C CD  . LYS A 1 120 ? 4.97123   18.10923  -1.97098  1.000 24.23274 ? 118 LYS A CD  1 
ATOM   896  C CE  . LYS A 1 120 ? 6.30091   18.31865  -1.28826  1.000 33.19023 ? 118 LYS A CE  1 
ATOM   897  N NZ  . LYS A 1 120 ? 7.04383   19.44382  -1.92419  1.000 45.72231 ? 118 LYS A NZ  1 
ATOM   898  N N   . THR A 1 121 ? 2.55307   14.65639  0.73267   1.000 13.33173 ? 119 THR A N   1 
ATOM   899  C CA  . THR A 1 121 ? 2.32609   14.51480  2.17945   1.000 14.02488 ? 119 THR A CA  1 
ATOM   900  C C   . THR A 1 121 ? 3.66477   14.66580  2.89796   1.000 14.03045 ? 119 THR A C   1 
ATOM   901  O O   . THR A 1 121 ? 4.11743   13.80352  3.65534   1.000 14.43742 ? 119 THR A O   1 
ATOM   902  C CB  . THR A 1 121 ? 1.64608   13.18554  2.55406   1.000 14.49080 ? 119 THR A CB  1 
ATOM   903  O OG1 . THR A 1 121 ? 2.47346   12.08649  2.16850   1.000 15.16463 ? 119 THR A OG1 1 
ATOM   904  C CG2 . THR A 1 121 ? 0.30469   13.02488  1.84876   1.000 13.59287 ? 119 THR A CG2 1 
ATOM   905  N N   . GLU A 1 122 ? 4.30090   15.81375  2.68561   1.000 14.91507 ? 120 GLU A N   1 
ATOM   906  C CA  . GLU A 1 122 ? 5.67887   15.98804  3.13622   1.000 15.54415 ? 120 GLU A CA  1 
ATOM   907  C C   . GLU A 1 122 ? 5.83643   15.94708  4.65485   1.000 14.58476 ? 120 GLU A C   1 
ATOM   908  O O   . GLU A 1 122 ? 6.93703   15.63777  5.14881   1.000 14.81101 ? 120 GLU A O   1 
ATOM   909  C CB  . GLU A 1 122 ? 6.23337   17.30121  2.55611   1.000 18.34594 ? 120 GLU A CB  1 
ATOM   910  C CG  . GLU A 1 122 ? 5.71696   18.58109  3.21363   1.000 19.35213 ? 120 GLU A CG  1 
ATOM   911  C CD  . GLU A 1 122 ? 4.34433   19.06781  2.71553   1.000 30.34501 ? 120 GLU A CD  1 
ATOM   912  O OE1 . GLU A 1 122 ? 3.75375   18.48182  1.77412   1.000 23.52551 ? 120 GLU A OE1 1 
ATOM   913  O OE2 . GLU A 1 122 ? 3.85002   20.07927  3.27952   1.000 35.85876 ? 120 GLU A OE2 1 
ATOM   914  N N   . TRP A 1 123 ? 4.77303   16.21499  5.42596   1.000 13.29175 ? 121 TRP A N   1 
ATOM   915  C CA  . TRP A 1 123 ? 4.88111   16.12930  6.88278   1.000 12.50193 ? 121 TRP A CA  1 
ATOM   916  C C   . TRP A 1 123 ? 5.08040   14.70620  7.38175   1.000 14.72667 ? 121 TRP A C   1 
ATOM   917  O O   . TRP A 1 123 ? 5.39878   14.50782  8.56367   1.000 16.51474 ? 121 TRP A O   1 
ATOM   918  C CB  . TRP A 1 123 ? 3.63786   16.73766  7.53681   1.000 13.55690 ? 121 TRP A CB  1 
ATOM   919  C CG  . TRP A 1 123 ? 2.35151   16.06130  7.11989   1.000 13.46611 ? 121 TRP A CG  1 
ATOM   920  C CD1 . TRP A 1 123 ? 1.73422   14.99989  7.73960   1.000 17.80054 ? 121 TRP A CD1 1 
ATOM   921  C CD2 . TRP A 1 123 ? 1.58148   16.35039  5.96499   1.000 14.50903 ? 121 TRP A CD2 1 
ATOM   922  N NE1 . TRP A 1 123 ? 0.60936   14.65397  7.06507   1.000 17.32840 ? 121 TRP A NE1 1 
ATOM   923  C CE2 . TRP A 1 123 ? 0.48537   15.46368  5.96584   1.000 17.07994 ? 121 TRP A CE2 1 
ATOM   924  C CE3 . TRP A 1 123 ? 1.67843   17.30752  4.94782   1.000 15.04158 ? 121 TRP A CE3 1 
ATOM   925  C CZ2 . TRP A 1 123 ? -0.49129  15.49733  4.95429   1.000 15.74777 ? 121 TRP A CZ2 1 
ATOM   926  C CZ3 . TRP A 1 123 ? 0.73126   17.34506  3.96699   1.000 16.41851 ? 121 TRP A CZ3 1 
ATOM   927  C CH2 . TRP A 1 123 ? -0.35427  16.44916  3.97732   1.000 16.50116 ? 121 TRP A CH2 1 
ATOM   928  N N   . LEU A 1 124 ? 4.92292   13.70820  6.50384   1.000 12.72276 ? 122 LEU A N   1 
ATOM   929  C CA  . LEU A 1 124 ? 5.20055   12.32746  6.86636   1.000 12.11705 ? 122 LEU A CA  1 
ATOM   930  C C   . LEU A 1 124 ? 6.64192   11.92956  6.58296   1.000 11.01878 ? 122 LEU A C   1 
ATOM   931  O O   . LEU A 1 124 ? 7.05158   10.80898  6.94779   1.000 12.35158 ? 122 LEU A O   1 
ATOM   932  C CB  . LEU A 1 124 ? 4.25019   11.38630  6.11942   1.000 12.46665 ? 122 LEU A CB  1 
ATOM   933  C CG  . LEU A 1 124 ? 2.76316   11.70120  6.38354   1.000 12.01606 ? 122 LEU A CG  1 
ATOM   934  C CD1 . LEU A 1 124 ? 1.91326   10.73863  5.55237   1.000 14.45485 ? 122 LEU A CD1 1 
ATOM   935  C CD2 . LEU A 1 124 ? 2.36697   11.54001  7.83347   1.000 15.23666 ? 122 LEU A CD2 1 
ATOM   936  N N   . ASP A 1 125 ? 7.42032   12.82169  5.96375   1.000 12.81618 ? 123 ASP A N   1 
ATOM   937  C CA  . ASP A 1 125 ? 8.81368   12.51238  5.67665   1.000 11.93598 ? 123 ASP A CA  1 
ATOM   938  C C   . ASP A 1 125 ? 9.57385   12.20514  6.96603   1.000 13.69692 ? 123 ASP A C   1 
ATOM   939  O O   . ASP A 1 125 ? 9.46847   12.93617  7.96334   1.000 14.22182 ? 123 ASP A O   1 
ATOM   940  C CB  . ASP A 1 125 ? 9.47870   13.68844  4.96425   1.000 12.27217 ? 123 ASP A CB  1 
ATOM   941  C CG  . ASP A 1 125 ? 9.00842   13.86172  3.53771   1.000 15.10628 ? 123 ASP A CG  1 
ATOM   942  O OD1 . ASP A 1 125 ? 8.26470   13.00019  3.00341   1.000 15.31366 ? 123 ASP A OD1 1 
ATOM   943  O OD2 . ASP A 1 125 ? 9.39421   14.90321  2.94385   1.000 18.33959 ? 123 ASP A OD2 1 
ATOM   944  N N   . GLY A 1 126 ? 10.34918  11.12878  6.93664   1.000 12.06727 ? 124 GLY A N   1 
ATOM   945  C CA  . GLY A 1 126 ? 11.18544  10.79962  8.06994   1.000 12.65156 ? 124 GLY A CA  1 
ATOM   946  C C   . GLY A 1 126 ? 10.46968  10.05712  9.16764   1.000 11.53523 ? 124 GLY A C   1 
ATOM   947  O O   . GLY A 1 126 ? 11.10922  9.69007   10.16397  1.000 13.16449 ? 124 GLY A O   1 
ATOM   948  N N   . LYS A 1 127 ? 9.17084   9.78993   9.01730   1.000 10.58159 ? 125 LYS A N   1 
ATOM   949  C CA  . LYS A 1 127 ? 8.51753   8.90609   9.96043   1.000 12.57750 ? 125 LYS A CA  1 
ATOM   950  C C   . LYS A 1 127 ? 7.72984   7.77777   9.32188   1.000 9.89428  ? 125 LYS A C   1 
ATOM   951  O O   . LYS A 1 127 ? 7.45170   6.80014   10.02441  1.000 12.19468 ? 125 LYS A O   1 
ATOM   952  C CB  . LYS A 1 127 ? 7.64153   9.68708   10.92619  1.000 22.31017 ? 125 LYS A CB  1 
ATOM   953  C CG  . LYS A 1 127 ? 6.53388   10.44685  10.34510  1.000 18.06580 ? 125 LYS A CG  1 
ATOM   954  C CD  . LYS A 1 127 ? 5.73331   11.10022  11.52475  1.000 27.29894 ? 125 LYS A CD  1 
ATOM   955  C CE  . LYS A 1 127 ? 4.43861   11.72182  11.03917  1.000 26.13301 ? 125 LYS A CE  1 
ATOM   956  N NZ  . LYS A 1 127 ? 3.72005   12.41953  12.16335  1.000 28.43189 ? 125 LYS A NZ  1 
ATOM   957  N N   . HIS A 1 128 ? 7.40197   7.85365   8.03399   1.000 10.90886 ? 126 HIS A N   1 
ATOM   958  C CA  . HIS A 1 128 ? 6.87184   6.71948   7.28505   1.000 9.54469  ? 126 HIS A CA  1 
ATOM   959  C C   . HIS A 1 128 ? 7.86730   6.34552   6.19944   1.000 8.71003  ? 126 HIS A C   1 
ATOM   960  O O   . HIS A 1 128 ? 8.34037   7.22716   5.46996   1.000 10.93904 ? 126 HIS A O   1 
ATOM   961  C CB  . HIS A 1 128 ? 5.49637   7.05239   6.68816   1.000 11.10498 ? 126 HIS A CB  1 
ATOM   962  C CG  . HIS A 1 128 ? 4.45917   7.27948   7.73859   1.000 9.52853  ? 126 HIS A CG  1 
ATOM   963  N ND1 . HIS A 1 128 ? 3.62792   6.27831   8.18395   1.000 11.39709 ? 126 HIS A ND1 1 
ATOM   964  C CD2 . HIS A 1 128 ? 4.16751   8.38175   8.48091   1.000 11.12422 ? 126 HIS A CD2 1 
ATOM   965  C CE1 . HIS A 1 128 ? 2.85461   6.75713   9.15053   1.000 10.81921 ? 126 HIS A CE1 1 
ATOM   966  N NE2 . HIS A 1 128 ? 3.14615   8.03374   9.34135   1.000 12.57483 ? 126 HIS A NE2 1 
ATOM   967  N N   . VAL A 1 129 ? 8.18059   5.05722   6.08091   1.000 10.39071 ? 127 VAL A N   1 
ATOM   968  C CA  . VAL A 1 129 ? 9.15879   4.58561   5.09608   1.000 10.13859 ? 127 VAL A CA  1 
ATOM   969  C C   . VAL A 1 129 ? 8.49949   4.53236   3.71022   1.000 8.62014  ? 127 VAL A C   1 
ATOM   970  O O   . VAL A 1 129 ? 7.61790   3.70499   3.43460   1.000 11.09477 ? 127 VAL A O   1 
ATOM   971  C CB  . VAL A 1 129 ? 9.73247   3.21659   5.49049   1.000 10.26437 ? 127 VAL A CB  1 
ATOM   972  C CG1 . VAL A 1 129 ? 10.71358  2.72704   4.41462   1.000 11.63916 ? 127 VAL A CG1 1 
ATOM   973  C CG2 . VAL A 1 129 ? 10.44067  3.30006   6.85539   1.000 12.60643 ? 127 VAL A CG2 1 
ATOM   974  N N   . VAL A 1 130 ? 8.98288   5.38342   2.80869   1.000 11.48762 ? 128 VAL A N   1 
ATOM   975  C CA  . VAL A 1 130 ? 8.59715   5.34775   1.39985   1.000 11.36362 ? 128 VAL A CA  1 
ATOM   976  C C   . VAL A 1 130 ? 9.37555   4.23615   0.70740   1.000 10.58313 ? 128 VAL A C   1 
ATOM   977  O O   . VAL A 1 130 ? 10.60672  4.17024   0.83348   1.000 11.62387 ? 128 VAL A O   1 
ATOM   978  C CB  . VAL A 1 130 ? 8.89158   6.69728   0.74762   1.000 10.03330 ? 128 VAL A CB  1 
ATOM   979  C CG1 . VAL A 1 130 ? 8.64015   6.58392   -0.78499  1.000 11.67952 ? 128 VAL A CG1 1 
ATOM   980  C CG2 . VAL A 1 130 ? 8.03320   7.79162   1.33870   1.000 12.80552 ? 128 VAL A CG2 1 
ATOM   981  N N   . PHE A 1 131 ? 8.68212   3.38363   -0.06446  1.000 10.53734 ? 129 PHE A N   1 
ATOM   982  C CA  . PHE A 1 131 ? 9.37379   2.25911   -0.67593  1.000 10.25516 ? 129 PHE A CA  1 
ATOM   983  C C   . PHE A 1 131 ? 8.90145   1.94289   -2.08791  1.000 11.02684 ? 129 PHE A C   1 
ATOM   984  O O   . PHE A 1 131 ? 9.37800   0.96094   -2.66946  1.000 11.99686 ? 129 PHE A O   1 
ATOM   985  C CB  . PHE A 1 131 ? 9.23337   1.01247   0.20687   1.000 11.35330 ? 129 PHE A CB  1 
ATOM   986  C CG  . PHE A 1 131 ? 7.82204   0.51616   0.30852   1.000 10.87560 ? 129 PHE A CG  1 
ATOM   987  C CD1 . PHE A 1 131 ? 6.92425   1.06605   1.24162   1.000 11.88582 ? 129 PHE A CD1 1 
ATOM   988  C CD2 . PHE A 1 131 ? 7.35020   -0.48651  -0.55644  1.000 11.51418 ? 129 PHE A CD2 1 
ATOM   989  C CE1 . PHE A 1 131 ? 5.60036   0.63236   1.32123   1.000 11.10763 ? 129 PHE A CE1 1 
ATOM   990  C CE2 . PHE A 1 131 ? 6.02873   -0.94948  -0.47556  1.000 11.40563 ? 129 PHE A CE2 1 
ATOM   991  C CZ  . PHE A 1 131 ? 5.15301   -0.41264  0.46955   1.000 10.80912 ? 129 PHE A CZ  1 
ATOM   992  N N   . GLY A 1 132 ? 8.00408   2.73466   -2.65281  1.000 10.61580 ? 130 GLY A N   1 
ATOM   993  C CA  . GLY A 1 132 ? 7.61419   2.50573   -4.03306  1.000 12.38015 ? 130 GLY A CA  1 
ATOM   994  C C   . GLY A 1 132 ? 6.79413   3.64509   -4.58167  1.000 12.08365 ? 130 GLY A C   1 
ATOM   995  O O   . GLY A 1 132 ? 6.60938   4.68064   -3.94176  1.000 11.80731 ? 130 GLY A O   1 
ATOM   996  N N   . LYS A 1 133 ? 6.29736   3.43618   -5.79689  1.000 12.09870 ? 131 LYS A N   1 
ATOM   997  C CA  . LYS A 1 133 ? 5.46053   4.43201   -6.43681  1.000 11.48858 ? 131 LYS A CA  1 
ATOM   998  C C   . LYS A 1 133 ? 4.57507   3.72714   -7.45322  1.000 12.22237 ? 131 LYS A C   1 
ATOM   999  O O   . LYS A 1 133 ? 4.96567   2.71071   -8.04441  1.000 15.48494 ? 131 LYS A O   1 
ATOM   1000 C CB  . LYS A 1 133 ? 6.29488   5.52783   -7.12736  1.000 14.46253 ? 131 LYS A CB  1 
ATOM   1001 C CG  . LYS A 1 133 ? 7.04263   4.99658   -8.34194  1.000 20.13393 ? 131 LYS A CG  1 
ATOM   1002 C CD  . LYS A 1 133 ? 7.54893   6.11018   -9.25418  1.000 31.64576 ? 131 LYS A CD  1 
ATOM   1003 C CE  . LYS A 1 133 ? 8.68503   5.58720   -10.12784 1.000 28.25639 ? 131 LYS A CE  1 
ATOM   1004 N NZ  . LYS A 1 133 ? 9.54699   6.73216   -10.58518 1.000 45.15333 ? 131 LYS A NZ  1 
ATOM   1005 N N   . VAL A 1 134 ? 3.39447   4.30223   -7.66042  1.000 12.06825 ? 132 VAL A N   1 
ATOM   1006 C CA  . VAL A 1 134 ? 2.52851   3.84847   -8.73657  1.000 12.04146 ? 132 VAL A CA  1 
ATOM   1007 C C   . VAL A 1 134 ? 3.24851   4.02908   -10.06520 1.000 12.26286 ? 132 VAL A C   1 
ATOM   1008 O O   . VAL A 1 134 ? 3.79934   5.10763   -10.35716 1.000 14.87389 ? 132 VAL A O   1 
ATOM   1009 C CB  . VAL A 1 134 ? 1.20415   4.61567   -8.70941  1.000 13.23341 ? 132 VAL A CB  1 
ATOM   1010 C CG1 . VAL A 1 134 ? 0.38446   4.25523   -9.94931  1.000 14.11369 ? 132 VAL A CG1 1 
ATOM   1011 C CG2 . VAL A 1 134 ? 0.40167   4.29055   -7.42651  1.000 14.51190 ? 132 VAL A CG2 1 
ATOM   1012 N N   . LYS A 1 135 ? 3.26780   2.95387   -10.85857 1.000 13.42961 ? 133 LYS A N   1 
ATOM   1013 C CA  . LYS A 1 135 ? 3.84141   2.93963   -12.19664 1.000 13.83354 ? 133 LYS A CA  1 
ATOM   1014 C C   . LYS A 1 135 ? 2.78289   3.13591   -13.26443 1.000 17.66892 ? 133 LYS A C   1 
ATOM   1015 O O   . LYS A 1 135 ? 2.91254   4.01055   -14.11138 1.000 24.96141 ? 133 LYS A O   1 
ATOM   1016 C CB  . LYS A 1 135 ? 4.56492   1.60652   -12.41090 1.000 19.08248 ? 133 LYS A CB  1 
ATOM   1017 C CG  . LYS A 1 135 ? 5.18337   1.45413   -13.77013 1.000 28.85762 ? 133 LYS A CG  1 
ATOM   1018 C CD  . LYS A 1 135 ? 5.54737   0.00266   -14.03466 1.000 40.53448 ? 133 LYS A CD  1 
ATOM   1019 C CE  . LYS A 1 135 ? 6.65701   -0.44135  -13.11673 1.000 41.88678 ? 133 LYS A CE  1 
ATOM   1020 N NZ  . LYS A 1 135 ? 7.91252   -0.70129  -13.87354 1.000 50.92841 ? 133 LYS A NZ  1 
ATOM   1021 N N   . GLU A 1 136 ? 1.73226   2.32354   -13.23263 1.000 15.82928 ? 134 GLU A N   1 
ATOM   1022 C CA  . GLU A 1 136 ? 0.58760   2.47154   -14.10910 1.000 15.72515 ? 134 GLU A CA  1 
ATOM   1023 C C   . GLU A 1 136 ? -0.67669  2.38221   -13.27881 1.000 12.77075 ? 134 GLU A C   1 
ATOM   1024 O O   . GLU A 1 136 ? -0.68745  1.75211   -12.21930 1.000 14.63025 ? 134 GLU A O   1 
ATOM   1025 C CB  . GLU A 1 136 ? 0.58277   1.38176   -15.18740 1.000 18.26033 ? 134 GLU A CB  1 
ATOM   1026 C CG  . GLU A 1 136 ? 1.71530   1.55655   -16.19891 1.000 24.95098 ? 134 GLU A CG  1 
ATOM   1027 C CD  . GLU A 1 136 ? 1.65120   0.54577   -17.32973 1.000 36.27033 ? 134 GLU A CD  1 
ATOM   1028 O OE1 . GLU A 1 136 ? 1.32512   0.92057   -18.49014 1.000 33.89742 ? 134 GLU A OE1 1 
ATOM   1029 O OE2 . GLU A 1 136 ? 1.92529   -0.63748  -17.05305 1.000 30.45999 ? 134 GLU A OE2 1 
ATOM   1030 N N   . GLY A 1 137 ? -1.74398  3.02498   -13.75088 1.000 13.27827 ? 135 GLY A N   1 
ATOM   1031 C CA  . GLY A 1 137 ? -3.02282  2.96349   -13.08519 1.000 11.97461 ? 135 GLY A CA  1 
ATOM   1032 C C   . GLY A 1 137 ? -3.28205  4.04516   -12.06800 1.000 12.05607 ? 135 GLY A C   1 
ATOM   1033 O O   . GLY A 1 137 ? -4.15537  3.84416   -11.20170 1.000 13.93933 ? 135 GLY A O   1 
ATOM   1034 N N   . MET A 1 138 ? -2.58762  5.18223   -12.14037 1.000 14.26956 ? 136 MET A N   1 
ATOM   1035 C CA  . MET A 1 138 ? -2.99454  6.27808   -11.27198 1.000 14.96509 ? 136 MET A CA  1 
ATOM   1036 C C   . MET A 1 138 ? -4.44153  6.69905   -11.53804 1.000 15.36948 ? 136 MET A C   1 
ATOM   1037 O O   . MET A 1 138 ? -5.12808  7.15439   -10.62048 1.000 14.64273 ? 136 MET A O   1 
ATOM   1038 C CB  . MET A 1 138 ? -2.04612  7.45501   -11.43574 1.000 17.27787 ? 136 MET A CB  1 
ATOM   1039 C CG  . MET A 1 138 ? -2.14045  8.39691   -10.25646 1.000 20.51705 ? 136 MET A CG  1 
ATOM   1040 S SD  . MET A 1 138 ? -1.50088  7.66279   -8.70438  1.000 20.65045 ? 136 MET A SD  1 
ATOM   1041 C CE  . MET A 1 138 ? -2.30478  8.75691   -7.51778  1.000 24.58136 ? 136 MET A CE  1 
ATOM   1042 N N   . ASN A 1 139 ? -4.94655  6.50675   -12.76707 1.000 13.77631 ? 137 ASN A N   1 
ATOM   1043 C CA  . ASN A 1 139 ? -6.36395  6.72196   -13.02358 1.000 13.11165 ? 137 ASN A CA  1 
ATOM   1044 C C   . ASN A 1 139 ? -7.25300  5.79256   -12.19293 1.000 13.02905 ? 137 ASN A C   1 
ATOM   1045 O O   . ASN A 1 139 ? -8.36295  6.18286   -11.79455 1.000 14.12213 ? 137 ASN A O   1 
ATOM   1046 C CB  . ASN A 1 139 ? -6.68588  6.52045   -14.51285 1.000 13.90134 ? 137 ASN A CB  1 
ATOM   1047 C CG  . ASN A 1 139 ? -6.28960  5.13085   -15.03237 1.000 16.10652 ? 137 ASN A CG  1 
ATOM   1048 O OD1 . ASN A 1 139 ? -5.21818  4.60822   -14.70360 1.000 16.76074 ? 137 ASN A OD1 1 
ATOM   1049 N ND2 . ASN A 1 139 ? -7.16111  4.51742   -15.82667 1.000 20.71437 ? 137 ASN A ND2 1 
ATOM   1050 N N   . ILE A 1 140 ? -6.79566  4.56519   -11.92634 1.000 12.68088 ? 138 ILE A N   1 
ATOM   1051 C CA  . ILE A 1 140 ? -7.56946  3.65532   -11.08730 1.000 13.68721 ? 138 ILE A CA  1 
ATOM   1052 C C   . ILE A 1 140 ? -7.53209  4.12048   -9.63067  1.000 12.59434 ? 138 ILE A C   1 
ATOM   1053 O O   . ILE A 1 140 ? -8.55530  4.06767   -8.93799  1.000 13.86141 ? 138 ILE A O   1 
ATOM   1054 C CB  . ILE A 1 140 ? -7.06633  2.21140   -11.26582 1.000 13.44219 ? 138 ILE A CB  1 
ATOM   1055 C CG1 . ILE A 1 140 ? -7.12553  1.84515   -12.76464 1.000 13.68338 ? 138 ILE A CG1 1 
ATOM   1056 C CG2 . ILE A 1 140 ? -7.86559  1.23545   -10.39173 1.000 13.74629 ? 138 ILE A CG2 1 
ATOM   1057 C CD1 . ILE A 1 140 ? -8.53403  2.00464   -13.38720 1.000 14.87072 ? 138 ILE A CD1 1 
ATOM   1058 N N   . VAL A 1 141 ? -6.36369  4.58162   -9.15524  1.000 12.75783 ? 139 VAL A N   1 
ATOM   1059 C CA  . VAL A 1 141 ? -6.26870  5.15071   -7.80503  1.000 12.87046 ? 139 VAL A CA  1 
ATOM   1060 C C   . VAL A 1 141 ? -7.20074  6.34300   -7.66727  1.000 15.33795 ? 139 VAL A C   1 
ATOM   1061 O O   . VAL A 1 141 ? -7.91147  6.48501   -6.67011  1.000 15.62191 ? 139 VAL A O   1 
ATOM   1062 C CB  . VAL A 1 141 ? -4.82127  5.55485   -7.48456  1.000 12.25792 ? 139 VAL A CB  1 
ATOM   1063 C CG1 . VAL A 1 141 ? -4.76191  6.20779   -6.10726  1.000 15.04682 ? 139 VAL A CG1 1 
ATOM   1064 C CG2 . VAL A 1 141 ? -3.89296  4.34334   -7.49500  1.000 14.93617 ? 139 VAL A CG2 1 
ATOM   1065 N N   . GLU A 1 142 ? -7.22806  7.21189   -8.67687  1.000 13.91511 ? 140 GLU A N   1 
ATOM   1066 C CA  . GLU A 1 142 ? -8.13215  8.36006   -8.63197  1.000 13.71220 ? 140 GLU A CA  1 
ATOM   1067 C C   . GLU A 1 142 ? -9.60598  7.92667   -8.61444  1.000 15.68899 ? 140 GLU A C   1 
ATOM   1068 O O   . GLU A 1 142 ? -10.45075 8.57259   -7.97837  1.000 16.82419 ? 140 GLU A O   1 
ATOM   1069 C CB  . GLU A 1 142 ? -7.83480  9.27266   -9.82662  1.000 16.36605 ? 140 GLU A CB  1 
ATOM   1070 C CG  . GLU A 1 142 ? -6.46368  9.98633   -9.71070  1.000 19.43838 ? 140 GLU A CG  1 
ATOM   1071 C CD  . GLU A 1 142 ? -5.90284  10.47168  -11.05492 1.000 31.35944 ? 140 GLU A CD  1 
ATOM   1072 O OE1 . GLU A 1 142 ? -6.52521  10.19376  -12.11297 1.000 32.63712 ? 140 GLU A OE1 1 
ATOM   1073 O OE2 . GLU A 1 142 ? -4.83775  11.13525  -11.04918 1.000 35.35651 ? 140 GLU A OE2 1 
ATOM   1074 N N   . ALA A 1 143 ? -9.94300  6.86448   -9.34415  1.000 13.52476 ? 141 ALA A N   1 
ATOM   1075 C CA  . ALA A 1 143 ? -11.29068 6.32414   -9.28624  1.000 13.96662 ? 141 ALA A CA  1 
ATOM   1076 C C   . ALA A 1 143 ? -11.62120 5.78254   -7.89562  1.000 15.27376 ? 141 ALA A C   1 
ATOM   1077 O O   . ALA A 1 143 ? -12.73510 5.98312   -7.39450  1.000 16.26513 ? 141 ALA A O   1 
ATOM   1078 C CB  . ALA A 1 143 ? -11.44783 5.24221   -10.36090 1.000 14.93323 ? 141 ALA A CB  1 
ATOM   1079 N N   . MET A 1 144 ? -10.66369 5.10684   -7.24852  1.000 13.71094 ? 142 MET A N   1 
ATOM   1080 C CA  . MET A 1 144 ? -10.87353 4.59008   -5.89340  1.000 14.85159 ? 142 MET A CA  1 
ATOM   1081 C C   . MET A 1 144 ? -11.13579 5.72583   -4.93350  1.000 17.30205 ? 142 MET A C   1 
ATOM   1082 O O   . MET A 1 144 ? -11.96063 5.60924   -4.01373  1.000 16.95335 ? 142 MET A O   1 
ATOM   1083 C CB  . MET A 1 144 ? -9.62094  3.83771   -5.41519  1.000 19.92666 ? 142 MET A CB  1 
ATOM   1084 C CG  . MET A 1 144 ? -9.38194  2.53112   -6.06139  1.000 20.15507 ? 142 MET A CG  1 
ATOM   1085 S SD  . MET A 1 144 ? -7.65623  2.02978   -5.76658  1.000 19.07931 ? 142 MET A SD  1 
ATOM   1086 C CE  . MET A 1 144 ? -7.45216  2.20552   -3.99665  1.000 23.25426 ? 142 MET A CE  1 
ATOM   1087 N N   . GLU A 1 145 ? -10.39391 6.81283   -5.11566  1.000 16.61385 ? 143 GLU A N   1 
ATOM   1088 C CA  . GLU A 1 145 ? -10.48640 7.98802   -4.26066  1.000 18.33957 ? 143 GLU A CA  1 
ATOM   1089 C C   . GLU A 1 145 ? -11.90209 8.54071   -4.19541  1.000 19.34435 ? 143 GLU A C   1 
ATOM   1090 O O   . GLU A 1 145 ? -12.32191 9.05006   -3.14064  1.000 21.36418 ? 143 GLU A O   1 
ATOM   1091 C CB  . GLU A 1 145 ? -9.49801  9.03417   -4.79194  1.000 22.12861 ? 143 GLU A CB  1 
ATOM   1092 C CG  . GLU A 1 145 ? -8.75229  9.80932   -3.80327  1.000 32.04668 ? 143 GLU A CG  1 
ATOM   1093 C CD  . GLU A 1 145 ? -7.97907  10.91283  -4.47393  1.000 28.43067 ? 143 GLU A CD  1 
ATOM   1094 O OE1 . GLU A 1 145 ? -7.66676  10.80649  -5.68562  1.000 30.48297 ? 143 GLU A OE1 1 
ATOM   1095 O OE2 . GLU A 1 145 ? -7.68064  11.90036  -3.80054  1.000 27.38586 ? 143 GLU A OE2 1 
ATOM   1096 N N   . ARG A 1 146 ? -12.67452 8.42969   -5.28898  1.000 17.47961 ? 144 ARG A N   1 
ATOM   1097 C CA  . ARG A 1 146 ? -14.04340 8.93296   -5.26856  1.000 18.13031 ? 144 ARG A CA  1 
ATOM   1098 C C   . ARG A 1 146 ? -14.96597 8.13136   -4.35181  1.000 18.18714 ? 144 ARG A C   1 
ATOM   1099 O O   . ARG A 1 146 ? -16.07876 8.59082   -4.06868  1.000 24.71029 ? 144 ARG A O   1 
ATOM   1100 C CB  . ARG A 1 146 ? -14.60480 8.98541   -6.69179  1.000 21.33372 ? 144 ARG A CB  1 
ATOM   1101 C CG  . ARG A 1 146 ? -13.86915 10.01787  -7.56356  1.000 28.73883 ? 144 ARG A CG  1 
ATOM   1102 C CD  . ARG A 1 146 ? -14.39293 10.09073  -8.99185  1.000 42.72716 ? 144 ARG A CD  1 
ATOM   1103 N N   . PHE A 1 147 ? -14.54699 6.96186   -3.86575  1.000 15.18263 ? 145 PHE A N   1 
ATOM   1104 C CA  . PHE A 1 147 ? -15.33974 6.23458   -2.88712  1.000 14.38705 ? 145 PHE A CA  1 
ATOM   1105 C C   . PHE A 1 147 ? -14.92602 6.53002   -1.45757  1.000 14.36845 ? 145 PHE A C   1 
ATOM   1106 O O   . PHE A 1 147 ? -15.50327 5.94787   -0.53381  1.000 16.61895 ? 145 PHE A O   1 
ATOM   1107 C CB  . PHE A 1 147 ? -15.27370 4.73296   -3.17666  1.000 16.04857 ? 145 PHE A CB  1 
ATOM   1108 C CG  . PHE A 1 147 ? -15.84520 4.37624   -4.52993  1.000 17.86907 ? 145 PHE A CG  1 
ATOM   1109 C CD1 . PHE A 1 147 ? -17.21651 4.34104   -4.71330  1.000 19.20567 ? 145 PHE A CD1 1 
ATOM   1110 C CD2 . PHE A 1 147 ? -15.01475 4.14853   -5.61304  1.000 16.01908 ? 145 PHE A CD2 1 
ATOM   1111 C CE1 . PHE A 1 147 ? -17.74849 4.05069   -5.94624  1.000 23.13480 ? 145 PHE A CE1 1 
ATOM   1112 C CE2 . PHE A 1 147 ? -15.56605 3.85782   -6.85608  1.000 18.20798 ? 145 PHE A CE2 1 
ATOM   1113 C CZ  . PHE A 1 147 ? -16.91748 3.81615   -7.00989  1.000 19.89165 ? 145 PHE A CZ  1 
ATOM   1114 N N   . GLY A 1 148 ? -13.96492 7.42420   -1.25880  1.000 15.24828 ? 146 GLY A N   1 
ATOM   1115 C CA  . GLY A 1 148 ? -13.56134 7.83891   0.07173   1.000 14.30273 ? 146 GLY A CA  1 
ATOM   1116 C C   . GLY A 1 148 ? -14.41772 8.97285   0.58575   1.000 16.58954 ? 146 GLY A C   1 
ATOM   1117 O O   . GLY A 1 148 ? -15.42928 9.34621   -0.01070  1.000 19.27055 ? 146 GLY A O   1 
ATOM   1118 N N   . SER A 1 149 ? -14.00544 9.51459   1.72945   1.000 14.25311 ? 147 SER A N   1 
ATOM   1119 C CA  . SER A 1 149 ? -14.75550 10.58759  2.37070   1.000 14.49626 ? 147 SER A CA  1 
ATOM   1120 C C   . SER A 1 149 ? -13.80796 11.32665  3.29826   1.000 14.21913 ? 147 SER A C   1 
ATOM   1121 O O   . SER A 1 149 ? -12.68653 10.87783  3.53975   1.000 13.35859 ? 147 SER A O   1 
ATOM   1122 C CB  . SER A 1 149 ? -15.95851 10.03638  3.14715   1.000 17.38255 ? 147 SER A CB  1 
ATOM   1123 O OG  . SER A 1 149 ? -15.51275 9.25087   4.22258   1.000 19.15666 ? 147 SER A OG  1 
ATOM   1124 N N   . ARG A 1 150 ? -14.28095 12.45402  3.85598   1.000 14.09837 ? 148 ARG A N   1 
ATOM   1125 C CA  . ARG A 1 150 ? -13.38449 13.26348  4.68099   1.000 13.50863 ? 148 ARG A CA  1 
ATOM   1126 C C   . ARG A 1 150 ? -12.86585 12.47659  5.85927   1.000 13.55263 ? 148 ARG A C   1 
ATOM   1127 O O   . ARG A 1 150 ? -11.69301 12.61504  6.22481   1.000 15.37292 ? 148 ARG A O   1 
ATOM   1128 C CB  . ARG A 1 150 ? -14.07458 14.53246  5.18858   1.000 13.95967 ? 148 ARG A CB  1 
ATOM   1129 C CG  . ARG A 1 150 ? -14.28754 15.61072  4.13555   1.000 14.60499 ? 148 ARG A CG  1 
ATOM   1130 C CD  . ARG A 1 150 ? -13.02200 16.32913  3.72633   1.000 16.05989 ? 148 ARG A CD  1 
ATOM   1131 N NE  . ARG A 1 150 ? -12.23151 16.83101  4.84367   1.000 13.63033 ? 148 ARG A NE  1 
ATOM   1132 C CZ  . ARG A 1 150 ? -12.40590 18.01995  5.41576   1.000 12.37871 ? 148 ARG A CZ  1 
ATOM   1133 N NH1 . ARG A 1 150 ? -13.39718 18.82370  5.03726   1.000 14.93698 ? 148 ARG A NH1 1 
ATOM   1134 N NH2 . ARG A 1 150 ? -11.60762 18.35219  6.41948   1.000 13.15053 ? 148 ARG A NH2 1 
ATOM   1135 N N   . ASN A 1 151 ? -13.71628 11.66567  6.48245   1.000 14.62474 ? 149 ASN A N   1 
ATOM   1136 C CA  . ASN A 1 151 ? -13.25814 10.90795  7.63978   1.000 13.85185 ? 149 ASN A CA  1 
ATOM   1137 C C   . ASN A 1 151 ? -12.67322 9.55092   7.25993   1.000 15.34462 ? 149 ASN A C   1 
ATOM   1138 O O   . ASN A 1 151 ? -12.23049 8.81188   8.14377   1.000 17.81321 ? 149 ASN A O   1 
ATOM   1139 C CB  . ASN A 1 151 ? -14.38050 10.74019  8.69196   1.000 15.31675 ? 149 ASN A CB  1 
ATOM   1140 C CG  . ASN A 1 151 ? -15.52342 9.86026   8.23448   1.000 22.87760 ? 149 ASN A CG  1 
ATOM   1141 O OD1 . ASN A 1 151 ? -15.37188 8.99834   7.38879   1.000 19.85994 ? 149 ASN A OD1 1 
ATOM   1142 N ND2 . ASN A 1 151 ? -16.70138 10.08651  8.81171   1.000 28.16659 ? 149 ASN A ND2 1 
ATOM   1143 N N   . GLY A 1 152 ? -12.60759 9.23612   5.97589   1.000 13.29133 ? 150 GLY A N   1 
ATOM   1144 C CA  . GLY A 1 152 ? -11.91643 8.05552   5.52229   1.000 13.66534 ? 150 GLY A CA  1 
ATOM   1145 C C   . GLY A 1 152 ? -12.79883 6.85773   5.26473   1.000 13.00289 ? 150 GLY A C   1 
ATOM   1146 O O   . GLY A 1 152 ? -12.34929 5.91567   4.61365   1.000 14.03628 ? 150 GLY A O   1 
ATOM   1147 N N   . LYS A 1 153 ? -14.03687 6.85637   5.75838   1.000 14.19165 ? 151 LYS A N   1 
ATOM   1148 C CA  . LYS A 1 153 ? -14.90172 5.70569   5.54234   1.000 15.01978 ? 151 LYS A CA  1 
ATOM   1149 C C   . LYS A 1 153 ? -15.28512 5.61469   4.07012   1.000 14.09624 ? 151 LYS A C   1 
ATOM   1150 O O   . LYS A 1 153 ? -15.58484 6.61825   3.42048   1.000 16.35683 ? 151 LYS A O   1 
ATOM   1151 C CB  . LYS A 1 153 ? -16.14881 5.82523   6.42147   1.000 18.00809 ? 151 LYS A CB  1 
ATOM   1152 C CG  . LYS A 1 153 ? -17.09688 4.65254   6.23867   1.000 26.12399 ? 151 LYS A CG  1 
ATOM   1153 C CD  . LYS A 1 153 ? -18.18609 4.60183   7.30342   1.000 57.13508 ? 151 LYS A CD  1 
ATOM   1154 C CE  . LYS A 1 153 ? -19.41148 3.84245   6.79000   1.000 46.85668 ? 151 LYS A CE  1 
ATOM   1155 N NZ  . LYS A 1 153 ? -19.15709 3.19972   5.46545   1.000 43.16167 ? 151 LYS A NZ  1 
ATOM   1156 N N   . THR A 1 154 ? -15.23427 4.41066   3.52577   1.000 16.00099 ? 152 THR A N   1 
ATOM   1157 C CA  . THR A 1 154 ? -15.54945 4.24441   2.10619   1.000 14.04455 ? 152 THR A CA  1 
ATOM   1158 C C   . THR A 1 154 ? -17.03665 3.98009   1.90092   1.000 16.16250 ? 152 THR A C   1 
ATOM   1159 O O   . THR A 1 154 ? -17.69277 3.34939   2.73723   1.000 19.93616 ? 152 THR A O   1 
ATOM   1160 C CB  . THR A 1 154 ? -14.71714 3.12297   1.45666   1.000 15.86373 ? 152 THR A CB  1 
ATOM   1161 O OG1 . THR A 1 154 ? -14.97624 1.87290   2.09772   1.000 19.49123 ? 152 THR A OG1 1 
ATOM   1162 C CG2 . THR A 1 154 ? -13.22504 3.42688   1.57933   1.000 17.78426 ? 152 THR A CG2 1 
ATOM   1163 N N   . SER A 1 155 ? -17.55934 4.49470   0.78410   1.000 16.74784 ? 153 SER A N   1 
ATOM   1164 C CA  . SER A 1 155 ? -18.98519 4.36881   0.50399   1.000 17.27392 ? 153 SER A CA  1 
ATOM   1165 C C   . SER A 1 155 ? -19.31744 3.07870   -0.22579  1.000 19.86229 ? 153 SER A C   1 
ATOM   1166 O O   . SER A 1 155 ? -20.49515 2.69776   -0.27060  1.000 20.40377 ? 153 SER A O   1 
ATOM   1167 C CB  . SER A 1 155 ? -19.46138 5.56551   -0.29733  1.000 18.65734 ? 153 SER A CB  1 
ATOM   1168 O OG  . SER A 1 155 ? -18.75183 5.67414   -1.51777  1.000 22.57254 ? 153 SER A OG  1 
ATOM   1169 N N   . LYS A 1 156 ? -18.30503 2.41334   -0.79636  1.000 17.78451 ? 154 LYS A N   1 
ATOM   1170 C CA  . LYS A 1 156 ? -18.40297 1.06410   -1.33264  1.000 16.99176 ? 154 LYS A CA  1 
ATOM   1171 C C   . LYS A 1 156 ? -17.14474 0.33741   -0.88677  1.000 16.20741 ? 154 LYS A C   1 
ATOM   1172 O O   . LYS A 1 156 ? -16.13802 0.97407   -0.55513  1.000 17.91300 ? 154 LYS A O   1 
ATOM   1173 C CB  . LYS A 1 156 ? -18.53837 1.07086   -2.87112  1.000 19.86697 ? 154 LYS A CB  1 
ATOM   1174 C CG  . LYS A 1 156 ? -19.86628 1.71132   -3.38589  1.000 19.65918 ? 154 LYS A CG  1 
ATOM   1175 C CD  . LYS A 1 156 ? -20.10961 1.39501   -4.86944  1.000 27.24814 ? 154 LYS A CD  1 
ATOM   1176 C CE  . LYS A 1 156 ? -21.46131 1.94911   -5.34371  1.000 32.28214 ? 154 LYS A CE  1 
ATOM   1177 N NZ  . LYS A 1 156 ? -21.50538 3.42493   -5.19431  1.000 47.67423 ? 154 LYS A NZ  1 
ATOM   1178 N N   . LYS A 1 157 ? -17.18451 -0.99304  -0.90472  1.000 15.11970 ? 155 LYS A N   1 
ATOM   1179 C CA  . LYS A 1 157 ? -16.06782 -1.79458  -0.40241  1.000 14.78145 ? 155 LYS A CA  1 
ATOM   1180 C C   . LYS A 1 157 ? -15.00684 -1.89082  -1.50122  1.000 16.04243 ? 155 LYS A C   1 
ATOM   1181 O O   . LYS A 1 157 ? -15.28837 -2.37922  -2.60051  1.000 16.82634 ? 155 LYS A O   1 
ATOM   1182 C CB  . LYS A 1 157 ? -16.57167 -3.16726  0.05116   1.000 17.41167 ? 155 LYS A CB  1 
ATOM   1183 C CG  . LYS A 1 157 ? -15.49444 -4.09186  0.51883   1.000 24.71978 ? 155 LYS A CG  1 
ATOM   1184 C CD  . LYS A 1 157 ? -14.87599 -3.58451  1.80295   1.000 38.20730 ? 155 LYS A CD  1 
ATOM   1185 C CE  . LYS A 1 157 ? -14.58405 -4.70544  2.80280   1.000 37.63604 ? 155 LYS A CE  1 
ATOM   1186 N NZ  . LYS A 1 157 ? -14.79759 -4.21766  4.19822   1.000 34.98153 ? 155 LYS A NZ  1 
ATOM   1187 N N   . ILE A 1 158 ? -13.80319 -1.38419  -1.23163  1.000 12.50369 ? 156 ILE A N   1 
ATOM   1188 C CA  . ILE A 1 158 ? -12.73634 -1.30777  -2.23028  1.000 14.58904 ? 156 ILE A CA  1 
ATOM   1189 C C   . ILE A 1 158 ? -11.76052 -2.43429  -1.91755  1.000 12.55821 ? 156 ILE A C   1 
ATOM   1190 O O   . ILE A 1 158 ? -11.11954 -2.41591  -0.86667  1.000 15.00522 ? 156 ILE A O   1 
ATOM   1191 C CB  . ILE A 1 158 ? -12.05424 0.06656   -2.21508  1.000 13.28124 ? 156 ILE A CB  1 
ATOM   1192 C CG1 . ILE A 1 158 ? -13.09485 1.21875   -2.29941  1.000 14.97028 ? 156 ILE A CG1 1 
ATOM   1193 C CG2 . ILE A 1 158 ? -10.98016 0.16787   -3.35046  1.000 15.62406 ? 156 ILE A CG2 1 
ATOM   1194 C CD1 . ILE A 1 158 ? -13.98160 1.16118   -3.53453  1.000 17.99225 ? 156 ILE A CD1 1 
ATOM   1195 N N   . THR A 1 159 ? -11.66233 -3.44205  -2.78512  1.000 12.41526 ? 157 THR A N   1 
ATOM   1196 C CA  . THR A 1 159 ? -10.85999 -4.61045  -2.47192  1.000 13.60747 ? 157 THR A CA  1 
ATOM   1197 C C   . THR A 1 159 ? -9.75096  -4.83204  -3.48840  1.000 15.15515 ? 157 THR A C   1 
ATOM   1198 O O   . THR A 1 159 ? -9.80272  -4.37439  -4.63625  1.000 13.41019 ? 157 THR A O   1 
ATOM   1199 C CB  . THR A 1 159 ? -11.71914 -5.87156  -2.37824  1.000 16.82397 ? 157 THR A CB  1 
ATOM   1200 O OG1 . THR A 1 159 ? -12.46120 -6.01304  -3.58908  1.000 16.98673 ? 157 THR A OG1 1 
ATOM   1201 C CG2 . THR A 1 159 ? -12.71191 -5.72997  -1.22608  1.000 19.53486 ? 157 THR A CG2 1 
ATOM   1202 N N   . ILE A 1 160 ? -8.74376  -5.55771  -3.01583  1.000 12.98750 ? 158 ILE A N   1 
ATOM   1203 C CA  . ILE A 1 160 ? -7.68457  -6.11477  -3.86545  1.000 11.78930 ? 158 ILE A CA  1 
ATOM   1204 C C   . ILE A 1 160 ? -8.18098  -7.49359  -4.28359  1.000 13.77761 ? 158 ILE A C   1 
ATOM   1205 O O   . ILE A 1 160 ? -8.02757  -8.47936  -3.55453  1.000 16.49401 ? 158 ILE A O   1 
ATOM   1206 C CB  . ILE A 1 160 ? -6.34622  -6.16673  -3.13725  1.000 12.21741 ? 158 ILE A CB  1 
ATOM   1207 C CG1 . ILE A 1 160 ? -5.94336  -4.75137  -2.70618  1.000 15.03127 ? 158 ILE A CG1 1 
ATOM   1208 C CG2 . ILE A 1 160 ? -5.27755  -6.81203  -4.03961  1.000 14.88451 ? 158 ILE A CG2 1 
ATOM   1209 C CD1 . ILE A 1 160 ? -4.70983  -4.73076  -1.79357  1.000 15.14833 ? 158 ILE A CD1 1 
ATOM   1210 N N   . ALA A 1 161 ? -8.83426  -7.56441  -5.44724  1.000 13.55195 ? 159 ALA A N   1 
ATOM   1211 C CA  . ALA A 1 161 ? -9.37906  -8.84270  -5.88983  1.000 14.12901 ? 159 ALA A CA  1 
ATOM   1212 C C   . ALA A 1 161 ? -8.28956  -9.83577  -6.27098  1.000 15.67121 ? 159 ALA A C   1 
ATOM   1213 O O   . ALA A 1 161 ? -8.45641  -11.04586 -6.08340  1.000 17.55184 ? 159 ALA A O   1 
ATOM   1214 C CB  . ALA A 1 161 ? -10.31948 -8.60421  -7.06211  1.000 14.83524 ? 159 ALA A CB  1 
ATOM   1215 N N   . ASP A 1 162 ? -7.15428  -9.35272  -6.77397  1.000 14.23783 ? 160 ASP A N   1 
ATOM   1216 C CA  . ASP A 1 162 ? -6.01905  -10.19625 -7.11202  1.000 12.91711 ? 160 ASP A CA  1 
ATOM   1217 C C   . ASP A 1 162 ? -4.80505  -9.31990  -7.02019  1.000 12.41855 ? 160 ASP A C   1 
ATOM   1218 O O   . ASP A 1 162 ? -4.90351  -8.09096  -7.11056  1.000 13.10546 ? 160 ASP A O   1 
ATOM   1219 C CB  . ASP A 1 162 ? -6.15219  -10.77389 -8.51859  1.000 16.29225 ? 160 ASP A CB  1 
ATOM   1220 C CG  . ASP A 1 162 ? -5.21527  -11.95766 -8.75497  1.000 24.94578 ? 160 ASP A CG  1 
ATOM   1221 O OD1 . ASP A 1 162 ? -4.65542  -12.52901 -7.77542  1.000 21.23769 ? 160 ASP A OD1 1 
ATOM   1222 O OD2 . ASP A 1 162 ? -5.03345  -12.31180 -9.94972  1.000 30.61089 ? 160 ASP A OD2 1 
ATOM   1223 N N   . CYS A 1 163 ? -3.65859  -9.95630  -6.82646  1.000 13.23305 ? 161 CYS A N   1 
ATOM   1224 C CA  . CYS A 1 163 ? -2.41431  -9.20999  -6.79161  1.000 12.92645 ? 161 CYS A CA  1 
ATOM   1225 C C   . CYS A 1 163 ? -1.28100  -10.17898 -7.05499  1.000 13.15692 ? 161 CYS A C   1 
ATOM   1226 O O   . CYS A 1 163 ? -1.43414  -11.40886 -6.92573  1.000 17.07103 ? 161 CYS A O   1 
ATOM   1227 C CB  . CYS A 1 163 ? -2.22335  -8.47998  -5.45203  1.000 11.88484 ? 161 CYS A CB  1 
ATOM   1228 S SG  . CYS A 1 163 ? -2.50213  -9.46683  -3.96780  1.000 14.23708 ? 161 CYS A SG  1 
ATOM   1229 N N   . GLY A 1 164 ? -0.13518  -9.62114  -7.42905  1.000 12.41083 ? 162 GLY A N   1 
ATOM   1230 C CA  . GLY A 1 164 ? 1.00207   -10.46539 -7.74037  1.000 13.08730 ? 162 GLY A CA  1 
ATOM   1231 C C   . GLY A 1 164 ? 2.13943   -9.65440  -8.32096  1.000 14.31288 ? 162 GLY A C   1 
ATOM   1232 O O   . GLY A 1 164 ? 2.15109   -8.42539  -8.26078  1.000 14.57980 ? 162 GLY A O   1 
ATOM   1233 N N   . GLN A 1 165 ? 3.10393   -10.36932 -8.86182  1.000 15.92056 ? 163 GLN A N   1 
ATOM   1234 C CA  . GLN A 1 165 ? 4.30539   -9.75808  -9.40381  1.000 15.89549 ? 163 GLN A CA  1 
ATOM   1235 C C   . GLN A 1 165 ? 4.29058   -9.82177  -10.92292 1.000 15.39606 ? 163 GLN A C   1 
ATOM   1236 O O   . GLN A 1 165 ? 3.90241   -10.84512 -11.51044 1.000 21.60161 ? 163 GLN A O   1 
ATOM   1237 C CB  . GLN A 1 165 ? 5.54806   -10.45544 -8.84593  1.000 16.69262 ? 163 GLN A CB  1 
ATOM   1238 C CG  . GLN A 1 165 ? 6.82959   -9.73676  -9.18776  1.000 18.21375 ? 163 GLN A CG  1 
ATOM   1239 C CD  . GLN A 1 165 ? 8.02248   -10.26444 -8.40243  1.000 16.82254 ? 163 GLN A CD  1 
ATOM   1240 O OE1 . GLN A 1 165 ? 7.88775   -11.14658 -7.54097  1.000 18.93892 ? 163 GLN A OE1 1 
ATOM   1241 N NE2 . GLN A 1 165 ? 9.19926   -9.73846  -8.71088  1.000 18.39570 ? 163 GLN A NE2 1 
ATOM   1242 N N   . LEU A 1 166 ? 4.72027   -8.73134  -11.55566 1.000 15.86792 ? 164 LEU A N   1 
ATOM   1243 C CA  . LEU A 1 166 ? 4.82593   -8.69123  -13.01190 1.000 18.60973 ? 164 LEU A CA  1 
ATOM   1244 C C   . LEU A 1 166 ? 6.24270   -8.91689  -13.49616 1.000 21.10259 ? 164 LEU A C   1 
ATOM   1245 O O   . LEU A 1 166 ? 6.44528   -9.53518  -14.55097 1.000 30.48237 ? 164 LEU A O   1 
ATOM   1246 C CB  . LEU A 1 166 ? 4.32348   -7.35280  -13.55227 1.000 20.81338 ? 164 LEU A CB  1 
ATOM   1247 C CG  . LEU A 1 166 ? 2.82404   -7.13499  -13.34761 1.000 23.63957 ? 164 LEU A CG  1 
ATOM   1248 C CD1 . LEU A 1 166 ? 2.38496   -5.77537  -13.88824 1.000 26.91110 ? 164 LEU A CD1 1 
ATOM   1249 C CD2 . LEU A 1 166 ? 2.02503   -8.29034  -13.93224 1.000 26.13231 ? 164 LEU A CD2 1 
ATOM   1250 N N   . GLU A 1 167 ? 7.21634   -8.43228  -12.74916 1.000 24.22076 ? 165 GLU A N   1 
ATOM   1251 C CA  . GLU A 1 167 ? 8.62657   -8.50792  -13.14204 1.000 60.51998 ? 165 GLU A CA  1 
ATOM   1252 C C   . GLU A 1 167 ? 9.49154   -7.99628  -11.98661 1.000 50.29632 ? 165 GLU A C   1 
ATOM   1253 O O   . GLU A 1 167 ? 10.71733  -7.77311  -12.11076 1.000 46.34929 ? 165 GLU A O   1 
ATOM   1254 C CB  . GLU A 1 167 ? 8.89911   -7.70676  -14.43042 1.000 52.49822 ? 165 GLU A CB  1 
ATOM   1255 C CG  . GLU A 1 167 ? 9.00985   -8.58835  -15.68097 1.000 63.55295 ? 165 GLU A CG  1 
ATOM   1256 C CD  . GLU A 1 167 ? 9.70619   -7.89905  -16.83821 1.000 86.59416 ? 165 GLU A CD  1 
ATOM   1257 O OE1 . GLU A 1 167 ? 10.46694  -6.93871  -16.58105 1.000 99.85001 ? 165 GLU A OE1 1 
ATOM   1258 O OE2 . GLU A 1 167 ? 9.49982   -8.32267  -18.00167 1.000 80.30145 ? 165 GLU A OE2 1 
ATOM   1259 O OXT . GLU A 1 167 ? 8.94058   -7.80378  -10.89366 1.000 18.83374 ? 165 GLU A OXT 1 
HETATM 1260 C C10 . UOG B 2 .   ? -3.84282  8.89299   8.33401   1.000 13.01777 ? 400 UOG A C10 1 
HETATM 1261 C C12 . UOG B 2 .   ? -5.11285  10.69124  9.57060   1.000 15.76648 ? 400 UOG A C12 1 
HETATM 1262 C C13 . UOG B 2 .   ? -0.83205  5.59196   9.45588   1.000 12.41087 ? 400 UOG A C13 1 
HETATM 1263 C C14 . UOG B 2 .   ? -1.58783  5.67907   10.77946  1.000 11.46549 ? 400 UOG A C14 1 
HETATM 1264 C C01 . UOG B 2 .   ? -7.28810  9.45239   10.12353  1.000 13.57095 ? 400 UOG A C01 1 
HETATM 1265 C C02 . UOG B 2 .   ? -5.92795  9.66415   10.33540  1.000 15.74113 ? 400 UOG A C02 1 
HETATM 1266 C C04 . UOG B 2 .   ? -1.90961  8.48882   6.68320   1.000 13.14556 ? 400 UOG A C04 1 
HETATM 1267 C C05 . UOG B 2 .   ? -0.56412  7.73262   6.59664   1.000 13.79482 ? 400 UOG A C05 1 
HETATM 1268 C C06 . UOG B 2 .   ? -0.74065  6.26911   7.02674   1.000 12.39287 ? 400 UOG A C06 1 
HETATM 1269 C C09 . UOG B 2 .   ? -2.44941  8.32894   8.11645   1.000 12.51621 ? 400 UOG A C09 1 
HETATM 1270 C C17 . UOG B 2 .   ? -2.26561  3.42968   11.47174  1.000 12.11446 ? 400 UOG A C17 1 
HETATM 1271 C C18 . UOG B 2 .   ? -1.92412  2.27676   12.40755  1.000 14.92725 ? 400 UOG A C18 1 
HETATM 1272 C C20 . UOG B 2 .   ? -1.90386  0.89634   11.76776  1.000 12.43798 ? 400 UOG A C20 1 
HETATM 1273 C C21 . UOG B 2 .   ? -1.79834  -0.17390  12.86494  1.000 16.51760 ? 400 UOG A C21 1 
HETATM 1274 C C22 . UOG B 2 .   ? -0.72003  0.82346   10.78839  1.000 17.94605 ? 400 UOG A C22 1 
HETATM 1275 C C24 . UOG B 2 .   ? -4.78774  5.15172   14.26820  1.000 26.40200 ? 400 UOG A C24 1 
HETATM 1276 C C25 . UOG B 2 .   ? -2.92603  2.96420   14.54426  1.000 26.09044 ? 400 UOG A C25 1 
HETATM 1277 C C27 . UOG B 2 .   ? -1.08988  6.89730   11.57354  1.000 12.74799 ? 400 UOG A C27 1 
HETATM 1278 C C29 . UOG B 2 .   ? -4.73943  11.91527  10.36518  1.000 15.55266 ? 400 UOG A C29 1 
HETATM 1279 C C30 . UOG B 2 .   ? -5.08579  3.84787   14.45240  1.000 30.48356 ? 400 UOG A C30 1 
HETATM 1280 C C31 . UOG B 2 .   ? -7.93548  8.45028   10.84505  1.000 16.04723 ? 400 UOG A C31 1 
HETATM 1281 C C32 . UOG B 2 .   ? -7.18674  7.61045   11.68376  1.000 13.73498 ? 400 UOG A C32 1 
HETATM 1282 C C33 . UOG B 2 .   ? -5.80993  7.85862   11.83005  1.000 17.41915 ? 400 UOG A C33 1 
HETATM 1283 C C34 . UOG B 2 .   ? -5.03457  7.06231   12.68444  1.000 18.56973 ? 400 UOG A C34 1 
HETATM 1284 C C35 . UOG B 2 .   ? -5.61222  5.99191   13.38609  1.000 19.70102 ? 400 UOG A C35 1 
HETATM 1285 C C36 . UOG B 2 .   ? -6.97195  5.74021   13.21009  1.000 19.46127 ? 400 UOG A C36 1 
HETATM 1286 C C37 . UOG B 2 .   ? -7.75742  6.53114   12.38066  1.000 15.75653 ? 400 UOG A C37 1 
HETATM 1287 C C38 . UOG B 2 .   ? -4.26228  2.90684   15.30079  1.000 24.29945 ? 400 UOG A C38 1 
HETATM 1288 C C39 . UOG B 2 .   ? -4.84853  1.48100   15.21566  1.000 23.92080 ? 400 UOG A C39 1 
HETATM 1289 C C40 . UOG B 2 .   ? -4.02607  3.40581   16.73599  1.000 28.98730 ? 400 UOG A C40 1 
HETATM 1290 N N03 . UOG B 2 .   ? -5.21979  8.89394   11.21725  1.000 16.72617 ? 400 UOG A N03 1 
HETATM 1291 N N07 . UOG B 2 .   ? -1.34719  6.22721   8.37684   1.000 12.72989 ? 400 UOG A N07 1 
HETATM 1292 N N08 . UOG B 2 .   ? -2.59784  6.89080   8.46860   1.000 13.22659 ? 400 UOG A N08 1 
HETATM 1293 N N11 . UOG B 2 .   ? -3.85674  10.02225  9.13529   1.000 13.95149 ? 400 UOG A N11 1 
HETATM 1294 N N16 . UOG B 2 .   ? -1.40087  4.46319   11.54958  1.000 11.51187 ? 400 UOG A N16 1 
HETATM 1295 O O15 . UOG B 2 .   ? 0.25272   5.01771   9.35662   1.000 11.74780 ? 400 UOG A O15 1 
HETATM 1296 O O19 . UOG B 2 .   ? -3.27642  3.45480   10.78063  1.000 14.32658 ? 400 UOG A O19 1 
HETATM 1297 O O23 . UOG B 2 .   ? -3.05677  2.30671   13.33773  1.000 22.69258 ? 400 UOG A O23 1 
HETATM 1298 O O26 . UOG B 2 .   ? -1.92270  3.53035   14.98255  1.000 27.84532 ? 400 UOG A O26 1 
HETATM 1299 O O28 . UOG B 2 .   ? -4.84901  8.33700   7.91684   1.000 15.06698 ? 400 UOG A O28 1 
HETATM 1300 O O   . HOH C 3 .   ? -3.28288  11.98909  -9.33712  1.000 32.82142 ? 501 HOH A O   1 
HETATM 1301 O O   . HOH C 3 .   ? -5.73059  -10.95938 -12.07367 1.000 36.08681 ? 502 HOH A O   1 
HETATM 1302 O O   . HOH C 3 .   ? -0.99088  4.95588   16.79851  1.000 34.30438 ? 503 HOH A O   1 
HETATM 1303 O O   . HOH C 3 .   ? 6.52385   12.66613  -6.84050  1.000 31.97829 ? 504 HOH A O   1 
HETATM 1304 O O   . HOH C 3 .   ? -3.99443  -14.93211 -7.28289  1.000 32.20032 ? 505 HOH A O   1 
HETATM 1305 O O   . HOH C 3 .   ? 1.99474   -2.34983  -18.93480 1.000 28.00249 ? 506 HOH A O   1 
HETATM 1306 O O   . HOH C 3 .   ? -0.80354  -13.61396 -8.04490  1.000 31.23953 ? 507 HOH A O   1 
HETATM 1307 O O   . HOH C 3 .   ? -6.43169  10.07996  -14.68112 1.000 36.44638 ? 508 HOH A O   1 
HETATM 1308 O O   . HOH C 3 .   ? -0.37432  18.38556  -0.02419  1.000 27.58381 ? 509 HOH A O   1 
HETATM 1309 O O   . HOH C 3 .   ? -5.56889  2.29565   10.42206  1.000 21.96894 ? 510 HOH A O   1 
HETATM 1310 O O   . HOH C 3 .   ? 17.17287  11.31860  1.47875   1.000 35.43882 ? 511 HOH A O   1 
HETATM 1311 O O   . HOH C 3 .   ? 4.73479   -12.67163 10.42219  1.000 30.30453 ? 512 HOH A O   1 
HETATM 1312 O O   . HOH C 3 .   ? -5.30288  17.91463  -0.38061  1.000 28.02677 ? 513 HOH A O   1 
HETATM 1313 O O   . HOH C 3 .   ? 3.78084   12.41676  -7.83797  1.000 30.29631 ? 514 HOH A O   1 
HETATM 1314 O O   . HOH C 3 .   ? 7.42762   17.24174  -4.52264  1.000 34.19683 ? 515 HOH A O   1 
HETATM 1315 O O   . HOH C 3 .   ? 1.53195   19.77053  1.13186   1.000 35.83640 ? 516 HOH A O   1 
HETATM 1316 O O   . HOH C 3 .   ? 7.22609   3.36590   8.37972   1.000 15.26130 ? 517 HOH A O   1 
HETATM 1317 O O   . HOH C 3 .   ? 11.73272  -13.27157 1.25085   1.000 30.64412 ? 518 HOH A O   1 
HETATM 1318 O O   . HOH C 3 .   ? 16.89068  -3.11633  -7.44872  1.000 27.78700 ? 519 HOH A O   1 
HETATM 1319 O O   . HOH C 3 .   ? 9.65434   10.82441  -5.65375  1.000 32.00254 ? 520 HOH A O   1 
HETATM 1320 O O   . HOH C 3 .   ? -1.32347  -7.29352  13.96319  1.000 34.17008 ? 521 HOH A O   1 
HETATM 1321 O O   . HOH C 3 .   ? -13.19855 -0.28433  1.38996   1.000 17.23271 ? 522 HOH A O   1 
HETATM 1322 O O   . HOH C 3 .   ? 9.39611   -16.82135 -0.47181  1.000 32.56277 ? 523 HOH A O   1 
HETATM 1323 O O   . HOH C 3 .   ? 11.38792  6.91184   3.40008   1.000 12.01580 ? 524 HOH A O   1 
HETATM 1324 O O   . HOH C 3 .   ? -5.93985  -10.81994 2.40026   1.000 20.05901 ? 525 HOH A O   1 
HETATM 1325 O O   . HOH C 3 .   ? 18.66790  -1.48833  3.72513   1.000 28.22516 ? 526 HOH A O   1 
HETATM 1326 O O   . HOH C 3 .   ? -1.95612  -20.19414 3.59462   1.000 36.94815 ? 527 HOH A O   1 
HETATM 1327 O O   . HOH C 3 .   ? 8.44045   15.62567  0.52898   1.000 23.10252 ? 528 HOH A O   1 
HETATM 1328 O O   . HOH C 3 .   ? -14.94591 -4.96524  -3.55190  1.000 17.41085 ? 529 HOH A O   1 
HETATM 1329 O O   . HOH C 3 .   ? -20.81556 5.39416   -3.46820  1.000 36.84507 ? 530 HOH A O   1 
HETATM 1330 O O   . HOH C 3 .   ? 14.16428  -6.25585  -1.96974  1.000 22.95190 ? 531 HOH A O   1 
HETATM 1331 O O   . HOH C 3 .   ? 1.88566   9.11470   11.48481  1.000 19.40753 ? 532 HOH A O   1 
HETATM 1332 O O   . HOH C 3 .   ? -6.26640  -9.91428  16.60757  1.000 23.47609 ? 533 HOH A O   1 
HETATM 1333 O O   . HOH C 3 .   ? 1.95907   -0.55781  13.08757  1.000 18.02798 ? 534 HOH A O   1 
HETATM 1334 O O   . HOH C 3 .   ? 3.43936   -13.91470 1.42753   1.000 16.46553 ? 535 HOH A O   1 
HETATM 1335 O O   . HOH C 3 .   ? 2.41884   3.00964   -19.84486 1.000 29.90048 ? 536 HOH A O   1 
HETATM 1336 O O   . HOH C 3 .   ? 13.63491  3.79539   -9.42448  1.000 35.63502 ? 537 HOH A O   1 
HETATM 1337 O O   . HOH C 3 .   ? -16.46498 -3.94972  -14.26278 1.000 38.95983 ? 538 HOH A O   1 
HETATM 1338 O O   . HOH C 3 .   ? -9.18381  -8.18123  4.84038   1.000 23.17708 ? 539 HOH A O   1 
HETATM 1339 O O   . HOH C 3 .   ? 8.57207   5.83295   12.31607  1.000 14.95491 ? 540 HOH A O   1 
HETATM 1340 O O   . HOH C 3 .   ? 13.38925  -7.46033  11.64861  1.000 32.38658 ? 541 HOH A O   1 
HETATM 1341 O O   . HOH C 3 .   ? 15.21486  11.04727  -1.76529  1.000 33.06515 ? 542 HOH A O   1 
HETATM 1342 O O   . HOH C 3 .   ? 6.69920   -3.42167  3.18263   1.000 15.42788 ? 543 HOH A O   1 
HETATM 1343 O O   . HOH C 3 .   ? 2.57330   -1.32004  8.35002   1.000 12.20506 ? 544 HOH A O   1 
HETATM 1344 O O   . HOH C 3 .   ? 3.39751   7.57825   -9.24941  1.000 30.71885 ? 545 HOH A O   1 
HETATM 1345 O O   . HOH C 3 .   ? -9.68172  12.67981  8.08467   1.000 18.48764 ? 546 HOH A O   1 
HETATM 1346 O O   . HOH C 3 .   ? -6.95786  -3.06942  5.10440   1.000 14.83488 ? 547 HOH A O   1 
HETATM 1347 O O   . HOH C 3 .   ? 11.00083  -8.25467  12.65961  1.000 20.83062 ? 548 HOH A O   1 
HETATM 1348 O O   . HOH C 3 .   ? 7.67610   13.73867  9.89637   1.000 26.70388 ? 549 HOH A O   1 
HETATM 1349 O O   . HOH C 3 .   ? -5.59264  -3.91126  1.34036   1.000 14.94164 ? 550 HOH A O   1 
HETATM 1350 O O   . HOH C 3 .   ? -12.99154 -8.61039  -4.33612  1.000 29.64257 ? 551 HOH A O   1 
HETATM 1351 O O   . HOH C 3 .   ? -10.03753 -12.17889 -4.13137  1.000 29.18080 ? 552 HOH A O   1 
HETATM 1352 O O   . HOH C 3 .   ? 19.77455  1.96743   0.57523   1.000 24.93371 ? 553 HOH A O   1 
HETATM 1353 O O   . HOH C 3 .   ? -19.62774 -1.55217  -7.98557  1.000 28.85710 ? 554 HOH A O   1 
HETATM 1354 O O   . HOH C 3 .   ? 7.39639   -13.84277 -7.88449  1.000 32.81171 ? 555 HOH A O   1 
HETATM 1355 O O   . HOH C 3 .   ? 7.38279   2.27328   12.01427  1.000 13.17741 ? 556 HOH A O   1 
HETATM 1356 O O   . HOH C 3 .   ? 13.13969  -11.76608 -3.25139  1.000 38.53539 ? 557 HOH A O   1 
HETATM 1357 O O   . HOH C 3 .   ? -10.28613 11.27516  -7.38810  1.000 27.35444 ? 558 HOH A O   1 
HETATM 1358 O O   . HOH C 3 .   ? -3.43454  -16.80719 4.59961   1.000 26.89406 ? 559 HOH A O   1 
HETATM 1359 O O   . HOH C 3 .   ? -9.97817  8.16836   -12.88683 1.000 25.72432 ? 560 HOH A O   1 
HETATM 1360 O O   . HOH C 3 .   ? 10.92429  -0.14650  6.93409   1.000 13.43884 ? 561 HOH A O   1 
HETATM 1361 O O   . HOH C 3 .   ? 8.88515   -1.88606  17.83775  1.000 27.99086 ? 562 HOH A O   1 
HETATM 1362 O O   . HOH C 3 .   ? 15.42023  -1.17057  -11.42194 1.000 30.83977 ? 563 HOH A O   1 
HETATM 1363 O O   . HOH C 3 .   ? 16.40564  -2.73059  8.13242   1.000 25.78203 ? 564 HOH A O   1 
HETATM 1364 O O   . HOH C 3 .   ? 12.23019  -7.60146  -3.36511  1.000 22.99895 ? 565 HOH A O   1 
HETATM 1365 O O   . HOH C 3 .   ? -10.30760 15.02715  5.94310   1.000 17.57409 ? 566 HOH A O   1 
HETATM 1366 O O   . HOH C 3 .   ? -3.58088  -1.72337  16.25275  1.000 30.64082 ? 567 HOH A O   1 
HETATM 1367 O O   . HOH C 3 .   ? 1.21446   -14.78464 -6.81302  1.000 32.01709 ? 568 HOH A O   1 
HETATM 1368 O O   . HOH C 3 .   ? 15.31067  1.22514   12.72785  1.000 23.08735 ? 569 HOH A O   1 
HETATM 1369 O O   . HOH C 3 .   ? 10.17678  -5.07175  -12.68034 1.000 34.56271 ? 570 HOH A O   1 
HETATM 1370 O O   . HOH C 3 .   ? 14.58137  -9.03059  3.44180   1.000 27.10088 ? 571 HOH A O   1 
HETATM 1371 O O   . HOH C 3 .   ? 13.18897  0.31060   -12.17508 1.000 33.87995 ? 572 HOH A O   1 
HETATM 1372 O O   . HOH C 3 .   ? -3.72272  16.13878  2.31897   1.000 16.36130 ? 573 HOH A O   1 
HETATM 1373 O O   . HOH C 3 .   ? -10.87248 9.87715   10.38753  1.000 17.55002 ? 574 HOH A O   1 
HETATM 1374 O O   . HOH C 3 .   ? -14.02079 2.13219   5.09920   1.000 20.57815 ? 575 HOH A O   1 
HETATM 1375 O O   . HOH C 3 .   ? 10.28584  9.59321   -3.30221  1.000 26.32065 ? 576 HOH A O   1 
HETATM 1376 O O   . HOH C 3 .   ? -17.80752 8.33239   -1.22338  1.000 32.22914 ? 577 HOH A O   1 
HETATM 1377 O O   . HOH C 3 .   ? -8.67797  -5.56157  4.66823   1.000 19.08973 ? 578 HOH A O   1 
HETATM 1378 O O   . HOH C 3 .   ? -9.81984  5.38603   -16.32577 1.000 24.38714 ? 579 HOH A O   1 
HETATM 1379 O O   . HOH C 3 .   ? 18.06585  -0.57302  8.22261   1.000 29.06553 ? 580 HOH A O   1 
HETATM 1380 O O   . HOH C 3 .   ? 16.97603  0.15046   10.39243  1.000 33.75722 ? 581 HOH A O   1 
HETATM 1381 O O   . HOH C 3 .   ? -0.33234  17.81388  -3.26429  1.000 29.47415 ? 582 HOH A O   1 
HETATM 1382 O O   . HOH C 3 .   ? -10.11979 -3.89373  16.07339  1.000 25.48019 ? 583 HOH A O   1 
HETATM 1383 O O   . HOH C 3 .   ? 6.15597   -11.76613 15.45563  1.000 31.44606 ? 584 HOH A O   1 
HETATM 1384 O O   . HOH C 3 .   ? -1.39031  11.43873  8.86941   1.000 28.40175 ? 585 HOH A O   1 
HETATM 1385 O O   . HOH C 3 .   ? -17.94686 9.51068   5.69918   1.000 31.06717 ? 586 HOH A O   1 
HETATM 1386 O O   . HOH C 3 .   ? 3.72341   16.98610  -5.86003  1.000 36.35201 ? 587 HOH A O   1 
HETATM 1387 O O   . HOH C 3 .   ? 12.51238  5.42464   13.22675  1.000 16.85664 ? 588 HOH A O   1 
HETATM 1388 O O   . HOH C 3 .   ? 18.58156  3.54775   8.86070   1.000 19.83490 ? 589 HOH A O   1 
HETATM 1389 O O   . HOH C 3 .   ? 13.12352  5.23437   1.92219   1.000 13.77728 ? 590 HOH A O   1 
HETATM 1390 O O   . HOH C 3 .   ? -14.97180 6.11808   -9.19427  1.000 22.38164 ? 591 HOH A O   1 
HETATM 1391 O O   . HOH C 3 .   ? -10.00624 -5.62387  -11.27426 1.000 17.90425 ? 592 HOH A O   1 
HETATM 1392 O O   . HOH C 3 .   ? -0.40977  5.88364   -13.89107 1.000 25.87547 ? 593 HOH A O   1 
HETATM 1393 O O   . HOH C 3 .   ? 9.92987   9.45727   4.56686   1.000 13.35503 ? 594 HOH A O   1 
HETATM 1394 O O   . HOH C 3 .   ? -0.34315  -16.90666 8.36591   1.000 33.43628 ? 595 HOH A O   1 
HETATM 1395 O O   . HOH C 3 .   ? -13.21211 -5.64222  10.89259  1.000 20.38038 ? 596 HOH A O   1 
HETATM 1396 O O   . HOH C 3 .   ? -16.80106 13.48149  2.82418   1.000 23.26963 ? 597 HOH A O   1 
HETATM 1397 O O   . HOH C 3 .   ? -4.76356  -13.74935 0.78555   1.000 25.79286 ? 598 HOH A O   1 
HETATM 1398 O O   . HOH C 3 .   ? 0.25902   -3.70985  9.54863   1.000 16.95358 ? 599 HOH A O   1 
HETATM 1399 O O   . HOH C 3 .   ? -9.33484  10.95563  -12.37979 1.000 32.50731 ? 600 HOH A O   1 
HETATM 1400 O O   . HOH C 3 .   ? -1.59297  -12.04147 -1.63929  1.000 14.80223 ? 601 HOH A O   1 
HETATM 1401 O O   . HOH C 3 .   ? 7.30565   -15.22837 6.26941   1.000 34.45401 ? 602 HOH A O   1 
HETATM 1402 O O   . HOH C 3 .   ? 2.09819   6.81902   13.25608  1.000 15.66274 ? 603 HOH A O   1 
HETATM 1403 O O   . HOH C 3 .   ? 11.78338  -10.30192 -7.38963  1.000 28.43628 ? 604 HOH A O   1 
HETATM 1404 O O   . HOH C 3 .   ? 2.76961   -13.30503 -8.65197  1.000 20.52902 ? 605 HOH A O   1 
HETATM 1405 O O   . HOH C 3 .   ? 12.91668  13.21232  6.11416   1.000 26.96964 ? 606 HOH A O   1 
HETATM 1406 O O   . HOH C 3 .   ? 12.30248  -5.40538  14.00235  1.000 28.22458 ? 607 HOH A O   1 
HETATM 1407 O O   . HOH C 3 .   ? -17.15280 -0.08176  2.61960   1.000 35.52214 ? 608 HOH A O   1 
HETATM 1408 O O   . HOH C 3 .   ? -15.62737 18.67532  3.07632   1.000 22.92916 ? 609 HOH A O   1 
HETATM 1409 O O   . HOH C 3 .   ? 19.53933  -2.21845  -2.08519  1.000 34.31405 ? 610 HOH A O   1 
HETATM 1410 O O   . HOH C 3 .   ? 17.53506  7.77377   6.07147   1.000 21.03411 ? 611 HOH A O   1 
HETATM 1411 O O   . HOH C 3 .   ? 19.18391  1.38511   4.85551   1.000 25.98680 ? 612 HOH A O   1 
HETATM 1412 O O   . HOH C 3 .   ? -16.65828 12.20608  6.40415   1.000 31.19441 ? 613 HOH A O   1 
HETATM 1413 O O   . HOH C 3 .   ? -7.68601  -11.34797 4.68386   1.000 34.12539 ? 614 HOH A O   1 
HETATM 1414 O O   . HOH C 3 .   ? 10.59503  -3.74481  15.08332  1.000 29.97927 ? 615 HOH A O   1 
HETATM 1415 O O   . HOH C 3 .   ? -4.16224  12.02073  -6.90661  1.000 34.71119 ? 616 HOH A O   1 
HETATM 1416 O O   . HOH C 3 .   ? 16.41189  10.77717  5.91074   1.000 28.26064 ? 617 HOH A O   1 
HETATM 1417 O O   . HOH C 3 .   ? 12.62851  11.30213  -2.56205  1.000 21.39076 ? 618 HOH A O   1 
HETATM 1418 O O   . HOH C 3 .   ? -1.28453  -16.66944 0.22680   1.000 34.60285 ? 619 HOH A O   1 
HETATM 1419 O O   . HOH C 3 .   ? 7.61368   -8.62007  15.58826  1.000 29.50341 ? 620 HOH A O   1 
HETATM 1420 O O   . HOH C 3 .   ? -3.60320  -13.85435 4.22863   1.000 25.52294 ? 621 HOH A O   1 
HETATM 1421 O O   . HOH C 3 .   ? -1.58049  -13.07227 -4.23958  1.000 22.20910 ? 622 HOH A O   1 
HETATM 1422 O O   . HOH C 3 .   ? 11.06003  -13.60710 5.75306   1.000 35.57177 ? 623 HOH A O   1 
HETATM 1423 O O   . HOH C 3 .   ? -1.02220  -3.80355  13.99775  1.000 30.33514 ? 624 HOH A O   1 
HETATM 1424 O O   . HOH C 3 .   ? -19.18820 8.48906   7.87558   1.000 38.76726 ? 625 HOH A O   1 
HETATM 1425 O O   . HOH C 3 .   ? 17.22472  0.31424   -9.87986  1.000 35.91162 ? 626 HOH A O   1 
HETATM 1426 O O   . HOH C 3 .   ? 3.40766   12.17637  -1.07836  1.000 17.09429 ? 627 HOH A O   1 
HETATM 1427 O O   . HOH C 3 .   ? -14.10339 -0.71959  3.99477   1.000 37.07539 ? 628 HOH A O   1 
HETATM 1428 O O   . HOH C 3 .   ? -13.87640 -9.42818  -6.90440  1.000 38.38079 ? 629 HOH A O   1 
HETATM 1429 O O   . HOH C 3 .   ? -2.37764  -14.21343 0.01833   1.000 25.75481 ? 630 HOH A O   1 
HETATM 1430 O O   . HOH C 3 .   ? 16.50761  -7.20258  2.38303   1.000 35.44479 ? 631 HOH A O   1 
HETATM 1431 O O   . HOH C 3 .   ? -13.39384 -8.67534  -9.35332  1.000 35.86793 ? 632 HOH A O   1 
HETATM 1432 O O   . HOH C 3 .   ? 20.47743  -0.84617  -0.21513  1.000 37.08096 ? 633 HOH A O   1 
HETATM 1433 O O   . HOH C 3 .   ? -0.71982  10.39583  10.78758  1.000 22.93772 ? 634 HOH A O   1 
HETATM 1434 O O   . HOH C 3 .   ? -1.28085  -17.39908 11.79946  1.000 34.81178 ? 635 HOH A O   1 
HETATM 1435 O O   . HOH C 3 .   ? 12.25471  -13.20547 3.60381   1.000 39.57297 ? 636 HOH A O   1 
HETATM 1436 O O   . HOH C 3 .   ? 11.94083  -12.86986 -5.84072  1.000 40.17084 ? 637 HOH A O   1 
HETATM 1437 O O   . HOH C 3 .   ? -2.23589  -15.54709 -4.95819  1.000 38.34247 ? 638 HOH A O   1 
HETATM 1438 O O   . HOH C 3 .   ? -16.21421 -6.88048  -1.80025  1.000 30.25950 ? 639 HOH A O   1 
HETATM 1439 O O   . HOH C 3 .   ? 17.96059  -3.95607  6.39346   1.000 38.65849 ? 640 HOH A O   1 
HETATM 1440 O O   . HOH C 3 .   ? -9.04125  -10.10262 -10.35304 1.000 35.40524 ? 641 HOH A O   1 
HETATM 1441 O O   . HOH C 3 .   ? -9.25687  -13.79263 -1.97153  1.000 34.19947 ? 642 HOH A O   1 
HETATM 1442 O O   . HOH C 3 .   ? -13.76526 14.45451  0.50758   1.000 32.61970 ? 643 HOH A O   1 
HETATM 1443 O O   . HOH C 3 .   ? 0.22141   6.84958   15.18720  1.000 25.60629 ? 644 HOH A O   1 
HETATM 1444 O O   . HOH C 3 .   ? -1.42971  -0.12300  16.45859  1.000 30.94168 ? 645 HOH A O   1 
HETATM 1445 O O   . HOH C 3 .   ? 14.71275  11.91206  7.92113   1.000 23.67725 ? 646 HOH A O   1 
HETATM 1446 O O   . HOH C 3 .   ? -14.79857 21.09708  1.92444   1.000 34.83935 ? 647 HOH A O   1 
HETATM 1447 O O   . HOH C 3 .   ? 21.03880  2.47552   3.05654   1.000 25.32253 ? 648 HOH A O   1 
HETATM 1448 O O   . HOH C 3 .   ? 20.94485  3.61076   -1.14817  1.000 38.58222 ? 649 HOH A O   1 
HETATM 1449 O O   . HOH C 3 .   ? -19.29262 9.05872   1.49278   1.000 33.25795 ? 650 HOH A O   1 
HETATM 1450 O O   . HOH C 3 .   ? 16.65910  -6.55965  -3.12635  1.000 35.34689 ? 651 HOH A O   1 
HETATM 1451 O O   . HOH C 3 .   ? -15.79696 -9.10219  -3.20027  1.000 37.83507 ? 652 HOH A O   1 
HETATM 1452 O O   . HOH C 3 .   ? 20.45072  3.72766   6.70947   1.000 26.37709 ? 653 HOH A O   1 
HETATM 1453 O O   . HOH C 3 .   ? 1.02794   -1.40664  15.49922  1.000 27.97186 ? 654 HOH A O   1 
HETATM 1454 O O   . HOH C 3 .   ? -2.49536  18.47648  1.43329   1.000 25.98643 ? 655 HOH A O   1 
HETATM 1455 O O   . HOH C 3 .   ? -11.78851 -10.43358 -2.95430  1.000 33.06871 ? 656 HOH A O   1 
HETATM 1456 O O   . HOH C 3 .   ? -1.11257  1.21485   18.57760  1.000 37.80019 ? 657 HOH A O   1 
HETATM 1457 O O   . HOH C 3 .   ? -18.70228 11.74102  1.74253   1.000 38.15189 ? 658 HOH A O   1 
HETATM 1458 O O   . HOH C 3 .   ? 13.33108  -8.50664  -5.70970  1.000 27.02052 ? 659 HOH A O   1 
HETATM 1459 O O   . HOH C 3 .   ? 10.67550  16.06216  -1.16921  1.000 35.78603 ? 660 HOH A O   1 
HETATM 1460 O O   . HOH C 3 .   ? -6.39684  -7.84926  20.02803  1.000 37.46530 ? 661 HOH A O   1 
HETATM 1461 O O   . HOH C 3 .   ? 18.24579  -8.55282  6.97077   1.000 37.43530 ? 662 HOH A O   1 
HETATM 1462 O O   . HOH C 3 .   ? -0.16192  -22.26733 4.21419   1.000 43.92023 ? 663 HOH A O   1 
HETATM 1463 O O   . HOH C 3 .   ? -2.68616  6.82792   18.22375  1.000 35.54469 ? 664 HOH A O   1 
HETATM 1464 O O   . HOH C 3 .   ? -19.07738 1.41694   -8.68912  1.000 34.79423 ? 665 HOH A O   1 
HETATM 1465 O O   . HOH C 3 .   ? -10.79058 -8.24712  -10.76309 1.000 27.62978 ? 666 HOH A O   1 
HETATM 1466 O O   . HOH C 3 .   ? 19.90045  5.99322   5.02797   1.000 32.79376 ? 667 HOH A O   1 
HETATM 1467 O O   . HOH C 3 .   ? -15.64312 3.91947   -10.56798 1.000 28.57077 ? 668 HOH A O   1 
HETATM 1468 O O   . HOH C 3 .   ? 12.74289  14.16396  -2.53709  1.000 30.09922 ? 669 HOH A O   1 
HETATM 1469 O O   . HOH C 3 .   ? 4.72445   -14.98853 -8.57446  1.000 41.29906 ? 670 HOH A O   1 
HETATM 1470 O O   . HOH C 3 .   ? -17.48119 7.15056   -8.54590  1.000 29.69579 ? 671 HOH A O   1 
HETATM 1471 O O   . HOH C 3 .   ? -13.84658 14.74950  -2.22398  1.000 38.00969 ? 672 HOH A O   1 
# 
loop_
_pdbx_poly_seq_scheme.asym_id 
_pdbx_poly_seq_scheme.entity_id 
_pdbx_poly_seq_scheme.seq_id 
_pdbx_poly_seq_scheme.mon_id 
_pdbx_poly_seq_scheme.ndb_seq_num 
_pdbx_poly_seq_scheme.pdb_seq_num 
_pdbx_poly_seq_scheme.auth_seq_num 
_pdbx_poly_seq_scheme.pdb_mon_id 
_pdbx_poly_seq_scheme.auth_mon_id 
_pdbx_poly_seq_scheme.pdb_strand_id 
_pdbx_poly_seq_scheme.pdb_ins_code 
_pdbx_poly_seq_scheme.hetero 
A 1 1   GLY 1   -1  ?   ?   ?   A . n 
A 1 2   HIS 2   0   ?   ?   ?   A . n 
A 1 3   MET 3   1   1   MET MET A . n 
A 1 4   VAL 4   2   2   VAL VAL A . n 
A 1 5   ASN 5   3   3   ASN ASN A . n 
A 1 6   PRO 6   4   4   PRO PRO A . n 
A 1 7   THR 7   5   5   THR THR A . n 
A 1 8   VAL 8   6   6   VAL VAL A . n 
A 1 9   PHE 9   7   7   PHE PHE A . n 
A 1 10  PHE 10  8   8   PHE PHE A . n 
A 1 11  ASP 11  9   9   ASP ASP A . n 
A 1 12  ILE 12  10  10  ILE ILE A . n 
A 1 13  ALA 13  11  11  ALA ALA A . n 
A 1 14  VAL 14  12  12  VAL VAL A . n 
A 1 15  ASP 15  13  13  ASP ASP A . n 
A 1 16  GLY 16  14  14  GLY GLY A . n 
A 1 17  GLU 17  15  15  GLU GLU A . n 
A 1 18  PRO 18  16  16  PRO PRO A . n 
A 1 19  LEU 19  17  17  LEU LEU A . n 
A 1 20  GLY 20  18  18  GLY GLY A . n 
A 1 21  ARG 21  19  19  ARG ARG A . n 
A 1 22  VAL 22  20  20  VAL VAL A . n 
A 1 23  SER 23  21  21  SER SER A . n 
A 1 24  PHE 24  22  22  PHE PHE A . n 
A 1 25  GLU 25  23  23  GLU GLU A . n 
A 1 26  LEU 26  24  24  LEU LEU A . n 
A 1 27  PHE 27  25  25  PHE PHE A . n 
A 1 28  ALA 28  26  26  ALA ALA A . n 
A 1 29  ASP 29  27  27  ASP ASP A . n 
A 1 30  LYS 30  28  28  LYS LYS A . n 
A 1 31  VAL 31  29  29  VAL VAL A . n 
A 1 32  PRO 32  30  30  PRO PRO A . n 
A 1 33  LYS 33  31  31  LYS LYS A . n 
A 1 34  THR 34  32  32  THR THR A . n 
A 1 35  ALA 35  33  33  ALA ALA A . n 
A 1 36  GLU 36  34  34  GLU GLU A . n 
A 1 37  ASN 37  35  35  ASN ASN A . n 
A 1 38  PHE 38  36  36  PHE PHE A . n 
A 1 39  ARG 39  37  37  ARG ARG A . n 
A 1 40  ALA 40  38  38  ALA ALA A . n 
A 1 41  LEU 41  39  39  LEU LEU A . n 
A 1 42  SER 42  40  40  SER SER A . n 
A 1 43  THR 43  41  41  THR THR A . n 
A 1 44  GLY 44  42  42  GLY GLY A . n 
A 1 45  GLU 45  43  43  GLU GLU A . n 
A 1 46  LYS 46  44  44  LYS LYS A . n 
A 1 47  GLY 47  45  45  GLY GLY A . n 
A 1 48  PHE 48  46  46  PHE PHE A . n 
A 1 49  GLY 49  47  47  GLY GLY A . n 
A 1 50  TYR 50  48  48  TYR TYR A . n 
A 1 51  LYS 51  49  49  LYS LYS A . n 
A 1 52  GLY 52  50  50  GLY GLY A . n 
A 1 53  SER 53  51  51  SER SER A . n 
A 1 54  CYS 54  52  52  CYS CYS A . n 
A 1 55  PHE 55  53  53  PHE PHE A . n 
A 1 56  HIS 56  54  54  HIS HIS A . n 
A 1 57  ARG 57  55  55  ARG ARG A . n 
A 1 58  ILE 58  56  56  ILE ILE A . n 
A 1 59  ILE 59  57  57  ILE ILE A . n 
A 1 60  PRO 60  58  58  PRO PRO A . n 
A 1 61  GLY 61  59  59  GLY GLY A . n 
A 1 62  PHE 62  60  60  PHE PHE A . n 
A 1 63  MET 63  61  61  MET MET A . n 
A 1 64  CYS 64  62  62  CYS CYS A . n 
A 1 65  GLN 65  63  63  GLN GLN A . n 
A 1 66  GLY 66  64  64  GLY GLY A . n 
A 1 67  GLY 67  65  65  GLY GLY A . n 
A 1 68  ASP 68  66  66  ASP ASP A . n 
A 1 69  PHE 69  67  67  PHE PHE A . n 
A 1 70  THR 70  68  68  THR THR A . n 
A 1 71  ARG 71  69  69  ARG ARG A . n 
A 1 72  HIS 72  70  70  HIS HIS A . n 
A 1 73  ASN 73  71  71  ASN ASN A . n 
A 1 74  GLY 74  72  72  GLY GLY A . n 
A 1 75  THR 75  73  73  THR THR A . n 
A 1 76  GLY 76  74  74  GLY GLY A . n 
A 1 77  GLY 77  75  75  GLY GLY A . n 
A 1 78  LYS 78  76  76  LYS LYS A . n 
A 1 79  SER 79  77  77  SER SER A . n 
A 1 80  ILE 80  78  78  ILE ILE A . n 
A 1 81  TYR 81  79  79  TYR TYR A . n 
A 1 82  GLY 82  80  80  GLY GLY A . n 
A 1 83  GLU 83  81  81  GLU GLU A . n 
A 1 84  LYS 84  82  82  LYS LYS A . n 
A 1 85  PHE 85  83  83  PHE PHE A . n 
A 1 86  GLU 86  84  84  GLU GLU A . n 
A 1 87  ASP 87  85  85  ASP ASP A . n 
A 1 88  GLU 88  86  86  GLU GLU A . n 
A 1 89  ASN 89  87  87  ASN ASN A . n 
A 1 90  PHE 90  88  88  PHE PHE A . n 
A 1 91  ILE 91  89  89  ILE ILE A . n 
A 1 92  LEU 92  90  90  LEU LEU A . n 
A 1 93  LYS 93  91  91  LYS LYS A . n 
A 1 94  HIS 94  92  92  HIS HIS A . n 
A 1 95  THR 95  93  93  THR THR A . n 
A 1 96  GLY 96  94  94  GLY GLY A . n 
A 1 97  PRO 97  95  95  PRO PRO A . n 
A 1 98  GLY 98  96  96  GLY GLY A . n 
A 1 99  ILE 99  97  97  ILE ILE A . n 
A 1 100 LEU 100 98  98  LEU LEU A . n 
A 1 101 SER 101 99  99  SER SER A . n 
A 1 102 MET 102 100 100 MET MET A . n 
A 1 103 ALA 103 101 101 ALA ALA A . n 
A 1 104 ASN 104 102 102 ASN ASN A . n 
A 1 105 ALA 105 103 103 ALA ALA A . n 
A 1 106 GLY 106 104 104 GLY GLY A . n 
A 1 107 PRO 107 105 105 PRO PRO A . n 
A 1 108 ASN 108 106 106 ASN ASN A . n 
A 1 109 THR 109 107 107 THR THR A . n 
A 1 110 ASN 110 108 108 ASN ASN A . n 
A 1 111 GLY 111 109 109 GLY GLY A . n 
A 1 112 SER 112 110 110 SER SER A . n 
A 1 113 GLN 113 111 111 GLN GLN A . n 
A 1 114 PHE 114 112 112 PHE PHE A . n 
A 1 115 PHE 115 113 113 PHE PHE A . n 
A 1 116 ILE 116 114 114 ILE ILE A . n 
A 1 117 CYS 117 115 115 CYS CYS A . n 
A 1 118 THR 118 116 116 THR THR A . n 
A 1 119 ALA 119 117 117 ALA ALA A . n 
A 1 120 LYS 120 118 118 LYS LYS A . n 
A 1 121 THR 121 119 119 THR THR A . n 
A 1 122 GLU 122 120 120 GLU GLU A . n 
A 1 123 TRP 123 121 121 TRP TRP A . n 
A 1 124 LEU 124 122 122 LEU LEU A . n 
A 1 125 ASP 125 123 123 ASP ASP A . n 
A 1 126 GLY 126 124 124 GLY GLY A . n 
A 1 127 LYS 127 125 125 LYS LYS A . n 
A 1 128 HIS 128 126 126 HIS HIS A . n 
A 1 129 VAL 129 127 127 VAL VAL A . n 
A 1 130 VAL 130 128 128 VAL VAL A . n 
A 1 131 PHE 131 129 129 PHE PHE A . n 
A 1 132 GLY 132 130 130 GLY GLY A . n 
A 1 133 LYS 133 131 131 LYS LYS A . n 
A 1 134 VAL 134 132 132 VAL VAL A . n 
A 1 135 LYS 135 133 133 LYS LYS A . n 
A 1 136 GLU 136 134 134 GLU GLU A . n 
A 1 137 GLY 137 135 135 GLY GLY A . n 
A 1 138 MET 138 136 136 MET MET A . n 
A 1 139 ASN 139 137 137 ASN ASN A . n 
A 1 140 ILE 140 138 138 ILE ILE A . n 
A 1 141 VAL 141 139 139 VAL VAL A . n 
A 1 142 GLU 142 140 140 GLU GLU A . n 
A 1 143 ALA 143 141 141 ALA ALA A . n 
A 1 144 MET 144 142 142 MET MET A . n 
A 1 145 GLU 145 143 143 GLU GLU A . n 
A 1 146 ARG 146 144 144 ARG ARG A . n 
A 1 147 PHE 147 145 145 PHE PHE A . n 
A 1 148 GLY 148 146 146 GLY GLY A . n 
A 1 149 SER 149 147 147 SER SER A . n 
A 1 150 ARG 150 148 148 ARG ARG A . n 
A 1 151 ASN 151 149 149 ASN ASN A . n 
A 1 152 GLY 152 150 150 GLY GLY A . n 
A 1 153 LYS 153 151 151 LYS LYS A . n 
A 1 154 THR 154 152 152 THR THR A . n 
A 1 155 SER 155 153 153 SER SER A . n 
A 1 156 LYS 156 154 154 LYS LYS A . n 
A 1 157 LYS 157 155 155 LYS LYS A . n 
A 1 158 ILE 158 156 156 ILE ILE A . n 
A 1 159 THR 159 157 157 THR THR A . n 
A 1 160 ILE 160 158 158 ILE ILE A . n 
A 1 161 ALA 161 159 159 ALA ALA A . n 
A 1 162 ASP 162 160 160 ASP ASP A . n 
A 1 163 CYS 163 161 161 CYS CYS A . n 
A 1 164 GLY 164 162 162 GLY GLY A . n 
A 1 165 GLN 165 163 163 GLN GLN A . n 
A 1 166 LEU 166 164 164 LEU LEU A . n 
A 1 167 GLU 167 165 165 GLU GLU A . n 
# 
loop_
_pdbx_nonpoly_scheme.asym_id 
_pdbx_nonpoly_scheme.entity_id 
_pdbx_nonpoly_scheme.mon_id 
_pdbx_nonpoly_scheme.ndb_seq_num 
_pdbx_nonpoly_scheme.pdb_seq_num 
_pdbx_nonpoly_scheme.auth_seq_num 
_pdbx_nonpoly_scheme.pdb_mon_id 
_pdbx_nonpoly_scheme.auth_mon_id 
_pdbx_nonpoly_scheme.pdb_strand_id 
_pdbx_nonpoly_scheme.pdb_ins_code 
B 2 UOG 1   400 400 UOG 245 A . 
C 3 HOH 1   501 176 HOH HOH A . 
C 3 HOH 2   502 165 HOH HOH A . 
C 3 HOH 3   503 155 HOH HOH A . 
C 3 HOH 4   504 125 HOH HOH A . 
C 3 HOH 5   505 158 HOH HOH A . 
C 3 HOH 6   506 81  HOH HOH A . 
C 3 HOH 7   507 96  HOH HOH A . 
C 3 HOH 8   508 267 HOH HOH A . 
C 3 HOH 9   509 58  HOH HOH A . 
C 3 HOH 10  510 46  HOH HOH A . 
C 3 HOH 11  511 110 HOH HOH A . 
C 3 HOH 12  512 163 HOH HOH A . 
C 3 HOH 13  513 105 HOH HOH A . 
C 3 HOH 14  514 108 HOH HOH A . 
C 3 HOH 15  515 107 HOH HOH A . 
C 3 HOH 16  516 264 HOH HOH A . 
C 3 HOH 17  517 10  HOH HOH A . 
C 3 HOH 18  518 88  HOH HOH A . 
C 3 HOH 19  519 90  HOH HOH A . 
C 3 HOH 20  520 129 HOH HOH A . 
C 3 HOH 21  521 128 HOH HOH A . 
C 3 HOH 22  522 20  HOH HOH A . 
C 3 HOH 23  523 94  HOH HOH A . 
C 3 HOH 24  524 4   HOH HOH A . 
C 3 HOH 25  525 48  HOH HOH A . 
C 3 HOH 26  526 68  HOH HOH A . 
C 3 HOH 27  527 180 HOH HOH A . 
C 3 HOH 28  528 40  HOH HOH A . 
C 3 HOH 29  529 12  HOH HOH A . 
C 3 HOH 30  530 101 HOH HOH A . 
C 3 HOH 31  531 30  HOH HOH A . 
C 3 HOH 32  532 25  HOH HOH A . 
C 3 HOH 33  533 32  HOH HOH A . 
C 3 HOH 34  534 17  HOH HOH A . 
C 3 HOH 35  535 14  HOH HOH A . 
C 3 HOH 36  536 130 HOH HOH A . 
C 3 HOH 37  537 169 HOH HOH A . 
C 3 HOH 38  538 179 HOH HOH A . 
C 3 HOH 39  539 43  HOH HOH A . 
C 3 HOH 40  540 7   HOH HOH A . 
C 3 HOH 41  541 182 HOH HOH A . 
C 3 HOH 42  542 154 HOH HOH A . 
C 3 HOH 43  543 19  HOH HOH A . 
C 3 HOH 44  544 2   HOH HOH A . 
C 3 HOH 45  545 156 HOH HOH A . 
C 3 HOH 46  546 22  HOH HOH A . 
C 3 HOH 47  547 15  HOH HOH A . 
C 3 HOH 48  548 29  HOH HOH A . 
C 3 HOH 49  549 56  HOH HOH A . 
C 3 HOH 50  550 16  HOH HOH A . 
C 3 HOH 51  551 74  HOH HOH A . 
C 3 HOH 52  552 64  HOH HOH A . 
C 3 HOH 53  553 47  HOH HOH A . 
C 3 HOH 54  554 72  HOH HOH A . 
C 3 HOH 55  555 132 HOH HOH A . 
C 3 HOH 56  556 1   HOH HOH A . 
C 3 HOH 57  557 143 HOH HOH A . 
C 3 HOH 58  558 100 HOH HOH A . 
C 3 HOH 59  559 103 HOH HOH A . 
C 3 HOH 60  560 65  HOH HOH A . 
C 3 HOH 61  561 3   HOH HOH A . 
C 3 HOH 62  562 73  HOH HOH A . 
C 3 HOH 63  563 123 HOH HOH A . 
C 3 HOH 64  564 49  HOH HOH A . 
C 3 HOH 65  565 37  HOH HOH A . 
C 3 HOH 66  566 24  HOH HOH A . 
C 3 HOH 67  567 121 HOH HOH A . 
C 3 HOH 68  568 76  HOH HOH A . 
C 3 HOH 69  569 28  HOH HOH A . 
C 3 HOH 70  570 85  HOH HOH A . 
C 3 HOH 71  571 67  HOH HOH A . 
C 3 HOH 72  572 120 HOH HOH A . 
C 3 HOH 73  573 18  HOH HOH A . 
C 3 HOH 74  574 5   HOH HOH A . 
C 3 HOH 75  575 50  HOH HOH A . 
C 3 HOH 76  576 78  HOH HOH A . 
C 3 HOH 77  577 157 HOH HOH A . 
C 3 HOH 78  578 38  HOH HOH A . 
C 3 HOH 79  579 71  HOH HOH A . 
C 3 HOH 80  580 144 HOH HOH A . 
C 3 HOH 81  581 135 HOH HOH A . 
C 3 HOH 82  582 87  HOH HOH A . 
C 3 HOH 83  583 45  HOH HOH A . 
C 3 HOH 84  584 226 HOH HOH A . 
C 3 HOH 85  585 162 HOH HOH A . 
C 3 HOH 86  586 266 HOH HOH A . 
C 3 HOH 87  587 181 HOH HOH A . 
C 3 HOH 88  588 23  HOH HOH A . 
C 3 HOH 89  589 31  HOH HOH A . 
C 3 HOH 90  590 6   HOH HOH A . 
C 3 HOH 91  591 33  HOH HOH A . 
C 3 HOH 92  592 13  HOH HOH A . 
C 3 HOH 93  593 62  HOH HOH A . 
C 3 HOH 94  594 11  HOH HOH A . 
C 3 HOH 95  595 95  HOH HOH A . 
C 3 HOH 96  596 35  HOH HOH A . 
C 3 HOH 97  597 51  HOH HOH A . 
C 3 HOH 98  598 70  HOH HOH A . 
C 3 HOH 99  599 21  HOH HOH A . 
C 3 HOH 100 600 116 HOH HOH A . 
C 3 HOH 101 601 9   HOH HOH A . 
C 3 HOH 102 602 200 HOH HOH A . 
C 3 HOH 103 603 8   HOH HOH A . 
C 3 HOH 104 604 92  HOH HOH A . 
C 3 HOH 105 605 26  HOH HOH A . 
C 3 HOH 106 606 83  HOH HOH A . 
C 3 HOH 107 607 159 HOH HOH A . 
C 3 HOH 108 608 274 HOH HOH A . 
C 3 HOH 109 609 53  HOH HOH A . 
C 3 HOH 110 610 197 HOH HOH A . 
C 3 HOH 111 611 52  HOH HOH A . 
C 3 HOH 112 612 41  HOH HOH A . 
C 3 HOH 113 613 139 HOH HOH A . 
C 3 HOH 114 614 146 HOH HOH A . 
C 3 HOH 115 615 175 HOH HOH A . 
C 3 HOH 116 616 228 HOH HOH A . 
C 3 HOH 117 617 102 HOH HOH A . 
C 3 HOH 118 618 34  HOH HOH A . 
C 3 HOH 119 619 117 HOH HOH A . 
C 3 HOH 120 620 225 HOH HOH A . 
C 3 HOH 121 621 63  HOH HOH A . 
C 3 HOH 122 622 44  HOH HOH A . 
C 3 HOH 123 623 271 HOH HOH A . 
C 3 HOH 124 624 69  HOH HOH A . 
C 3 HOH 125 625 241 HOH HOH A . 
C 3 HOH 126 626 273 HOH HOH A . 
C 3 HOH 127 627 36  HOH HOH A . 
C 3 HOH 128 628 133 HOH HOH A . 
C 3 HOH 129 629 171 HOH HOH A . 
C 3 HOH 130 630 77  HOH HOH A . 
C 3 HOH 131 631 168 HOH HOH A . 
C 3 HOH 132 632 119 HOH HOH A . 
C 3 HOH 133 633 142 HOH HOH A . 
C 3 HOH 134 634 27  HOH HOH A . 
C 3 HOH 135 635 136 HOH HOH A . 
C 3 HOH 136 636 112 HOH HOH A . 
C 3 HOH 137 637 141 HOH HOH A . 
C 3 HOH 138 638 199 HOH HOH A . 
C 3 HOH 139 639 131 HOH HOH A . 
C 3 HOH 140 640 222 HOH HOH A . 
C 3 HOH 141 641 193 HOH HOH A . 
C 3 HOH 142 642 164 HOH HOH A . 
C 3 HOH 143 643 106 HOH HOH A . 
C 3 HOH 144 644 66  HOH HOH A . 
C 3 HOH 145 645 134 HOH HOH A . 
C 3 HOH 146 646 39  HOH HOH A . 
C 3 HOH 147 647 126 HOH HOH A . 
C 3 HOH 148 648 86  HOH HOH A . 
C 3 HOH 149 649 104 HOH HOH A . 
C 3 HOH 150 650 138 HOH HOH A . 
C 3 HOH 151 651 145 HOH HOH A . 
C 3 HOH 152 652 124 HOH HOH A . 
C 3 HOH 153 653 55  HOH HOH A . 
C 3 HOH 154 654 89  HOH HOH A . 
C 3 HOH 155 655 42  HOH HOH A . 
C 3 HOH 156 656 99  HOH HOH A . 
C 3 HOH 157 657 212 HOH HOH A . 
C 3 HOH 158 658 183 HOH HOH A . 
C 3 HOH 159 659 57  HOH HOH A . 
C 3 HOH 160 660 272 HOH HOH A . 
C 3 HOH 161 661 172 HOH HOH A . 
C 3 HOH 162 662 210 HOH HOH A . 
C 3 HOH 163 663 235 HOH HOH A . 
C 3 HOH 164 664 206 HOH HOH A . 
C 3 HOH 165 665 166 HOH HOH A . 
C 3 HOH 166 666 54  HOH HOH A . 
C 3 HOH 167 667 60  HOH HOH A . 
C 3 HOH 168 668 167 HOH HOH A . 
C 3 HOH 169 669 98  HOH HOH A . 
C 3 HOH 170 670 205 HOH HOH A . 
C 3 HOH 171 671 80  HOH HOH A . 
C 3 HOH 172 672 189 HOH HOH A . 
# 
_pdbx_struct_assembly.id                   1 
_pdbx_struct_assembly.details              author_and_software_defined_assembly 
_pdbx_struct_assembly.method_details       PISA 
_pdbx_struct_assembly.oligomeric_details   monomeric 
_pdbx_struct_assembly.oligomeric_count     1 
# 
_pdbx_struct_assembly_gen.assembly_id       1 
_pdbx_struct_assembly_gen.oper_expression   1 
_pdbx_struct_assembly_gen.asym_id_list      A,B,C 
# 
loop_
_pdbx_struct_assembly_prop.biol_id 
_pdbx_struct_assembly_prop.type 
_pdbx_struct_assembly_prop.value 
_pdbx_struct_assembly_prop.details 
1 'ABSA (A^2)' 0    ? 
1 MORE         0    ? 
1 'SSA (A^2)'  7510 ? 
# 
_pdbx_struct_oper_list.id                   1 
_pdbx_struct_oper_list.type                 'identity operation' 
_pdbx_struct_oper_list.name                 1_555 
_pdbx_struct_oper_list.symmetry_operation   x,y,z 
_pdbx_struct_oper_list.matrix[1][1]         1.0000000000 
_pdbx_struct_oper_list.matrix[1][2]         0.0000000000 
_pdbx_struct_oper_list.matrix[1][3]         0.0000000000 
_pdbx_struct_oper_list.vector[1]            0.0000000000 
_pdbx_struct_oper_list.matrix[2][1]         0.0000000000 
_pdbx_struct_oper_list.matrix[2][2]         1.0000000000 
_pdbx_struct_oper_list.matrix[2][3]         0.0000000000 
_pdbx_struct_oper_list.vector[2]            0.0000000000 
_pdbx_struct_oper_list.matrix[3][1]         0.0000000000 
_pdbx_struct_oper_list.matrix[3][2]         0.0000000000 
_pdbx_struct_oper_list.matrix[3][3]         1.0000000000 
_pdbx_struct_oper_list.vector[3]            0.0000000000 
# 
loop_
_pdbx_audit_revision_history.ordinal 
_pdbx_audit_revision_history.data_content_type 
_pdbx_audit_revision_history.major_revision 
_pdbx_audit_revision_history.minor_revision 
_pdbx_audit_revision_history.revision_date 
1 'Structure model' 1 0 2020-06-24 
2 'Structure model' 1 1 2020-07-01 
3 'Structure model' 1 2 2020-08-26 
4 'Structure model' 1 3 2023-10-18 
# 
_pdbx_audit_revision_details.ordinal             1 
_pdbx_audit_revision_details.revision_ordinal    1 
_pdbx_audit_revision_details.data_content_type   'Structure model' 
_pdbx_audit_revision_details.provider            repository 
_pdbx_audit_revision_details.type                'Initial release' 
_pdbx_audit_revision_details.description         ? 
_pdbx_audit_revision_details.details             ? 
# 
loop_
_pdbx_audit_revision_group.ordinal 
_pdbx_audit_revision_group.revision_ordinal 
_pdbx_audit_revision_group.data_content_type 
_pdbx_audit_revision_group.group 
1 2 'Structure model' 'Database references'    
2 3 'Structure model' 'Database references'    
3 4 'Structure model' 'Data collection'        
4 4 'Structure model' 'Database references'    
5 4 'Structure model' 'Refinement description' 
# 
loop_
_pdbx_audit_revision_category.ordinal 
_pdbx_audit_revision_category.revision_ordinal 
_pdbx_audit_revision_category.data_content_type 
_pdbx_audit_revision_category.category 
1 2 'Structure model' citation                      
2 3 'Structure model' citation                      
3 3 'Structure model' citation_author               
4 4 'Structure model' chem_comp_atom                
5 4 'Structure model' chem_comp_bond                
6 4 'Structure model' database_2                    
7 4 'Structure model' pdbx_initial_refinement_model 
# 
loop_
_pdbx_audit_revision_item.ordinal 
_pdbx_audit_revision_item.revision_ordinal 
_pdbx_audit_revision_item.data_content_type 
_pdbx_audit_revision_item.item 
1  2 'Structure model' '_citation.country'                   
2  2 'Structure model' '_citation.journal_abbrev'            
3  2 'Structure model' '_citation.journal_id_CSD'            
4  2 'Structure model' '_citation.journal_id_ISSN'           
5  2 'Structure model' '_citation.pdbx_database_id_DOI'      
6  2 'Structure model' '_citation.pdbx_database_id_PubMed'   
7  2 'Structure model' '_citation.title'                     
8  2 'Structure model' '_citation.year'                      
9  3 'Structure model' '_citation.journal_volume'            
10 3 'Structure model' '_citation.page_first'                
11 3 'Structure model' '_citation.page_last'                 
12 3 'Structure model' '_citation_author.identifier_ORCID'   
13 3 'Structure model' '_citation_author.name'               
14 4 'Structure model' '_database_2.pdbx_DOI'                
15 4 'Structure model' '_database_2.pdbx_database_accession' 
# 
loop_
_space_group_symop.id 
_space_group_symop.operation_xyz 
1 x,y,z           
2 x+1/2,-y+1/2,-z 
3 -x,y+1/2,-z+1/2 
4 -x+1/2,-y,z+1/2 
# 
loop_
_software.citation_id 
_software.classification 
_software.compiler_name 
_software.compiler_version 
_software.contact_author 
_software.contact_author_email 
_software.date 
_software.description 
_software.dependencies 
_software.hardware 
_software.language 
_software.location 
_software.mods 
_software.name 
_software.os 
_software.os_version 
_software.type 
_software.version 
_software.pdbx_ordinal 
? refinement       ? ? ? ? ? ? ? ? ? ? ? PHENIX    ? ? ? 1.17.1_3660 1 
? refinement       ? ? ? ? ? ? ? ? ? ? ? PHENIX    ? ? ? 1.17.1_3660 2 
? 'data reduction' ? ? ? ? ? ? ? ? ? ? ? HKL-2000  ? ? ? .           3 
? 'data scaling'   ? ? ? ? ? ? ? ? ? ? ? SCALEPACK ? ? ? .           4 
? phasing          ? ? ? ? ? ? ? ? ? ? ? PHASER    ? ? ? .           5 
# 
_pdbx_entry_details.entry_id                 6X4P 
_pdbx_entry_details.has_ligand_of_interest   Y 
_pdbx_entry_details.compound_details         ? 
_pdbx_entry_details.source_details           ? 
_pdbx_entry_details.nonpolymer_details       ? 
_pdbx_entry_details.sequence_details         ? 
# 
_pdbx_validate_torsion.id              1 
_pdbx_validate_torsion.PDB_model_num   1 
_pdbx_validate_torsion.auth_comp_id    PHE 
_pdbx_validate_torsion.auth_asym_id    A 
_pdbx_validate_torsion.auth_seq_id     60 
_pdbx_validate_torsion.PDB_ins_code    ? 
_pdbx_validate_torsion.label_alt_id    ? 
_pdbx_validate_torsion.phi             -143.82 
_pdbx_validate_torsion.psi             -77.13 
# 
_pdbx_validate_chiral.id              1 
_pdbx_validate_chiral.PDB_model_num   1 
_pdbx_validate_chiral.auth_atom_id    N07 
_pdbx_validate_chiral.label_alt_id    ? 
_pdbx_validate_chiral.auth_asym_id    A 
_pdbx_validate_chiral.auth_comp_id    UOG 
_pdbx_validate_chiral.auth_seq_id     400 
_pdbx_validate_chiral.PDB_ins_code    ? 
_pdbx_validate_chiral.details         PLANAR 
_pdbx_validate_chiral.omega           . 
# 
loop_
_pdbx_unobs_or_zero_occ_atoms.id 
_pdbx_unobs_or_zero_occ_atoms.PDB_model_num 
_pdbx_unobs_or_zero_occ_atoms.polymer_flag 
_pdbx_unobs_or_zero_occ_atoms.occupancy_flag 
_pdbx_unobs_or_zero_occ_atoms.auth_asym_id 
_pdbx_unobs_or_zero_occ_atoms.auth_comp_id 
_pdbx_unobs_or_zero_occ_atoms.auth_seq_id 
_pdbx_unobs_or_zero_occ_atoms.PDB_ins_code 
_pdbx_unobs_or_zero_occ_atoms.auth_atom_id 
_pdbx_unobs_or_zero_occ_atoms.label_alt_id 
_pdbx_unobs_or_zero_occ_atoms.label_asym_id 
_pdbx_unobs_or_zero_occ_atoms.label_comp_id 
_pdbx_unobs_or_zero_occ_atoms.label_seq_id 
_pdbx_unobs_or_zero_occ_atoms.label_atom_id 
1 1 Y 1 A MET 1   ? CG  ? A MET 3   CG  
2 1 Y 1 A MET 1   ? SD  ? A MET 3   SD  
3 1 Y 1 A MET 1   ? CE  ? A MET 3   CE  
4 1 Y 1 A ARG 144 ? NE  ? A ARG 146 NE  
5 1 Y 1 A ARG 144 ? CZ  ? A ARG 146 CZ  
6 1 Y 1 A ARG 144 ? NH1 ? A ARG 146 NH1 
7 1 Y 1 A ARG 144 ? NH2 ? A ARG 146 NH2 
# 
loop_
_pdbx_unobs_or_zero_occ_residues.id 
_pdbx_unobs_or_zero_occ_residues.PDB_model_num 
_pdbx_unobs_or_zero_occ_residues.polymer_flag 
_pdbx_unobs_or_zero_occ_residues.occupancy_flag 
_pdbx_unobs_or_zero_occ_residues.auth_asym_id 
_pdbx_unobs_or_zero_occ_residues.auth_comp_id 
_pdbx_unobs_or_zero_occ_residues.auth_seq_id 
_pdbx_unobs_or_zero_occ_residues.PDB_ins_code 
_pdbx_unobs_or_zero_occ_residues.label_asym_id 
_pdbx_unobs_or_zero_occ_residues.label_comp_id 
_pdbx_unobs_or_zero_occ_residues.label_seq_id 
1 1 Y 1 A GLY -1 ? A GLY 1 
2 1 Y 1 A HIS 0  ? A HIS 2 
# 
loop_
_chem_comp_atom.comp_id 
_chem_comp_atom.atom_id 
_chem_comp_atom.type_symbol 
_chem_comp_atom.pdbx_aromatic_flag 
_chem_comp_atom.pdbx_stereo_config 
_chem_comp_atom.pdbx_ordinal 
ALA N    N N N 1   
ALA CA   C N S 2   
ALA C    C N N 3   
ALA O    O N N 4   
ALA CB   C N N 5   
ALA OXT  O N N 6   
ALA H    H N N 7   
ALA H2   H N N 8   
ALA HA   H N N 9   
ALA HB1  H N N 10  
ALA HB2  H N N 11  
ALA HB3  H N N 12  
ALA HXT  H N N 13  
ARG N    N N N 14  
ARG CA   C N S 15  
ARG C    C N N 16  
ARG O    O N N 17  
ARG CB   C N N 18  
ARG CG   C N N 19  
ARG CD   C N N 20  
ARG NE   N N N 21  
ARG CZ   C N N 22  
ARG NH1  N N N 23  
ARG NH2  N N N 24  
ARG OXT  O N N 25  
ARG H    H N N 26  
ARG H2   H N N 27  
ARG HA   H N N 28  
ARG HB2  H N N 29  
ARG HB3  H N N 30  
ARG HG2  H N N 31  
ARG HG3  H N N 32  
ARG HD2  H N N 33  
ARG HD3  H N N 34  
ARG HE   H N N 35  
ARG HH11 H N N 36  
ARG HH12 H N N 37  
ARG HH21 H N N 38  
ARG HH22 H N N 39  
ARG HXT  H N N 40  
ASN N    N N N 41  
ASN CA   C N S 42  
ASN C    C N N 43  
ASN O    O N N 44  
ASN CB   C N N 45  
ASN CG   C N N 46  
ASN OD1  O N N 47  
ASN ND2  N N N 48  
ASN OXT  O N N 49  
ASN H    H N N 50  
ASN H2   H N N 51  
ASN HA   H N N 52  
ASN HB2  H N N 53  
ASN HB3  H N N 54  
ASN HD21 H N N 55  
ASN HD22 H N N 56  
ASN HXT  H N N 57  
ASP N    N N N 58  
ASP CA   C N S 59  
ASP C    C N N 60  
ASP O    O N N 61  
ASP CB   C N N 62  
ASP CG   C N N 63  
ASP OD1  O N N 64  
ASP OD2  O N N 65  
ASP OXT  O N N 66  
ASP H    H N N 67  
ASP H2   H N N 68  
ASP HA   H N N 69  
ASP HB2  H N N 70  
ASP HB3  H N N 71  
ASP HD2  H N N 72  
ASP HXT  H N N 73  
CYS N    N N N 74  
CYS CA   C N R 75  
CYS C    C N N 76  
CYS O    O N N 77  
CYS CB   C N N 78  
CYS SG   S N N 79  
CYS OXT  O N N 80  
CYS H    H N N 81  
CYS H2   H N N 82  
CYS HA   H N N 83  
CYS HB2  H N N 84  
CYS HB3  H N N 85  
CYS HG   H N N 86  
CYS HXT  H N N 87  
GLN N    N N N 88  
GLN CA   C N S 89  
GLN C    C N N 90  
GLN O    O N N 91  
GLN CB   C N N 92  
GLN CG   C N N 93  
GLN CD   C N N 94  
GLN OE1  O N N 95  
GLN NE2  N N N 96  
GLN OXT  O N N 97  
GLN H    H N N 98  
GLN H2   H N N 99  
GLN HA   H N N 100 
GLN HB2  H N N 101 
GLN HB3  H N N 102 
GLN HG2  H N N 103 
GLN HG3  H N N 104 
GLN HE21 H N N 105 
GLN HE22 H N N 106 
GLN HXT  H N N 107 
GLU N    N N N 108 
GLU CA   C N S 109 
GLU C    C N N 110 
GLU O    O N N 111 
GLU CB   C N N 112 
GLU CG   C N N 113 
GLU CD   C N N 114 
GLU OE1  O N N 115 
GLU OE2  O N N 116 
GLU OXT  O N N 117 
GLU H    H N N 118 
GLU H2   H N N 119 
GLU HA   H N N 120 
GLU HB2  H N N 121 
GLU HB3  H N N 122 
GLU HG2  H N N 123 
GLU HG3  H N N 124 
GLU HE2  H N N 125 
GLU HXT  H N N 126 
GLY N    N N N 127 
GLY CA   C N N 128 
GLY C    C N N 129 
GLY O    O N N 130 
GLY OXT  O N N 131 
GLY H    H N N 132 
GLY H2   H N N 133 
GLY HA2  H N N 134 
GLY HA3  H N N 135 
GLY HXT  H N N 136 
HIS N    N N N 137 
HIS CA   C N S 138 
HIS C    C N N 139 
HIS O    O N N 140 
HIS CB   C N N 141 
HIS CG   C Y N 142 
HIS ND1  N Y N 143 
HIS CD2  C Y N 144 
HIS CE1  C Y N 145 
HIS NE2  N Y N 146 
HIS OXT  O N N 147 
HIS H    H N N 148 
HIS H2   H N N 149 
HIS HA   H N N 150 
HIS HB2  H N N 151 
HIS HB3  H N N 152 
HIS HD1  H N N 153 
HIS HD2  H N N 154 
HIS HE1  H N N 155 
HIS HE2  H N N 156 
HIS HXT  H N N 157 
HOH O    O N N 158 
HOH H1   H N N 159 
HOH H2   H N N 160 
ILE N    N N N 161 
ILE CA   C N S 162 
ILE C    C N N 163 
ILE O    O N N 164 
ILE CB   C N S 165 
ILE CG1  C N N 166 
ILE CG2  C N N 167 
ILE CD1  C N N 168 
ILE OXT  O N N 169 
ILE H    H N N 170 
ILE H2   H N N 171 
ILE HA   H N N 172 
ILE HB   H N N 173 
ILE HG12 H N N 174 
ILE HG13 H N N 175 
ILE HG21 H N N 176 
ILE HG22 H N N 177 
ILE HG23 H N N 178 
ILE HD11 H N N 179 
ILE HD12 H N N 180 
ILE HD13 H N N 181 
ILE HXT  H N N 182 
LEU N    N N N 183 
LEU CA   C N S 184 
LEU C    C N N 185 
LEU O    O N N 186 
LEU CB   C N N 187 
LEU CG   C N N 188 
LEU CD1  C N N 189 
LEU CD2  C N N 190 
LEU OXT  O N N 191 
LEU H    H N N 192 
LEU H2   H N N 193 
LEU HA   H N N 194 
LEU HB2  H N N 195 
LEU HB3  H N N 196 
LEU HG   H N N 197 
LEU HD11 H N N 198 
LEU HD12 H N N 199 
LEU HD13 H N N 200 
LEU HD21 H N N 201 
LEU HD22 H N N 202 
LEU HD23 H N N 203 
LEU HXT  H N N 204 
LYS N    N N N 205 
LYS CA   C N S 206 
LYS C    C N N 207 
LYS O    O N N 208 
LYS CB   C N N 209 
LYS CG   C N N 210 
LYS CD   C N N 211 
LYS CE   C N N 212 
LYS NZ   N N N 213 
LYS OXT  O N N 214 
LYS H    H N N 215 
LYS H2   H N N 216 
LYS HA   H N N 217 
LYS HB2  H N N 218 
LYS HB3  H N N 219 
LYS HG2  H N N 220 
LYS HG3  H N N 221 
LYS HD2  H N N 222 
LYS HD3  H N N 223 
LYS HE2  H N N 224 
LYS HE3  H N N 225 
LYS HZ1  H N N 226 
LYS HZ2  H N N 227 
LYS HZ3  H N N 228 
LYS HXT  H N N 229 
MET N    N N N 230 
MET CA   C N S 231 
MET C    C N N 232 
MET O    O N N 233 
MET CB   C N N 234 
MET CG   C N N 235 
MET SD   S N N 236 
MET CE   C N N 237 
MET OXT  O N N 238 
MET H    H N N 239 
MET H2   H N N 240 
MET HA   H N N 241 
MET HB2  H N N 242 
MET HB3  H N N 243 
MET HG2  H N N 244 
MET HG3  H N N 245 
MET HE1  H N N 246 
MET HE2  H N N 247 
MET HE3  H N N 248 
MET HXT  H N N 249 
PHE N    N N N 250 
PHE CA   C N S 251 
PHE C    C N N 252 
PHE O    O N N 253 
PHE CB   C N N 254 
PHE CG   C Y N 255 
PHE CD1  C Y N 256 
PHE CD2  C Y N 257 
PHE CE1  C Y N 258 
PHE CE2  C Y N 259 
PHE CZ   C Y N 260 
PHE OXT  O N N 261 
PHE H    H N N 262 
PHE H2   H N N 263 
PHE HA   H N N 264 
PHE HB2  H N N 265 
PHE HB3  H N N 266 
PHE HD1  H N N 267 
PHE HD2  H N N 268 
PHE HE1  H N N 269 
PHE HE2  H N N 270 
PHE HZ   H N N 271 
PHE HXT  H N N 272 
PRO N    N N N 273 
PRO CA   C N S 274 
PRO C    C N N 275 
PRO O    O N N 276 
PRO CB   C N N 277 
PRO CG   C N N 278 
PRO CD   C N N 279 
PRO OXT  O N N 280 
PRO H    H N N 281 
PRO HA   H N N 282 
PRO HB2  H N N 283 
PRO HB3  H N N 284 
PRO HG2  H N N 285 
PRO HG3  H N N 286 
PRO HD2  H N N 287 
PRO HD3  H N N 288 
PRO HXT  H N N 289 
SER N    N N N 290 
SER CA   C N S 291 
SER C    C N N 292 
SER O    O N N 293 
SER CB   C N N 294 
SER OG   O N N 295 
SER OXT  O N N 296 
SER H    H N N 297 
SER H2   H N N 298 
SER HA   H N N 299 
SER HB2  H N N 300 
SER HB3  H N N 301 
SER HG   H N N 302 
SER HXT  H N N 303 
THR N    N N N 304 
THR CA   C N S 305 
THR C    C N N 306 
THR O    O N N 307 
THR CB   C N R 308 
THR OG1  O N N 309 
THR CG2  C N N 310 
THR OXT  O N N 311 
THR H    H N N 312 
THR H2   H N N 313 
THR HA   H N N 314 
THR HB   H N N 315 
THR HG1  H N N 316 
THR HG21 H N N 317 
THR HG22 H N N 318 
THR HG23 H N N 319 
THR HXT  H N N 320 
TRP N    N N N 321 
TRP CA   C N S 322 
TRP C    C N N 323 
TRP O    O N N 324 
TRP CB   C N N 325 
TRP CG   C Y N 326 
TRP CD1  C Y N 327 
TRP CD2  C Y N 328 
TRP NE1  N Y N 329 
TRP CE2  C Y N 330 
TRP CE3  C Y N 331 
TRP CZ2  C Y N 332 
TRP CZ3  C Y N 333 
TRP CH2  C Y N 334 
TRP OXT  O N N 335 
TRP H    H N N 336 
TRP H2   H N N 337 
TRP HA   H N N 338 
TRP HB2  H N N 339 
TRP HB3  H N N 340 
TRP HD1  H N N 341 
TRP HE1  H N N 342 
TRP HE3  H N N 343 
TRP HZ2  H N N 344 
TRP HZ3  H N N 345 
TRP HH2  H N N 346 
TRP HXT  H N N 347 
TYR N    N N N 348 
TYR CA   C N S 349 
TYR C    C N N 350 
TYR O    O N N 351 
TYR CB   C N N 352 
TYR CG   C Y N 353 
TYR CD1  C Y N 354 
TYR CD2  C Y N 355 
TYR CE1  C Y N 356 
TYR CE2  C Y N 357 
TYR CZ   C Y N 358 
TYR OH   O N N 359 
TYR OXT  O N N 360 
TYR H    H N N 361 
TYR H2   H N N 362 
TYR HA   H N N 363 
TYR HB2  H N N 364 
TYR HB3  H N N 365 
TYR HD1  H N N 366 
TYR HD2  H N N 367 
TYR HE1  H N N 368 
TYR HE2  H N N 369 
TYR HH   H N N 370 
TYR HXT  H N N 371 
UOG C10  C N N 372 
UOG C12  C N R 373 
UOG C13  C N N 374 
UOG C14  C N S 375 
UOG C01  C Y N 376 
UOG C02  C Y N 377 
UOG C04  C N N 378 
UOG C05  C N N 379 
UOG C06  C N N 380 
UOG C09  C N S 381 
UOG C17  C N N 382 
UOG C18  C N S 383 
UOG C20  C N N 384 
UOG C21  C N N 385 
UOG C22  C N N 386 
UOG C24  C N N 387 
UOG C25  C N N 388 
UOG C27  C N N 389 
UOG C29  C N N 390 
UOG C30  C N N 391 
UOG C31  C Y N 392 
UOG C32  C Y N 393 
UOG C33  C Y N 394 
UOG C34  C Y N 395 
UOG C35  C Y N 396 
UOG C36  C Y N 397 
UOG C37  C Y N 398 
UOG C38  C N N 399 
UOG C39  C N N 400 
UOG C40  C N N 401 
UOG N03  N Y N 402 
UOG N07  N N R 403 
UOG N08  N N N 404 
UOG N11  N N N 405 
UOG N16  N N N 406 
UOG O15  O N N 407 
UOG O19  O N N 408 
UOG O23  O N N 409 
UOG O26  O N N 410 
UOG O28  O N N 411 
UOG H1   H N N 412 
UOG H2   H N N 413 
UOG H3   H N N 414 
UOG H4   H N N 415 
UOG H5   H N N 416 
UOG H6   H N N 417 
UOG H7   H N N 418 
UOG H8   H N N 419 
UOG H9   H N N 420 
UOG H10  H N N 421 
UOG H11  H N N 422 
UOG H12  H N N 423 
UOG H13  H N N 424 
UOG H14  H N N 425 
UOG H15  H N N 426 
UOG H16  H N N 427 
UOG H17  H N N 428 
UOG H18  H N N 429 
UOG H19  H N N 430 
UOG H20  H N N 431 
UOG H21  H N N 432 
UOG H22  H N N 433 
UOG H23  H N N 434 
UOG H24  H N N 435 
UOG H25  H N N 436 
UOG H26  H N N 437 
UOG H27  H N N 438 
UOG H28  H N N 439 
UOG H29  H N N 440 
UOG H30  H N N 441 
UOG H31  H N N 442 
UOG H32  H N N 443 
UOG H33  H N N 444 
UOG H34  H N N 445 
UOG H35  H N N 446 
UOG H36  H N N 447 
UOG H37  H N N 448 
UOG H38  H N N 449 
UOG H39  H N N 450 
VAL N    N N N 451 
VAL CA   C N S 452 
VAL C    C N N 453 
VAL O    O N N 454 
VAL CB   C N N 455 
VAL CG1  C N N 456 
VAL CG2  C N N 457 
VAL OXT  O N N 458 
VAL H    H N N 459 
VAL H2   H N N 460 
VAL HA   H N N 461 
VAL HB   H N N 462 
VAL HG11 H N N 463 
VAL HG12 H N N 464 
VAL HG13 H N N 465 
VAL HG21 H N N 466 
VAL HG22 H N N 467 
VAL HG23 H N N 468 
VAL HXT  H N N 469 
# 
loop_
_chem_comp_bond.comp_id 
_chem_comp_bond.atom_id_1 
_chem_comp_bond.atom_id_2 
_chem_comp_bond.value_order 
_chem_comp_bond.pdbx_aromatic_flag 
_chem_comp_bond.pdbx_stereo_config 
_chem_comp_bond.pdbx_ordinal 
ALA N   CA   sing N N 1   
ALA N   H    sing N N 2   
ALA N   H2   sing N N 3   
ALA CA  C    sing N N 4   
ALA CA  CB   sing N N 5   
ALA CA  HA   sing N N 6   
ALA C   O    doub N N 7   
ALA C   OXT  sing N N 8   
ALA CB  HB1  sing N N 9   
ALA CB  HB2  sing N N 10  
ALA CB  HB3  sing N N 11  
ALA OXT HXT  sing N N 12  
ARG N   CA   sing N N 13  
ARG N   H    sing N N 14  
ARG N   H2   sing N N 15  
ARG CA  C    sing N N 16  
ARG CA  CB   sing N N 17  
ARG CA  HA   sing N N 18  
ARG C   O    doub N N 19  
ARG C   OXT  sing N N 20  
ARG CB  CG   sing N N 21  
ARG CB  HB2  sing N N 22  
ARG CB  HB3  sing N N 23  
ARG CG  CD   sing N N 24  
ARG CG  HG2  sing N N 25  
ARG CG  HG3  sing N N 26  
ARG CD  NE   sing N N 27  
ARG CD  HD2  sing N N 28  
ARG CD  HD3  sing N N 29  
ARG NE  CZ   sing N N 30  
ARG NE  HE   sing N N 31  
ARG CZ  NH1  sing N N 32  
ARG CZ  NH2  doub N N 33  
ARG NH1 HH11 sing N N 34  
ARG NH1 HH12 sing N N 35  
ARG NH2 HH21 sing N N 36  
ARG NH2 HH22 sing N N 37  
ARG OXT HXT  sing N N 38  
ASN N   CA   sing N N 39  
ASN N   H    sing N N 40  
ASN N   H2   sing N N 41  
ASN CA  C    sing N N 42  
ASN CA  CB   sing N N 43  
ASN CA  HA   sing N N 44  
ASN C   O    doub N N 45  
ASN C   OXT  sing N N 46  
ASN CB  CG   sing N N 47  
ASN CB  HB2  sing N N 48  
ASN CB  HB3  sing N N 49  
ASN CG  OD1  doub N N 50  
ASN CG  ND2  sing N N 51  
ASN ND2 HD21 sing N N 52  
ASN ND2 HD22 sing N N 53  
ASN OXT HXT  sing N N 54  
ASP N   CA   sing N N 55  
ASP N   H    sing N N 56  
ASP N   H2   sing N N 57  
ASP CA  C    sing N N 58  
ASP CA  CB   sing N N 59  
ASP CA  HA   sing N N 60  
ASP C   O    doub N N 61  
ASP C   OXT  sing N N 62  
ASP CB  CG   sing N N 63  
ASP CB  HB2  sing N N 64  
ASP CB  HB3  sing N N 65  
ASP CG  OD1  doub N N 66  
ASP CG  OD2  sing N N 67  
ASP OD2 HD2  sing N N 68  
ASP OXT HXT  sing N N 69  
CYS N   CA   sing N N 70  
CYS N   H    sing N N 71  
CYS N   H2   sing N N 72  
CYS CA  C    sing N N 73  
CYS CA  CB   sing N N 74  
CYS CA  HA   sing N N 75  
CYS C   O    doub N N 76  
CYS C   OXT  sing N N 77  
CYS CB  SG   sing N N 78  
CYS CB  HB2  sing N N 79  
CYS CB  HB3  sing N N 80  
CYS SG  HG   sing N N 81  
CYS OXT HXT  sing N N 82  
GLN N   CA   sing N N 83  
GLN N   H    sing N N 84  
GLN N   H2   sing N N 85  
GLN CA  C    sing N N 86  
GLN CA  CB   sing N N 87  
GLN CA  HA   sing N N 88  
GLN C   O    doub N N 89  
GLN C   OXT  sing N N 90  
GLN CB  CG   sing N N 91  
GLN CB  HB2  sing N N 92  
GLN CB  HB3  sing N N 93  
GLN CG  CD   sing N N 94  
GLN CG  HG2  sing N N 95  
GLN CG  HG3  sing N N 96  
GLN CD  OE1  doub N N 97  
GLN CD  NE2  sing N N 98  
GLN NE2 HE21 sing N N 99  
GLN NE2 HE22 sing N N 100 
GLN OXT HXT  sing N N 101 
GLU N   CA   sing N N 102 
GLU N   H    sing N N 103 
GLU N   H2   sing N N 104 
GLU CA  C    sing N N 105 
GLU CA  CB   sing N N 106 
GLU CA  HA   sing N N 107 
GLU C   O    doub N N 108 
GLU C   OXT  sing N N 109 
GLU CB  CG   sing N N 110 
GLU CB  HB2  sing N N 111 
GLU CB  HB3  sing N N 112 
GLU CG  CD   sing N N 113 
GLU CG  HG2  sing N N 114 
GLU CG  HG3  sing N N 115 
GLU CD  OE1  doub N N 116 
GLU CD  OE2  sing N N 117 
GLU OE2 HE2  sing N N 118 
GLU OXT HXT  sing N N 119 
GLY N   CA   sing N N 120 
GLY N   H    sing N N 121 
GLY N   H2   sing N N 122 
GLY CA  C    sing N N 123 
GLY CA  HA2  sing N N 124 
GLY CA  HA3  sing N N 125 
GLY C   O    doub N N 126 
GLY C   OXT  sing N N 127 
GLY OXT HXT  sing N N 128 
HIS N   CA   sing N N 129 
HIS N   H    sing N N 130 
HIS N   H2   sing N N 131 
HIS CA  C    sing N N 132 
HIS CA  CB   sing N N 133 
HIS CA  HA   sing N N 134 
HIS C   O    doub N N 135 
HIS C   OXT  sing N N 136 
HIS CB  CG   sing N N 137 
HIS CB  HB2  sing N N 138 
HIS CB  HB3  sing N N 139 
HIS CG  ND1  sing Y N 140 
HIS CG  CD2  doub Y N 141 
HIS ND1 CE1  doub Y N 142 
HIS ND1 HD1  sing N N 143 
HIS CD2 NE2  sing Y N 144 
HIS CD2 HD2  sing N N 145 
HIS CE1 NE2  sing Y N 146 
HIS CE1 HE1  sing N N 147 
HIS NE2 HE2  sing N N 148 
HIS OXT HXT  sing N N 149 
HOH O   H1   sing N N 150 
HOH O   H2   sing N N 151 
ILE N   CA   sing N N 152 
ILE N   H    sing N N 153 
ILE N   H2   sing N N 154 
ILE CA  C    sing N N 155 
ILE CA  CB   sing N N 156 
ILE CA  HA   sing N N 157 
ILE C   O    doub N N 158 
ILE C   OXT  sing N N 159 
ILE CB  CG1  sing N N 160 
ILE CB  CG2  sing N N 161 
ILE CB  HB   sing N N 162 
ILE CG1 CD1  sing N N 163 
ILE CG1 HG12 sing N N 164 
ILE CG1 HG13 sing N N 165 
ILE CG2 HG21 sing N N 166 
ILE CG2 HG22 sing N N 167 
ILE CG2 HG23 sing N N 168 
ILE CD1 HD11 sing N N 169 
ILE CD1 HD12 sing N N 170 
ILE CD1 HD13 sing N N 171 
ILE OXT HXT  sing N N 172 
LEU N   CA   sing N N 173 
LEU N   H    sing N N 174 
LEU N   H2   sing N N 175 
LEU CA  C    sing N N 176 
LEU CA  CB   sing N N 177 
LEU CA  HA   sing N N 178 
LEU C   O    doub N N 179 
LEU C   OXT  sing N N 180 
LEU CB  CG   sing N N 181 
LEU CB  HB2  sing N N 182 
LEU CB  HB3  sing N N 183 
LEU CG  CD1  sing N N 184 
LEU CG  CD2  sing N N 185 
LEU CG  HG   sing N N 186 
LEU CD1 HD11 sing N N 187 
LEU CD1 HD12 sing N N 188 
LEU CD1 HD13 sing N N 189 
LEU CD2 HD21 sing N N 190 
LEU CD2 HD22 sing N N 191 
LEU CD2 HD23 sing N N 192 
LEU OXT HXT  sing N N 193 
LYS N   CA   sing N N 194 
LYS N   H    sing N N 195 
LYS N   H2   sing N N 196 
LYS CA  C    sing N N 197 
LYS CA  CB   sing N N 198 
LYS CA  HA   sing N N 199 
LYS C   O    doub N N 200 
LYS C   OXT  sing N N 201 
LYS CB  CG   sing N N 202 
LYS CB  HB2  sing N N 203 
LYS CB  HB3  sing N N 204 
LYS CG  CD   sing N N 205 
LYS CG  HG2  sing N N 206 
LYS CG  HG3  sing N N 207 
LYS CD  CE   sing N N 208 
LYS CD  HD2  sing N N 209 
LYS CD  HD3  sing N N 210 
LYS CE  NZ   sing N N 211 
LYS CE  HE2  sing N N 212 
LYS CE  HE3  sing N N 213 
LYS NZ  HZ1  sing N N 214 
LYS NZ  HZ2  sing N N 215 
LYS NZ  HZ3  sing N N 216 
LYS OXT HXT  sing N N 217 
MET N   CA   sing N N 218 
MET N   H    sing N N 219 
MET N   H2   sing N N 220 
MET CA  C    sing N N 221 
MET CA  CB   sing N N 222 
MET CA  HA   sing N N 223 
MET C   O    doub N N 224 
MET C   OXT  sing N N 225 
MET CB  CG   sing N N 226 
MET CB  HB2  sing N N 227 
MET CB  HB3  sing N N 228 
MET CG  SD   sing N N 229 
MET CG  HG2  sing N N 230 
MET CG  HG3  sing N N 231 
MET SD  CE   sing N N 232 
MET CE  HE1  sing N N 233 
MET CE  HE2  sing N N 234 
MET CE  HE3  sing N N 235 
MET OXT HXT  sing N N 236 
PHE N   CA   sing N N 237 
PHE N   H    sing N N 238 
PHE N   H2   sing N N 239 
PHE CA  C    sing N N 240 
PHE CA  CB   sing N N 241 
PHE CA  HA   sing N N 242 
PHE C   O    doub N N 243 
PHE C   OXT  sing N N 244 
PHE CB  CG   sing N N 245 
PHE CB  HB2  sing N N 246 
PHE CB  HB3  sing N N 247 
PHE CG  CD1  doub Y N 248 
PHE CG  CD2  sing Y N 249 
PHE CD1 CE1  sing Y N 250 
PHE CD1 HD1  sing N N 251 
PHE CD2 CE2  doub Y N 252 
PHE CD2 HD2  sing N N 253 
PHE CE1 CZ   doub Y N 254 
PHE CE1 HE1  sing N N 255 
PHE CE2 CZ   sing Y N 256 
PHE CE2 HE2  sing N N 257 
PHE CZ  HZ   sing N N 258 
PHE OXT HXT  sing N N 259 
PRO N   CA   sing N N 260 
PRO N   CD   sing N N 261 
PRO N   H    sing N N 262 
PRO CA  C    sing N N 263 
PRO CA  CB   sing N N 264 
PRO CA  HA   sing N N 265 
PRO C   O    doub N N 266 
PRO C   OXT  sing N N 267 
PRO CB  CG   sing N N 268 
PRO CB  HB2  sing N N 269 
PRO CB  HB3  sing N N 270 
PRO CG  CD   sing N N 271 
PRO CG  HG2  sing N N 272 
PRO CG  HG3  sing N N 273 
PRO CD  HD2  sing N N 274 
PRO CD  HD3  sing N N 275 
PRO OXT HXT  sing N N 276 
SER N   CA   sing N N 277 
SER N   H    sing N N 278 
SER N   H2   sing N N 279 
SER CA  C    sing N N 280 
SER CA  CB   sing N N 281 
SER CA  HA   sing N N 282 
SER C   O    doub N N 283 
SER C   OXT  sing N N 284 
SER CB  OG   sing N N 285 
SER CB  HB2  sing N N 286 
SER CB  HB3  sing N N 287 
SER OG  HG   sing N N 288 
SER OXT HXT  sing N N 289 
THR N   CA   sing N N 290 
THR N   H    sing N N 291 
THR N   H2   sing N N 292 
THR CA  C    sing N N 293 
THR CA  CB   sing N N 294 
THR CA  HA   sing N N 295 
THR C   O    doub N N 296 
THR C   OXT  sing N N 297 
THR CB  OG1  sing N N 298 
THR CB  CG2  sing N N 299 
THR CB  HB   sing N N 300 
THR OG1 HG1  sing N N 301 
THR CG2 HG21 sing N N 302 
THR CG2 HG22 sing N N 303 
THR CG2 HG23 sing N N 304 
THR OXT HXT  sing N N 305 
TRP N   CA   sing N N 306 
TRP N   H    sing N N 307 
TRP N   H2   sing N N 308 
TRP CA  C    sing N N 309 
TRP CA  CB   sing N N 310 
TRP CA  HA   sing N N 311 
TRP C   O    doub N N 312 
TRP C   OXT  sing N N 313 
TRP CB  CG   sing N N 314 
TRP CB  HB2  sing N N 315 
TRP CB  HB3  sing N N 316 
TRP CG  CD1  doub Y N 317 
TRP CG  CD2  sing Y N 318 
TRP CD1 NE1  sing Y N 319 
TRP CD1 HD1  sing N N 320 
TRP CD2 CE2  doub Y N 321 
TRP CD2 CE3  sing Y N 322 
TRP NE1 CE2  sing Y N 323 
TRP NE1 HE1  sing N N 324 
TRP CE2 CZ2  sing Y N 325 
TRP CE3 CZ3  doub Y N 326 
TRP CE3 HE3  sing N N 327 
TRP CZ2 CH2  doub Y N 328 
TRP CZ2 HZ2  sing N N 329 
TRP CZ3 CH2  sing Y N 330 
TRP CZ3 HZ3  sing N N 331 
TRP CH2 HH2  sing N N 332 
TRP OXT HXT  sing N N 333 
TYR N   CA   sing N N 334 
TYR N   H    sing N N 335 
TYR N   H2   sing N N 336 
TYR CA  C    sing N N 337 
TYR CA  CB   sing N N 338 
TYR CA  HA   sing N N 339 
TYR C   O    doub N N 340 
TYR C   OXT  sing N N 341 
TYR CB  CG   sing N N 342 
TYR CB  HB2  sing N N 343 
TYR CB  HB3  sing N N 344 
TYR CG  CD1  doub Y N 345 
TYR CG  CD2  sing Y N 346 
TYR CD1 CE1  sing Y N 347 
TYR CD1 HD1  sing N N 348 
TYR CD2 CE2  doub Y N 349 
TYR CD2 HD2  sing N N 350 
TYR CE1 CZ   doub Y N 351 
TYR CE1 HE1  sing N N 352 
TYR CE2 CZ   sing Y N 353 
TYR CE2 HE2  sing N N 354 
TYR CZ  OH   sing N N 355 
TYR OH  HH   sing N N 356 
TYR OXT HXT  sing N N 357 
UOG C21 C20  sing N N 358 
UOG C22 C20  sing N N 359 
UOG C20 C18  sing N N 360 
UOG O19 C17  doub N N 361 
UOG C39 C38  sing N N 362 
UOG C18 O23  sing N N 363 
UOG C18 C17  sing N N 364 
UOG O23 C25  sing N N 365 
UOG C17 N16  sing N N 366 
UOG C06 N07  sing N N 367 
UOG C06 C05  sing N N 368 
UOG C30 C38  sing N N 369 
UOG C30 C24  doub N E 370 
UOG C38 C25  sing N N 371 
UOG C38 C40  sing N N 372 
UOG C37 C36  doub Y N 373 
UOG C37 C32  sing Y N 374 
UOG N07 N08  sing N N 375 
UOG N07 C13  sing N N 376 
UOG C36 C35  sing Y N 377 
UOG C25 O26  doub N N 378 
UOG N08 C09  sing N N 379 
UOG O28 C10  doub N N 380 
UOG O15 C13  doub N N 381 
UOG N16 C14  sing N N 382 
UOG C13 C14  sing N N 383 
UOG C05 C04  sing N N 384 
UOG C31 C32  doub Y N 385 
UOG C31 C01  sing Y N 386 
UOG C32 C33  sing Y N 387 
UOG C04 C09  sing N N 388 
UOG C14 C27  sing N N 389 
UOG C35 C24  sing N N 390 
UOG C35 C34  doub Y N 391 
UOG C09 C10  sing N N 392 
UOG C10 N11  sing N N 393 
UOG C01 C02  doub Y N 394 
UOG C33 C34  sing Y N 395 
UOG C33 N03  doub Y N 396 
UOG C02 N03  sing Y N 397 
UOG C02 C12  sing N N 398 
UOG N11 C12  sing N N 399 
UOG C12 C29  sing N N 400 
UOG C12 H1   sing N N 401 
UOG C14 H2   sing N N 402 
UOG C01 H3   sing N N 403 
UOG C04 H4   sing N N 404 
UOG C04 H5   sing N N 405 
UOG C05 H6   sing N N 406 
UOG C05 H7   sing N N 407 
UOG C06 H8   sing N N 408 
UOG C06 H9   sing N N 409 
UOG C09 H10  sing N N 410 
UOG C18 H11  sing N N 411 
UOG C20 H12  sing N N 412 
UOG C21 H13  sing N N 413 
UOG C21 H14  sing N N 414 
UOG C21 H15  sing N N 415 
UOG C22 H16  sing N N 416 
UOG C22 H17  sing N N 417 
UOG C22 H18  sing N N 418 
UOG C24 H19  sing N N 419 
UOG C27 H20  sing N N 420 
UOG C27 H21  sing N N 421 
UOG C27 H22  sing N N 422 
UOG C29 H23  sing N N 423 
UOG C29 H24  sing N N 424 
UOG C29 H25  sing N N 425 
UOG C30 H26  sing N N 426 
UOG C31 H27  sing N N 427 
UOG C34 H28  sing N N 428 
UOG C36 H29  sing N N 429 
UOG C37 H30  sing N N 430 
UOG C39 H31  sing N N 431 
UOG C39 H32  sing N N 432 
UOG C39 H33  sing N N 433 
UOG C40 H34  sing N N 434 
UOG C40 H35  sing N N 435 
UOG C40 H36  sing N N 436 
UOG N08 H37  sing N N 437 
UOG N11 H38  sing N N 438 
UOG N16 H39  sing N N 439 
VAL N   CA   sing N N 440 
VAL N   H    sing N N 441 
VAL N   H2   sing N N 442 
VAL CA  C    sing N N 443 
VAL CA  CB   sing N N 444 
VAL CA  HA   sing N N 445 
VAL C   O    doub N N 446 
VAL C   OXT  sing N N 447 
VAL CB  CG1  sing N N 448 
VAL CB  CG2  sing N N 449 
VAL CB  HB   sing N N 450 
VAL CG1 HG11 sing N N 451 
VAL CG1 HG12 sing N N 452 
VAL CG1 HG13 sing N N 453 
VAL CG2 HG21 sing N N 454 
VAL CG2 HG22 sing N N 455 
VAL CG2 HG23 sing N N 456 
VAL OXT HXT  sing N N 457 
# 
_pdbx_entity_instance_feature.ordinal        1 
_pdbx_entity_instance_feature.comp_id        UOG 
_pdbx_entity_instance_feature.asym_id        ? 
_pdbx_entity_instance_feature.seq_num        ? 
_pdbx_entity_instance_feature.auth_comp_id   UOG 
_pdbx_entity_instance_feature.auth_asym_id   ? 
_pdbx_entity_instance_feature.auth_seq_num   ? 
_pdbx_entity_instance_feature.feature_type   'SUBJECT OF INVESTIGATION' 
_pdbx_entity_instance_feature.details        ? 
# 
loop_
_pdbx_entity_nonpoly.entity_id 
_pdbx_entity_nonpoly.name 
_pdbx_entity_nonpoly.comp_id 
2 
;(2R,5S,11S,14S,18E)-2,11,17,17-tetramethyl-14-(propan-2-yl)-15-oxa-3,9,12,26,29-pentaazatetracyclo[18.5.3.1~5,9~.0~23,27~]nonacosa-1(25),18,20(28),21,23,26-hexaene-4,10,13,16-tetrone
;
UOG 
3 water HOH 
# 
_pdbx_initial_refinement_model.id               1 
_pdbx_initial_refinement_model.entity_id_list   ? 
_pdbx_initial_refinement_model.type             'experimental model' 
_pdbx_initial_refinement_model.source_name      PDB 
_pdbx_initial_refinement_model.accession_code   2CPL 
_pdbx_initial_refinement_model.details          'PDB entry 2CPL' 
# 
_pdbx_struct_assembly_auth_evidence.id                     1 
_pdbx_struct_assembly_auth_evidence.assembly_id            1 
_pdbx_struct_assembly_auth_evidence.experimental_support   'gel filtration' 
_pdbx_struct_assembly_auth_evidence.details                ? 
# 
_space_group.name_H-M_alt     'P 21 21 21' 
_space_group.name_Hall        'P 2ac 2ab' 
_space_group.IT_number        19 
_space_group.crystal_system   orthorhombic 
_space_group.id               1 
# 
